data_7VQV
# 
_entry.id   7VQV 
# 
_audit_conform.dict_name       mmcif_pdbx.dic 
_audit_conform.dict_version    5.398 
_audit_conform.dict_location   http://mmcif.pdb.org/dictionaries/ascii/mmcif_pdbx.dic 
# 
loop_
_database_2.database_id 
_database_2.database_code 
_database_2.pdbx_database_accession 
_database_2.pdbx_DOI 
PDB   7VQV         pdb_00007vqv 10.2210/pdb7vqv/pdb 
WWPDB D_1300025210 ?            ?                   
# 
loop_
_pdbx_audit_revision_history.ordinal 
_pdbx_audit_revision_history.data_content_type 
_pdbx_audit_revision_history.major_revision 
_pdbx_audit_revision_history.minor_revision 
_pdbx_audit_revision_history.revision_date 
1 'Structure model' 1 0 2022-06-08 
2 'Structure model' 1 1 2023-06-28 
3 'Structure model' 1 2 2023-11-29 
4 'Structure model' 1 3 2024-11-20 
# 
_pdbx_audit_revision_details.ordinal             1 
_pdbx_audit_revision_details.revision_ordinal    1 
_pdbx_audit_revision_details.data_content_type   'Structure model' 
_pdbx_audit_revision_details.provider            repository 
_pdbx_audit_revision_details.type                'Initial release' 
_pdbx_audit_revision_details.description         ? 
_pdbx_audit_revision_details.details             ? 
# 
loop_
_pdbx_audit_revision_group.ordinal 
_pdbx_audit_revision_group.revision_ordinal 
_pdbx_audit_revision_group.data_content_type 
_pdbx_audit_revision_group.group 
1 2 'Structure model' 'Database references'    
2 3 'Structure model' 'Data collection'        
3 3 'Structure model' 'Refinement description' 
4 4 'Structure model' 'Database references'    
5 4 'Structure model' 'Structure summary'      
# 
loop_
_pdbx_audit_revision_category.ordinal 
_pdbx_audit_revision_category.revision_ordinal 
_pdbx_audit_revision_category.data_content_type 
_pdbx_audit_revision_category.category 
1 2 'Structure model' citation                      
2 3 'Structure model' chem_comp_atom                
3 3 'Structure model' chem_comp_bond                
4 3 'Structure model' pdbx_initial_refinement_model 
5 4 'Structure model' citation                      
6 4 'Structure model' pdbx_entry_details            
7 4 'Structure model' pdbx_modification_feature     
# 
loop_
_pdbx_audit_revision_item.ordinal 
_pdbx_audit_revision_item.revision_ordinal 
_pdbx_audit_revision_item.data_content_type 
_pdbx_audit_revision_item.item 
1 2 'Structure model' '_citation.journal_abbrev'                     
2 2 'Structure model' '_citation.journal_id_ISSN'                    
3 2 'Structure model' '_citation.pdbx_database_id_DOI'               
4 2 'Structure model' '_citation.title'                              
5 2 'Structure model' '_citation.year'                               
6 4 'Structure model' '_citation.country'                            
7 4 'Structure model' '_pdbx_entry_details.has_protein_modification' 
# 
_pdbx_database_status.status_code                     REL 
_pdbx_database_status.status_code_sf                  REL 
_pdbx_database_status.status_code_mr                  ? 
_pdbx_database_status.entry_id                        7VQV 
_pdbx_database_status.recvd_initial_deposition_date   2021-10-20 
_pdbx_database_status.SG_entry                        N 
_pdbx_database_status.deposit_site                    PDBJ 
_pdbx_database_status.process_site                    PDBJ 
_pdbx_database_status.status_code_cs                  ? 
_pdbx_database_status.status_code_nmr_data            ? 
_pdbx_database_status.methods_development_category    ? 
_pdbx_database_status.pdb_format_compatible           Y 
# 
_pdbx_contact_author.id                 2 
_pdbx_contact_author.email              zl0730@mail.ustc.edu.cn 
_pdbx_contact_author.name_first         Lu 
_pdbx_contact_author.name_last          Zhang 
_pdbx_contact_author.name_mi            ? 
_pdbx_contact_author.role               'principal investigator/group leader' 
_pdbx_contact_author.identifier_ORCID   0000-0003-2224-1123 
# 
_audit_author.name               'Zhang, L.' 
_audit_author.pdbx_ordinal       1 
_audit_author.identifier_ORCID   ? 
# 
_citation.abstract                  ? 
_citation.abstract_id_CAS           ? 
_citation.book_id_ISBN              ? 
_citation.book_publisher            ? 
_citation.book_publisher_city       ? 
_citation.book_title                ? 
_citation.coordinate_linkage        ? 
_citation.country                   US 
_citation.database_id_Medline       ? 
_citation.details                   ? 
_citation.id                        primary 
_citation.journal_abbrev            'Nat Comput Sci' 
_citation.journal_id_ASTM           ? 
_citation.journal_id_CSD            0353 
_citation.journal_id_ISSN           2662-8457 
_citation.journal_full              ? 
_citation.journal_issue             ? 
_citation.journal_volume            ? 
_citation.language                  ? 
_citation.page_first                ? 
_citation.page_last                 ? 
_citation.title                     'Rotamer-free protein sequence design based on deep learning and self-consistency.' 
_citation.year                      2023 
_citation.database_id_CSD           ? 
_citation.pdbx_database_id_DOI      10.1038/s43588-022-00273-6 
_citation.pdbx_database_id_PubMed   ? 
_citation.pdbx_database_id_patent   ? 
_citation.unpublished_flag          ? 
# 
_citation_author.citation_id        primary 
_citation_author.name               'Zhang, L.' 
_citation_author.ordinal            1 
_citation_author.identifier_ORCID   ? 
# 
loop_
_entity.id 
_entity.type 
_entity.src_method 
_entity.pdbx_description 
_entity.formula_weight 
_entity.pdbx_number_of_molecules 
_entity.pdbx_ec 
_entity.pdbx_mutation 
_entity.pdbx_fragment 
_entity.details 
1 polymer     man 'de novo designed protein' 13162.040 1  ? ? ? ? 
2 non-polymer syn GLYCEROL                   92.094    2  ? ? ? ? 
3 water       nat water                      18.015    65 ? ? ? ? 
# 
_entity_poly.entity_id                      1 
_entity_poly.type                           'polypeptide(L)' 
_entity_poly.nstd_linkage                   no 
_entity_poly.nstd_monomer                   no 
_entity_poly.pdbx_seq_one_letter_code       
;VLEEDREPDFIEVNSLEEFDEIMSMDILTVAWFWAEDCGPCKLIEEPLRKMAEEFPNVVFARVDADKNPEIVKKLNIKSL
PTAVIARSGEYLGDVVGARPDLLREKVENILKNLE
;
_entity_poly.pdbx_seq_one_letter_code_can   
;VLEEDREPDFIEVNSLEEFDEIMSMDILTVAWFWAEDCGPCKLIEEPLRKMAEEFPNVVFARVDADKNPEIVKKLNIKSL
PTAVIARSGEYLGDVVGARPDLLREKVENILKNLE
;
_entity_poly.pdbx_strand_id                 A 
_entity_poly.pdbx_target_identifier         ? 
# 
loop_
_pdbx_entity_nonpoly.entity_id 
_pdbx_entity_nonpoly.name 
_pdbx_entity_nonpoly.comp_id 
2 GLYCEROL GOL 
3 water    HOH 
# 
loop_
_entity_poly_seq.entity_id 
_entity_poly_seq.num 
_entity_poly_seq.mon_id 
_entity_poly_seq.hetero 
1 1   VAL n 
1 2   LEU n 
1 3   GLU n 
1 4   GLU n 
1 5   ASP n 
1 6   ARG n 
1 7   GLU n 
1 8   PRO n 
1 9   ASP n 
1 10  PHE n 
1 11  ILE n 
1 12  GLU n 
1 13  VAL n 
1 14  ASN n 
1 15  SER n 
1 16  LEU n 
1 17  GLU n 
1 18  GLU n 
1 19  PHE n 
1 20  ASP n 
1 21  GLU n 
1 22  ILE n 
1 23  MET n 
1 24  SER n 
1 25  MET n 
1 26  ASP n 
1 27  ILE n 
1 28  LEU n 
1 29  THR n 
1 30  VAL n 
1 31  ALA n 
1 32  TRP n 
1 33  PHE n 
1 34  TRP n 
1 35  ALA n 
1 36  GLU n 
1 37  ASP n 
1 38  CYS n 
1 39  GLY n 
1 40  PRO n 
1 41  CYS n 
1 42  LYS n 
1 43  LEU n 
1 44  ILE n 
1 45  GLU n 
1 46  GLU n 
1 47  PRO n 
1 48  LEU n 
1 49  ARG n 
1 50  LYS n 
1 51  MET n 
1 52  ALA n 
1 53  GLU n 
1 54  GLU n 
1 55  PHE n 
1 56  PRO n 
1 57  ASN n 
1 58  VAL n 
1 59  VAL n 
1 60  PHE n 
1 61  ALA n 
1 62  ARG n 
1 63  VAL n 
1 64  ASP n 
1 65  ALA n 
1 66  ASP n 
1 67  LYS n 
1 68  ASN n 
1 69  PRO n 
1 70  GLU n 
1 71  ILE n 
1 72  VAL n 
1 73  LYS n 
1 74  LYS n 
1 75  LEU n 
1 76  ASN n 
1 77  ILE n 
1 78  LYS n 
1 79  SER n 
1 80  LEU n 
1 81  PRO n 
1 82  THR n 
1 83  ALA n 
1 84  VAL n 
1 85  ILE n 
1 86  ALA n 
1 87  ARG n 
1 88  SER n 
1 89  GLY n 
1 90  GLU n 
1 91  TYR n 
1 92  LEU n 
1 93  GLY n 
1 94  ASP n 
1 95  VAL n 
1 96  VAL n 
1 97  GLY n 
1 98  ALA n 
1 99  ARG n 
1 100 PRO n 
1 101 ASP n 
1 102 LEU n 
1 103 LEU n 
1 104 ARG n 
1 105 GLU n 
1 106 LYS n 
1 107 VAL n 
1 108 GLU n 
1 109 ASN n 
1 110 ILE n 
1 111 LEU n 
1 112 LYS n 
1 113 ASN n 
1 114 LEU n 
1 115 GLU n 
# 
_entity_src_gen.entity_id                          1 
_entity_src_gen.pdbx_src_id                        1 
_entity_src_gen.pdbx_alt_source_flag               sample 
_entity_src_gen.pdbx_seq_type                      'Biological sequence' 
_entity_src_gen.pdbx_beg_seq_num                   1 
_entity_src_gen.pdbx_end_seq_num                   115 
_entity_src_gen.gene_src_common_name               ? 
_entity_src_gen.gene_src_genus                     ? 
_entity_src_gen.pdbx_gene_src_gene                 ? 
_entity_src_gen.gene_src_species                   ? 
_entity_src_gen.gene_src_strain                    ? 
_entity_src_gen.gene_src_tissue                    ? 
_entity_src_gen.gene_src_tissue_fraction           ? 
_entity_src_gen.gene_src_details                   ? 
_entity_src_gen.pdbx_gene_src_fragment             ? 
_entity_src_gen.pdbx_gene_src_scientific_name      'synthetic construct' 
_entity_src_gen.pdbx_gene_src_ncbi_taxonomy_id     32630 
_entity_src_gen.pdbx_gene_src_variant              ? 
_entity_src_gen.pdbx_gene_src_cell_line            ? 
_entity_src_gen.pdbx_gene_src_atcc                 ? 
_entity_src_gen.pdbx_gene_src_organ                ? 
_entity_src_gen.pdbx_gene_src_organelle            ? 
_entity_src_gen.pdbx_gene_src_cell                 ? 
_entity_src_gen.pdbx_gene_src_cellular_location    ? 
_entity_src_gen.host_org_common_name               ? 
_entity_src_gen.pdbx_host_org_scientific_name      'Escherichia coli' 
_entity_src_gen.pdbx_host_org_ncbi_taxonomy_id     562 
_entity_src_gen.host_org_genus                     ? 
_entity_src_gen.pdbx_host_org_gene                 ? 
_entity_src_gen.pdbx_host_org_organ                ? 
_entity_src_gen.host_org_species                   ? 
_entity_src_gen.pdbx_host_org_tissue               ? 
_entity_src_gen.pdbx_host_org_tissue_fraction      ? 
_entity_src_gen.pdbx_host_org_strain               ? 
_entity_src_gen.pdbx_host_org_variant              ? 
_entity_src_gen.pdbx_host_org_cell_line            ? 
_entity_src_gen.pdbx_host_org_atcc                 ? 
_entity_src_gen.pdbx_host_org_culture_collection   ? 
_entity_src_gen.pdbx_host_org_cell                 ? 
_entity_src_gen.pdbx_host_org_organelle            ? 
_entity_src_gen.pdbx_host_org_cellular_location    ? 
_entity_src_gen.pdbx_host_org_vector_type          ? 
_entity_src_gen.pdbx_host_org_vector               ? 
_entity_src_gen.host_org_details                   ? 
_entity_src_gen.expression_system_id               ? 
_entity_src_gen.plasmid_name                       ? 
_entity_src_gen.plasmid_details                    ? 
_entity_src_gen.pdbx_description                   ? 
# 
loop_
_chem_comp.id 
_chem_comp.type 
_chem_comp.mon_nstd_flag 
_chem_comp.name 
_chem_comp.pdbx_synonyms 
_chem_comp.formula 
_chem_comp.formula_weight 
ALA 'L-peptide linking' y ALANINE         ?                               'C3 H7 N O2'     89.093  
ARG 'L-peptide linking' y ARGININE        ?                               'C6 H15 N4 O2 1' 175.209 
ASN 'L-peptide linking' y ASPARAGINE      ?                               'C4 H8 N2 O3'    132.118 
ASP 'L-peptide linking' y 'ASPARTIC ACID' ?                               'C4 H7 N O4'     133.103 
CYS 'L-peptide linking' y CYSTEINE        ?                               'C3 H7 N O2 S'   121.158 
GLU 'L-peptide linking' y 'GLUTAMIC ACID' ?                               'C5 H9 N O4'     147.129 
GLY 'peptide linking'   y GLYCINE         ?                               'C2 H5 N O2'     75.067  
GOL non-polymer         . GLYCEROL        'GLYCERIN; PROPANE-1,2,3-TRIOL' 'C3 H8 O3'       92.094  
HOH non-polymer         . WATER           ?                               'H2 O'           18.015  
ILE 'L-peptide linking' y ISOLEUCINE      ?                               'C6 H13 N O2'    131.173 
LEU 'L-peptide linking' y LEUCINE         ?                               'C6 H13 N O2'    131.173 
LYS 'L-peptide linking' y LYSINE          ?                               'C6 H15 N2 O2 1' 147.195 
MET 'L-peptide linking' y METHIONINE      ?                               'C5 H11 N O2 S'  149.211 
PHE 'L-peptide linking' y PHENYLALANINE   ?                               'C9 H11 N O2'    165.189 
PRO 'L-peptide linking' y PROLINE         ?                               'C5 H9 N O2'     115.130 
SER 'L-peptide linking' y SERINE          ?                               'C3 H7 N O3'     105.093 
THR 'L-peptide linking' y THREONINE       ?                               'C4 H9 N O3'     119.119 
TRP 'L-peptide linking' y TRYPTOPHAN      ?                               'C11 H12 N2 O2'  204.225 
TYR 'L-peptide linking' y TYROSINE        ?                               'C9 H11 N O3'    181.189 
VAL 'L-peptide linking' y VALINE          ?                               'C5 H11 N O2'    117.146 
# 
loop_
_pdbx_poly_seq_scheme.asym_id 
_pdbx_poly_seq_scheme.entity_id 
_pdbx_poly_seq_scheme.seq_id 
_pdbx_poly_seq_scheme.mon_id 
_pdbx_poly_seq_scheme.ndb_seq_num 
_pdbx_poly_seq_scheme.pdb_seq_num 
_pdbx_poly_seq_scheme.auth_seq_num 
_pdbx_poly_seq_scheme.pdb_mon_id 
_pdbx_poly_seq_scheme.auth_mon_id 
_pdbx_poly_seq_scheme.pdb_strand_id 
_pdbx_poly_seq_scheme.pdb_ins_code 
_pdbx_poly_seq_scheme.hetero 
A 1 1   VAL 1   1   1   VAL VAL A . n 
A 1 2   LEU 2   2   2   LEU LEU A . n 
A 1 3   GLU 3   3   3   GLU GLU A . n 
A 1 4   GLU 4   4   4   GLU GLU A . n 
A 1 5   ASP 5   5   5   ASP ASP A . n 
A 1 6   ARG 6   6   6   ARG ARG A . n 
A 1 7   GLU 7   7   7   GLU GLU A . n 
A 1 8   PRO 8   8   8   PRO PRO A . n 
A 1 9   ASP 9   9   9   ASP ASP A . n 
A 1 10  PHE 10  10  10  PHE PHE A . n 
A 1 11  ILE 11  11  11  ILE ILE A . n 
A 1 12  GLU 12  12  12  GLU GLU A . n 
A 1 13  VAL 13  13  13  VAL VAL A . n 
A 1 14  ASN 14  14  14  ASN ASN A . n 
A 1 15  SER 15  15  15  SER SER A . n 
A 1 16  LEU 16  16  16  LEU LEU A . n 
A 1 17  GLU 17  17  17  GLU GLU A . n 
A 1 18  GLU 18  18  18  GLU GLU A . n 
A 1 19  PHE 19  19  19  PHE PHE A . n 
A 1 20  ASP 20  20  20  ASP ASP A . n 
A 1 21  GLU 21  21  21  GLU GLU A . n 
A 1 22  ILE 22  22  22  ILE ILE A . n 
A 1 23  MET 23  23  23  MET MET A . n 
A 1 24  SER 24  24  24  SER SER A . n 
A 1 25  MET 25  25  25  MET MET A . n 
A 1 26  ASP 26  26  26  ASP ASP A . n 
A 1 27  ILE 27  27  27  ILE ILE A . n 
A 1 28  LEU 28  28  28  LEU LEU A . n 
A 1 29  THR 29  29  29  THR THR A . n 
A 1 30  VAL 30  30  30  VAL VAL A . n 
A 1 31  ALA 31  31  31  ALA ALA A . n 
A 1 32  TRP 32  32  32  TRP TRP A . n 
A 1 33  PHE 33  33  33  PHE PHE A . n 
A 1 34  TRP 34  34  34  TRP TRP A . n 
A 1 35  ALA 35  35  35  ALA ALA A . n 
A 1 36  GLU 36  36  36  GLU GLU A . n 
A 1 37  ASP 37  37  37  ASP ASP A . n 
A 1 38  CYS 38  38  38  CYS CYS A . n 
A 1 39  GLY 39  39  39  GLY GLY A . n 
A 1 40  PRO 40  40  40  PRO PRO A . n 
A 1 41  CYS 41  41  41  CYS CYS A . n 
A 1 42  LYS 42  42  42  LYS LYS A . n 
A 1 43  LEU 43  43  43  LEU LEU A . n 
A 1 44  ILE 44  44  44  ILE ILE A . n 
A 1 45  GLU 45  45  45  GLU GLU A . n 
A 1 46  GLU 46  46  46  GLU GLU A . n 
A 1 47  PRO 47  47  47  PRO PRO A . n 
A 1 48  LEU 48  48  48  LEU LEU A . n 
A 1 49  ARG 49  49  49  ARG ARG A . n 
A 1 50  LYS 50  50  50  LYS LYS A . n 
A 1 51  MET 51  51  51  MET MET A . n 
A 1 52  ALA 52  52  52  ALA ALA A . n 
A 1 53  GLU 53  53  53  GLU GLU A . n 
A 1 54  GLU 54  54  54  GLU GLU A . n 
A 1 55  PHE 55  55  55  PHE PHE A . n 
A 1 56  PRO 56  56  56  PRO PRO A . n 
A 1 57  ASN 57  57  57  ASN ASN A . n 
A 1 58  VAL 58  58  58  VAL VAL A . n 
A 1 59  VAL 59  59  59  VAL VAL A . n 
A 1 60  PHE 60  60  60  PHE PHE A . n 
A 1 61  ALA 61  61  61  ALA ALA A . n 
A 1 62  ARG 62  62  62  ARG ARG A . n 
A 1 63  VAL 63  63  63  VAL VAL A . n 
A 1 64  ASP 64  64  64  ASP ASP A . n 
A 1 65  ALA 65  65  65  ALA ALA A . n 
A 1 66  ASP 66  66  66  ASP ASP A . n 
A 1 67  LYS 67  67  67  LYS LYS A . n 
A 1 68  ASN 68  68  68  ASN ASN A . n 
A 1 69  PRO 69  69  69  PRO PRO A . n 
A 1 70  GLU 70  70  70  GLU GLU A . n 
A 1 71  ILE 71  71  71  ILE ILE A . n 
A 1 72  VAL 72  72  72  VAL VAL A . n 
A 1 73  LYS 73  73  73  LYS LYS A . n 
A 1 74  LYS 74  74  74  LYS LYS A . n 
A 1 75  LEU 75  75  75  LEU LEU A . n 
A 1 76  ASN 76  76  76  ASN ASN A . n 
A 1 77  ILE 77  77  77  ILE ILE A . n 
A 1 78  LYS 78  78  78  LYS LYS A . n 
A 1 79  SER 79  79  79  SER SER A . n 
A 1 80  LEU 80  80  80  LEU LEU A . n 
A 1 81  PRO 81  81  81  PRO PRO A . n 
A 1 82  THR 82  82  82  THR THR A . n 
A 1 83  ALA 83  83  83  ALA ALA A . n 
A 1 84  VAL 84  84  84  VAL VAL A . n 
A 1 85  ILE 85  85  85  ILE ILE A . n 
A 1 86  ALA 86  86  86  ALA ALA A . n 
A 1 87  ARG 87  87  87  ARG ARG A . n 
A 1 88  SER 88  88  88  SER SER A . n 
A 1 89  GLY 89  89  89  GLY GLY A . n 
A 1 90  GLU 90  90  90  GLU GLU A . n 
A 1 91  TYR 91  91  91  TYR TYR A . n 
A 1 92  LEU 92  92  92  LEU LEU A . n 
A 1 93  GLY 93  93  93  GLY GLY A . n 
A 1 94  ASP 94  94  94  ASP ASP A . n 
A 1 95  VAL 95  95  95  VAL VAL A . n 
A 1 96  VAL 96  96  96  VAL VAL A . n 
A 1 97  GLY 97  97  97  GLY GLY A . n 
A 1 98  ALA 98  98  98  ALA ALA A . n 
A 1 99  ARG 99  99  99  ARG ARG A . n 
A 1 100 PRO 100 100 100 PRO PRO A . n 
A 1 101 ASP 101 101 101 ASP ASP A . n 
A 1 102 LEU 102 102 102 LEU LEU A . n 
A 1 103 LEU 103 103 103 LEU LEU A . n 
A 1 104 ARG 104 104 104 ARG ARG A . n 
A 1 105 GLU 105 105 105 GLU GLU A . n 
A 1 106 LYS 106 106 106 LYS LYS A . n 
A 1 107 VAL 107 107 107 VAL VAL A . n 
A 1 108 GLU 108 108 108 GLU GLU A . n 
A 1 109 ASN 109 109 109 ASN ASN A . n 
A 1 110 ILE 110 110 110 ILE ILE A . n 
A 1 111 LEU 111 111 111 LEU LEU A . n 
A 1 112 LYS 112 112 112 LYS LYS A . n 
A 1 113 ASN 113 113 113 ASN ASN A . n 
A 1 114 LEU 114 114 114 LEU LEU A . n 
A 1 115 GLU 115 115 115 GLU GLU A . n 
# 
loop_
_pdbx_nonpoly_scheme.asym_id 
_pdbx_nonpoly_scheme.entity_id 
_pdbx_nonpoly_scheme.mon_id 
_pdbx_nonpoly_scheme.ndb_seq_num 
_pdbx_nonpoly_scheme.pdb_seq_num 
_pdbx_nonpoly_scheme.auth_seq_num 
_pdbx_nonpoly_scheme.pdb_mon_id 
_pdbx_nonpoly_scheme.auth_mon_id 
_pdbx_nonpoly_scheme.pdb_strand_id 
_pdbx_nonpoly_scheme.pdb_ins_code 
B 2 GOL 1  201 201 GOL GOL A . 
C 2 GOL 1  202 202 GOL GOL A . 
D 3 HOH 1  301 42  HOH HOH A . 
D 3 HOH 2  302 51  HOH HOH A . 
D 3 HOH 3  303 24  HOH HOH A . 
D 3 HOH 4  304 19  HOH HOH A . 
D 3 HOH 5  305 56  HOH HOH A . 
D 3 HOH 6  306 22  HOH HOH A . 
D 3 HOH 7  307 16  HOH HOH A . 
D 3 HOH 8  308 15  HOH HOH A . 
D 3 HOH 9  309 18  HOH HOH A . 
D 3 HOH 10 310 72  HOH HOH A . 
D 3 HOH 11 311 69  HOH HOH A . 
D 3 HOH 12 312 57  HOH HOH A . 
D 3 HOH 13 313 49  HOH HOH A . 
D 3 HOH 14 314 21  HOH HOH A . 
D 3 HOH 15 315 6   HOH HOH A . 
D 3 HOH 16 316 5   HOH HOH A . 
D 3 HOH 17 317 63  HOH HOH A . 
D 3 HOH 18 318 46  HOH HOH A . 
D 3 HOH 19 319 14  HOH HOH A . 
D 3 HOH 20 320 41  HOH HOH A . 
D 3 HOH 21 321 62  HOH HOH A . 
D 3 HOH 22 322 13  HOH HOH A . 
D 3 HOH 23 323 17  HOH HOH A . 
D 3 HOH 24 324 2   HOH HOH A . 
D 3 HOH 25 325 61  HOH HOH A . 
D 3 HOH 26 326 40  HOH HOH A . 
D 3 HOH 27 327 11  HOH HOH A . 
D 3 HOH 28 328 20  HOH HOH A . 
D 3 HOH 29 329 29  HOH HOH A . 
D 3 HOH 30 330 55  HOH HOH A . 
D 3 HOH 31 331 26  HOH HOH A . 
D 3 HOH 32 332 35  HOH HOH A . 
D 3 HOH 33 333 4   HOH HOH A . 
D 3 HOH 34 334 31  HOH HOH A . 
D 3 HOH 35 335 1   HOH HOH A . 
D 3 HOH 36 336 12  HOH HOH A . 
D 3 HOH 37 337 27  HOH HOH A . 
D 3 HOH 38 338 43  HOH HOH A . 
D 3 HOH 39 339 67  HOH HOH A . 
D 3 HOH 40 340 39  HOH HOH A . 
D 3 HOH 41 341 36  HOH HOH A . 
D 3 HOH 42 342 30  HOH HOH A . 
D 3 HOH 43 343 52  HOH HOH A . 
D 3 HOH 44 344 54  HOH HOH A . 
D 3 HOH 45 345 9   HOH HOH A . 
D 3 HOH 46 346 60  HOH HOH A . 
D 3 HOH 47 347 58  HOH HOH A . 
D 3 HOH 48 348 3   HOH HOH A . 
D 3 HOH 49 349 44  HOH HOH A . 
D 3 HOH 50 350 23  HOH HOH A . 
D 3 HOH 51 351 32  HOH HOH A . 
D 3 HOH 52 352 10  HOH HOH A . 
D 3 HOH 53 353 59  HOH HOH A . 
D 3 HOH 54 354 34  HOH HOH A . 
D 3 HOH 55 355 70  HOH HOH A . 
D 3 HOH 56 356 68  HOH HOH A . 
D 3 HOH 57 357 53  HOH HOH A . 
D 3 HOH 58 358 28  HOH HOH A . 
D 3 HOH 59 359 71  HOH HOH A . 
D 3 HOH 60 360 38  HOH HOH A . 
D 3 HOH 61 361 25  HOH HOH A . 
D 3 HOH 62 362 50  HOH HOH A . 
D 3 HOH 63 363 33  HOH HOH A . 
D 3 HOH 64 364 45  HOH HOH A . 
D 3 HOH 65 365 47  HOH HOH A . 
# 
loop_
_software.citation_id 
_software.classification 
_software.compiler_name 
_software.compiler_version 
_software.contact_author 
_software.contact_author_email 
_software.date 
_software.description 
_software.dependencies 
_software.hardware 
_software.language 
_software.location 
_software.mods 
_software.name 
_software.os 
_software.os_version 
_software.type 
_software.version 
_software.pdbx_ordinal 
? 'data scaling'    ? ? ? ? ? ? ? ? ? ? ? HKL-2000    ? ? ? .        1 
? refinement        ? ? ? ? ? ? ? ? ? ? ? REFMAC      ? ? ? 5.8.0267 2 
? 'data extraction' ? ? ? ? ? ? ? ? ? ? ? PDB_EXTRACT ? ? ? 3.27     3 
? 'data reduction'  ? ? ? ? ? ? ? ? ? ? ? HKL-2000    ? ? ? .        4 
? phasing           ? ? ? ? ? ? ? ? ? ? ? MOLREP      ? ? ? .        5 
# 
_cell.angle_alpha                  90.000 
_cell.angle_alpha_esd              ? 
_cell.angle_beta                   90.000 
_cell.angle_beta_esd               ? 
_cell.angle_gamma                  90.000 
_cell.angle_gamma_esd              ? 
_cell.entry_id                     7VQV 
_cell.details                      ? 
_cell.formula_units_Z              ? 
_cell.length_a                     41.516 
_cell.length_a_esd                 ? 
_cell.length_b                     50.458 
_cell.length_b_esd                 ? 
_cell.length_c                     64.699 
_cell.length_c_esd                 ? 
_cell.volume                       ? 
_cell.volume_esd                   ? 
_cell.Z_PDB                        4 
_cell.reciprocal_angle_alpha       ? 
_cell.reciprocal_angle_beta        ? 
_cell.reciprocal_angle_gamma       ? 
_cell.reciprocal_angle_alpha_esd   ? 
_cell.reciprocal_angle_beta_esd    ? 
_cell.reciprocal_angle_gamma_esd   ? 
_cell.reciprocal_length_a          ? 
_cell.reciprocal_length_b          ? 
_cell.reciprocal_length_c          ? 
_cell.reciprocal_length_a_esd      ? 
_cell.reciprocal_length_b_esd      ? 
_cell.reciprocal_length_c_esd      ? 
_cell.pdbx_unique_axis             ? 
# 
_symmetry.entry_id                         7VQV 
_symmetry.cell_setting                     ? 
_symmetry.Int_Tables_number                19 
_symmetry.space_group_name_Hall            ? 
_symmetry.space_group_name_H-M             'P 21 21 21' 
_symmetry.pdbx_full_space_group_name_H-M   ? 
# 
_exptl.absorpt_coefficient_mu     ? 
_exptl.absorpt_correction_T_max   ? 
_exptl.absorpt_correction_T_min   ? 
_exptl.absorpt_correction_type    ? 
_exptl.absorpt_process_details    ? 
_exptl.entry_id                   7VQV 
_exptl.crystals_number            1 
_exptl.details                    ? 
_exptl.method                     'X-RAY DIFFRACTION' 
_exptl.method_details             ? 
# 
_exptl_crystal.colour                      ? 
_exptl_crystal.density_diffrn              ? 
_exptl_crystal.density_Matthews            2.57 
_exptl_crystal.density_method              ? 
_exptl_crystal.density_percent_sol         52.22 
_exptl_crystal.description                 ? 
_exptl_crystal.F_000                       ? 
_exptl_crystal.id                          1 
_exptl_crystal.preparation                 ? 
_exptl_crystal.size_max                    ? 
_exptl_crystal.size_mid                    ? 
_exptl_crystal.size_min                    ? 
_exptl_crystal.size_rad                    ? 
_exptl_crystal.colour_lustre               ? 
_exptl_crystal.colour_modifier             ? 
_exptl_crystal.colour_primary              ? 
_exptl_crystal.density_meas                ? 
_exptl_crystal.density_meas_esd            ? 
_exptl_crystal.density_meas_gt             ? 
_exptl_crystal.density_meas_lt             ? 
_exptl_crystal.density_meas_temp           ? 
_exptl_crystal.density_meas_temp_esd       ? 
_exptl_crystal.density_meas_temp_gt        ? 
_exptl_crystal.density_meas_temp_lt        ? 
_exptl_crystal.pdbx_crystal_image_url      ? 
_exptl_crystal.pdbx_crystal_image_format   ? 
_exptl_crystal.pdbx_mosaicity              ? 
_exptl_crystal.pdbx_mosaicity_esd          ? 
# 
_exptl_crystal_grow.apparatus       ? 
_exptl_crystal_grow.atmosphere      ? 
_exptl_crystal_grow.crystal_id      1 
_exptl_crystal_grow.details         ? 
_exptl_crystal_grow.method          'VAPOR DIFFUSION, HANGING DROP' 
_exptl_crystal_grow.method_ref      ? 
_exptl_crystal_grow.pH              ? 
_exptl_crystal_grow.pressure        ? 
_exptl_crystal_grow.pressure_esd    ? 
_exptl_crystal_grow.seeding         ? 
_exptl_crystal_grow.seeding_ref     ? 
_exptl_crystal_grow.temp            298 
_exptl_crystal_grow.temp_details    ? 
_exptl_crystal_grow.temp_esd        ? 
_exptl_crystal_grow.time            ? 
_exptl_crystal_grow.pdbx_details    '1,4-Dioxane, bicine, PEG 20000' 
_exptl_crystal_grow.pdbx_pH_range   ? 
# 
_diffrn.ambient_environment              ? 
_diffrn.ambient_temp                     100 
_diffrn.ambient_temp_details             ? 
_diffrn.ambient_temp_esd                 ? 
_diffrn.crystal_id                       1 
_diffrn.crystal_support                  ? 
_diffrn.crystal_treatment                ? 
_diffrn.details                          ? 
_diffrn.id                               1 
_diffrn.ambient_pressure                 ? 
_diffrn.ambient_pressure_esd             ? 
_diffrn.ambient_pressure_gt              ? 
_diffrn.ambient_pressure_lt              ? 
_diffrn.ambient_temp_gt                  ? 
_diffrn.ambient_temp_lt                  ? 
_diffrn.pdbx_serial_crystal_experiment   N 
# 
_diffrn_detector.details                      ? 
_diffrn_detector.detector                     PIXEL 
_diffrn_detector.diffrn_id                    1 
_diffrn_detector.type                         'DECTRIS PILATUS 6M' 
_diffrn_detector.area_resol_mean              ? 
_diffrn_detector.dtime                        ? 
_diffrn_detector.pdbx_frames_total            ? 
_diffrn_detector.pdbx_collection_time_total   ? 
_diffrn_detector.pdbx_collection_date         2021-09-19 
_diffrn_detector.pdbx_frequency               ? 
# 
_diffrn_radiation.collimation                      ? 
_diffrn_radiation.diffrn_id                        1 
_diffrn_radiation.filter_edge                      ? 
_diffrn_radiation.inhomogeneity                    ? 
_diffrn_radiation.monochromator                    ? 
_diffrn_radiation.polarisn_norm                    ? 
_diffrn_radiation.polarisn_ratio                   ? 
_diffrn_radiation.probe                            ? 
_diffrn_radiation.type                             ? 
_diffrn_radiation.xray_symbol                      ? 
_diffrn_radiation.wavelength_id                    1 
_diffrn_radiation.pdbx_monochromatic_or_laue_m_l   M 
_diffrn_radiation.pdbx_wavelength_list             ? 
_diffrn_radiation.pdbx_wavelength                  ? 
_diffrn_radiation.pdbx_diffrn_protocol             'SINGLE WAVELENGTH' 
_diffrn_radiation.pdbx_analyzer                    ? 
_diffrn_radiation.pdbx_scattering_type             x-ray 
# 
_diffrn_radiation_wavelength.id           1 
_diffrn_radiation_wavelength.wavelength   0.9875 
_diffrn_radiation_wavelength.wt           1.0 
# 
_diffrn_source.current                     ? 
_diffrn_source.details                     ? 
_diffrn_source.diffrn_id                   1 
_diffrn_source.power                       ? 
_diffrn_source.size                        ? 
_diffrn_source.source                      SYNCHROTRON 
_diffrn_source.target                      ? 
_diffrn_source.type                        'SSRF BEAMLINE BL19U1' 
_diffrn_source.voltage                     ? 
_diffrn_source.take-off_angle              ? 
_diffrn_source.pdbx_wavelength_list        0.9875 
_diffrn_source.pdbx_wavelength             ? 
_diffrn_source.pdbx_synchrotron_beamline   BL19U1 
_diffrn_source.pdbx_synchrotron_site       SSRF 
# 
_reflns.B_iso_Wilson_estimate                          ? 
_reflns.entry_id                                       7VQV 
_reflns.data_reduction_details                         ? 
_reflns.data_reduction_method                          ? 
_reflns.d_resolution_high                              1.53 
_reflns.d_resolution_low                               50.0 
_reflns.details                                        ? 
_reflns.limit_h_max                                    ? 
_reflns.limit_h_min                                    ? 
_reflns.limit_k_max                                    ? 
_reflns.limit_k_min                                    ? 
_reflns.limit_l_max                                    ? 
_reflns.limit_l_min                                    ? 
_reflns.number_all                                     ? 
_reflns.number_obs                                     20876 
_reflns.observed_criterion                             ? 
_reflns.observed_criterion_F_max                       ? 
_reflns.observed_criterion_F_min                       ? 
_reflns.observed_criterion_I_max                       ? 
_reflns.observed_criterion_I_min                       ? 
_reflns.observed_criterion_sigma_F                     ? 
_reflns.observed_criterion_sigma_I                     ? 
_reflns.percent_possible_obs                           99.9 
_reflns.R_free_details                                 ? 
_reflns.Rmerge_F_all                                   ? 
_reflns.Rmerge_F_obs                                   ? 
_reflns.Friedel_coverage                               ? 
_reflns.number_gt                                      ? 
_reflns.threshold_expression                           ? 
_reflns.pdbx_redundancy                                12.2 
_reflns.pdbx_Rmerge_I_obs                              ? 
_reflns.pdbx_Rmerge_I_all                              ? 
_reflns.pdbx_Rsym_value                                ? 
_reflns.pdbx_netI_over_av_sigmaI                       ? 
_reflns.pdbx_netI_over_sigmaI                          38.271 
_reflns.pdbx_res_netI_over_av_sigmaI_2                 ? 
_reflns.pdbx_res_netI_over_sigmaI_2                    ? 
_reflns.pdbx_chi_squared                               ? 
_reflns.pdbx_scaling_rejects                           ? 
_reflns.pdbx_d_res_high_opt                            ? 
_reflns.pdbx_d_res_low_opt                             ? 
_reflns.pdbx_d_res_opt_method                          ? 
_reflns.phase_calculation_details                      ? 
_reflns.pdbx_Rrim_I_all                                ? 
_reflns.pdbx_Rpim_I_all                                ? 
_reflns.pdbx_d_opt                                     ? 
_reflns.pdbx_number_measured_all                       ? 
_reflns.pdbx_diffrn_id                                 1 
_reflns.pdbx_ordinal                                   1 
_reflns.pdbx_CC_half                                   0.996 
_reflns.pdbx_CC_star                                   ? 
_reflns.pdbx_R_split                                   ? 
_reflns.pdbx_aniso_diffraction_limit_axis_1_ortho[1]   ? 
_reflns.pdbx_aniso_diffraction_limit_axis_1_ortho[2]   ? 
_reflns.pdbx_aniso_diffraction_limit_axis_1_ortho[3]   ? 
_reflns.pdbx_aniso_diffraction_limit_axis_2_ortho[1]   ? 
_reflns.pdbx_aniso_diffraction_limit_axis_2_ortho[2]   ? 
_reflns.pdbx_aniso_diffraction_limit_axis_2_ortho[3]   ? 
_reflns.pdbx_aniso_diffraction_limit_axis_3_ortho[1]   ? 
_reflns.pdbx_aniso_diffraction_limit_axis_3_ortho[2]   ? 
_reflns.pdbx_aniso_diffraction_limit_axis_3_ortho[3]   ? 
_reflns.pdbx_aniso_diffraction_limit_1                 ? 
_reflns.pdbx_aniso_diffraction_limit_2                 ? 
_reflns.pdbx_aniso_diffraction_limit_3                 ? 
_reflns.pdbx_aniso_B_tensor_eigenvector_1_ortho[1]     ? 
_reflns.pdbx_aniso_B_tensor_eigenvector_1_ortho[2]     ? 
_reflns.pdbx_aniso_B_tensor_eigenvector_1_ortho[3]     ? 
_reflns.pdbx_aniso_B_tensor_eigenvector_2_ortho[1]     ? 
_reflns.pdbx_aniso_B_tensor_eigenvector_2_ortho[2]     ? 
_reflns.pdbx_aniso_B_tensor_eigenvector_2_ortho[3]     ? 
_reflns.pdbx_aniso_B_tensor_eigenvector_3_ortho[1]     ? 
_reflns.pdbx_aniso_B_tensor_eigenvector_3_ortho[2]     ? 
_reflns.pdbx_aniso_B_tensor_eigenvector_3_ortho[3]     ? 
_reflns.pdbx_aniso_B_tensor_eigenvalue_1               ? 
_reflns.pdbx_aniso_B_tensor_eigenvalue_2               ? 
_reflns.pdbx_aniso_B_tensor_eigenvalue_3               ? 
_reflns.pdbx_orthogonalization_convention              ? 
_reflns.pdbx_percent_possible_ellipsoidal              ? 
_reflns.pdbx_percent_possible_spherical                ? 
_reflns.pdbx_percent_possible_ellipsoidal_anomalous    ? 
_reflns.pdbx_percent_possible_spherical_anomalous      ? 
_reflns.pdbx_redundancy_anomalous                      ? 
_reflns.pdbx_CC_half_anomalous                         ? 
_reflns.pdbx_absDiff_over_sigma_anomalous              ? 
_reflns.pdbx_percent_possible_anomalous                ? 
_reflns.pdbx_observed_signal_threshold                 ? 
_reflns.pdbx_signal_type                               ? 
_reflns.pdbx_signal_details                            ? 
_reflns.pdbx_signal_software_id                        ? 
# 
_reflns_shell.d_res_high                                    1.53 
_reflns_shell.d_res_low                                     1.56 
_reflns_shell.meanI_over_sigI_all                           ? 
_reflns_shell.meanI_over_sigI_obs                           ? 
_reflns_shell.number_measured_all                           ? 
_reflns_shell.number_measured_obs                           ? 
_reflns_shell.number_possible                               ? 
_reflns_shell.number_unique_all                             ? 
_reflns_shell.number_unique_obs                             982 
_reflns_shell.percent_possible_all                          ? 
_reflns_shell.percent_possible_obs                          ? 
_reflns_shell.Rmerge_F_all                                  ? 
_reflns_shell.Rmerge_F_obs                                  ? 
_reflns_shell.Rmerge_I_all                                  ? 
_reflns_shell.Rmerge_I_obs                                  ? 
_reflns_shell.meanI_over_sigI_gt                            ? 
_reflns_shell.meanI_over_uI_all                             ? 
_reflns_shell.meanI_over_uI_gt                              ? 
_reflns_shell.number_measured_gt                            ? 
_reflns_shell.number_unique_gt                              ? 
_reflns_shell.percent_possible_gt                           ? 
_reflns_shell.Rmerge_F_gt                                   ? 
_reflns_shell.Rmerge_I_gt                                   ? 
_reflns_shell.pdbx_redundancy                               ? 
_reflns_shell.pdbx_Rsym_value                               ? 
_reflns_shell.pdbx_chi_squared                              ? 
_reflns_shell.pdbx_netI_over_sigmaI_all                     ? 
_reflns_shell.pdbx_netI_over_sigmaI_obs                     ? 
_reflns_shell.pdbx_Rrim_I_all                               ? 
_reflns_shell.pdbx_Rpim_I_all                               ? 
_reflns_shell.pdbx_rejects                                  ? 
_reflns_shell.pdbx_ordinal                                  1 
_reflns_shell.pdbx_diffrn_id                                1 
_reflns_shell.pdbx_CC_half                                  0.899 
_reflns_shell.pdbx_CC_star                                  ? 
_reflns_shell.pdbx_R_split                                  ? 
_reflns_shell.pdbx_percent_possible_ellipsoidal             ? 
_reflns_shell.pdbx_percent_possible_spherical               ? 
_reflns_shell.pdbx_percent_possible_ellipsoidal_anomalous   ? 
_reflns_shell.pdbx_percent_possible_spherical_anomalous     ? 
_reflns_shell.pdbx_redundancy_anomalous                     ? 
_reflns_shell.pdbx_CC_half_anomalous                        ? 
_reflns_shell.pdbx_absDiff_over_sigma_anomalous             ? 
_reflns_shell.pdbx_percent_possible_anomalous               ? 
# 
_refine.aniso_B[1][1]                            -0.2400 
_refine.aniso_B[1][2]                            -0.0000 
_refine.aniso_B[1][3]                            -0.0000 
_refine.aniso_B[2][2]                            -1.0400 
_refine.aniso_B[2][3]                            0.0000 
_refine.aniso_B[3][3]                            1.2800 
_refine.B_iso_max                                99.270 
_refine.B_iso_mean                               29.0060 
_refine.B_iso_min                                15.680 
_refine.correlation_coeff_Fo_to_Fc               0.9660 
_refine.correlation_coeff_Fo_to_Fc_free          0.9520 
_refine.details                                  
'HYDROGENS HAVE BEEN ADDED IN THE RIDING POSITIONS U VALUES      : REFINED INDIVIDUALLY' 
_refine.diff_density_max                         ? 
_refine.diff_density_max_esd                     ? 
_refine.diff_density_min                         ? 
_refine.diff_density_min_esd                     ? 
_refine.diff_density_rms                         ? 
_refine.diff_density_rms_esd                     ? 
_refine.entry_id                                 7VQV 
_refine.pdbx_refine_id                           'X-RAY DIFFRACTION' 
_refine.ls_abs_structure_details                 ? 
_refine.ls_abs_structure_Flack                   ? 
_refine.ls_abs_structure_Flack_esd               ? 
_refine.ls_abs_structure_Rogers                  ? 
_refine.ls_abs_structure_Rogers_esd              ? 
_refine.ls_d_res_high                            1.5300 
_refine.ls_d_res_low                             32.3700 
_refine.ls_extinction_coef                       ? 
_refine.ls_extinction_coef_esd                   ? 
_refine.ls_extinction_expression                 ? 
_refine.ls_extinction_method                     ? 
_refine.ls_goodness_of_fit_all                   ? 
_refine.ls_goodness_of_fit_all_esd               ? 
_refine.ls_goodness_of_fit_obs                   ? 
_refine.ls_goodness_of_fit_obs_esd               ? 
_refine.ls_hydrogen_treatment                    ? 
_refine.ls_matrix_type                           ? 
_refine.ls_number_constraints                    ? 
_refine.ls_number_parameters                     ? 
_refine.ls_number_reflns_all                     ? 
_refine.ls_number_reflns_obs                     19823 
_refine.ls_number_reflns_R_free                  1002 
_refine.ls_number_reflns_R_work                  ? 
_refine.ls_number_restraints                     ? 
_refine.ls_percent_reflns_obs                    99.4700 
_refine.ls_percent_reflns_R_free                 4.8000 
_refine.ls_R_factor_all                          ? 
_refine.ls_R_factor_obs                          0.1887 
_refine.ls_R_factor_R_free                       0.2250 
_refine.ls_R_factor_R_free_error                 ? 
_refine.ls_R_factor_R_free_error_details         ? 
_refine.ls_R_factor_R_work                       0.1869 
_refine.ls_R_Fsqd_factor_obs                     ? 
_refine.ls_R_I_factor_obs                        ? 
_refine.ls_redundancy_reflns_all                 ? 
_refine.ls_redundancy_reflns_obs                 ? 
_refine.ls_restrained_S_all                      ? 
_refine.ls_restrained_S_obs                      ? 
_refine.ls_shift_over_esd_max                    ? 
_refine.ls_shift_over_esd_mean                   ? 
_refine.ls_structure_factor_coef                 ? 
_refine.ls_weighting_details                     ? 
_refine.ls_weighting_scheme                      ? 
_refine.ls_wR_factor_all                         ? 
_refine.ls_wR_factor_obs                         ? 
_refine.ls_wR_factor_R_free                      ? 
_refine.ls_wR_factor_R_work                      ? 
_refine.occupancy_max                            ? 
_refine.occupancy_min                            ? 
_refine.solvent_model_details                    MASK 
_refine.solvent_model_param_bsol                 ? 
_refine.solvent_model_param_ksol                 ? 
_refine.pdbx_R_complete                          ? 
_refine.ls_R_factor_gt                           ? 
_refine.ls_goodness_of_fit_gt                    ? 
_refine.ls_goodness_of_fit_ref                   ? 
_refine.ls_shift_over_su_max                     ? 
_refine.ls_shift_over_su_max_lt                  ? 
_refine.ls_shift_over_su_mean                    ? 
_refine.ls_shift_over_su_mean_lt                 ? 
_refine.pdbx_ls_sigma_I                          ? 
_refine.pdbx_ls_sigma_F                          0.000 
_refine.pdbx_ls_sigma_Fsqd                       ? 
_refine.pdbx_data_cutoff_high_absF               ? 
_refine.pdbx_data_cutoff_high_rms_absF           ? 
_refine.pdbx_data_cutoff_low_absF                ? 
_refine.pdbx_isotropic_thermal_model             ? 
_refine.pdbx_ls_cross_valid_method               THROUGHOUT 
_refine.pdbx_method_to_determine_struct          'MOLECULAR REPLACEMENT' 
_refine.pdbx_starting_model                      1r26 
_refine.pdbx_stereochemistry_target_values       'MAXIMUM LIKELIHOOD' 
_refine.pdbx_R_Free_selection_details            RANDOM 
_refine.pdbx_stereochem_target_val_spec_case     ? 
_refine.pdbx_overall_ESU_R                       0.0740 
_refine.pdbx_overall_ESU_R_Free                  0.0790 
_refine.pdbx_solvent_vdw_probe_radii             1.2000 
_refine.pdbx_solvent_ion_probe_radii             0.8000 
_refine.pdbx_solvent_shrinkage_radii             0.8000 
_refine.pdbx_real_space_R                        ? 
_refine.pdbx_density_correlation                 ? 
_refine.pdbx_pd_number_of_powder_patterns        ? 
_refine.pdbx_pd_number_of_points                 ? 
_refine.pdbx_pd_meas_number_of_points            ? 
_refine.pdbx_pd_proc_ls_prof_R_factor            ? 
_refine.pdbx_pd_proc_ls_prof_wR_factor           ? 
_refine.pdbx_pd_Marquardt_correlation_coeff      ? 
_refine.pdbx_pd_Fsqrd_R_factor                   ? 
_refine.pdbx_pd_ls_matrix_band_width             ? 
_refine.pdbx_overall_phase_error                 ? 
_refine.pdbx_overall_SU_R_free_Cruickshank_DPI   ? 
_refine.pdbx_overall_SU_R_free_Blow_DPI          ? 
_refine.pdbx_overall_SU_R_Blow_DPI               ? 
_refine.pdbx_TLS_residual_ADP_flag               ? 
_refine.pdbx_diffrn_id                           1 
_refine.overall_SU_B                             1.3440 
_refine.overall_SU_ML                            0.0500 
_refine.overall_SU_R_Cruickshank_DPI             ? 
_refine.overall_SU_R_free                        ? 
_refine.overall_FOM_free_R_set                   ? 
_refine.overall_FOM_work_R_set                   ? 
_refine.pdbx_average_fsc_overall                 ? 
_refine.pdbx_average_fsc_work                    ? 
_refine.pdbx_average_fsc_free                    ? 
# 
_refine_hist.pdbx_refine_id                   'X-RAY DIFFRACTION' 
_refine_hist.cycle_id                         final 
_refine_hist.details                          ? 
_refine_hist.d_res_high                       1.5300 
_refine_hist.d_res_low                        32.3700 
_refine_hist.number_atoms_solvent             65 
_refine_hist.number_atoms_total               999 
_refine_hist.number_reflns_all                ? 
_refine_hist.number_reflns_obs                ? 
_refine_hist.number_reflns_R_free             ? 
_refine_hist.number_reflns_R_work             ? 
_refine_hist.R_factor_all                     ? 
_refine_hist.R_factor_obs                     ? 
_refine_hist.R_factor_R_free                  ? 
_refine_hist.R_factor_R_work                  ? 
_refine_hist.pdbx_number_residues_total       115 
_refine_hist.pdbx_B_iso_mean_ligand           48.59 
_refine_hist.pdbx_B_iso_mean_solvent          38.93 
_refine_hist.pdbx_number_atoms_protein        922 
_refine_hist.pdbx_number_atoms_nucleic_acid   0 
_refine_hist.pdbx_number_atoms_ligand         12 
_refine_hist.pdbx_number_atoms_lipid          ? 
_refine_hist.pdbx_number_atoms_carb           ? 
_refine_hist.pdbx_pseudo_atom_details         ? 
# 
loop_
_refine_ls_restr.pdbx_refine_id 
_refine_ls_restr.criterion 
_refine_ls_restr.dev_ideal 
_refine_ls_restr.dev_ideal_target 
_refine_ls_restr.number 
_refine_ls_restr.rejects 
_refine_ls_restr.type 
_refine_ls_restr.weight 
_refine_ls_restr.pdbx_restraint_function 
'X-RAY DIFFRACTION' ? 0.017  0.013  953  ? r_bond_refined_d       ? ? 
'X-RAY DIFFRACTION' ? 0.001  0.017  929  ? r_bond_other_d         ? ? 
'X-RAY DIFFRACTION' ? 1.854  1.639  1289 ? r_angle_refined_deg    ? ? 
'X-RAY DIFFRACTION' ? 1.437  1.583  2155 ? r_angle_other_deg      ? ? 
'X-RAY DIFFRACTION' ? 6.512  5.000  116  ? r_dihedral_angle_1_deg ? ? 
'X-RAY DIFFRACTION' ? 28.267 23.846 52   ? r_dihedral_angle_2_deg ? ? 
'X-RAY DIFFRACTION' ? 15.721 15.000 176  ? r_dihedral_angle_3_deg ? ? 
'X-RAY DIFFRACTION' ? 18.779 15.000 6    ? r_dihedral_angle_4_deg ? ? 
'X-RAY DIFFRACTION' ? 0.103  0.200  122  ? r_chiral_restr         ? ? 
'X-RAY DIFFRACTION' ? 0.012  0.020  1045 ? r_gen_planes_refined   ? ? 
'X-RAY DIFFRACTION' ? 0.001  0.020  191  ? r_gen_planes_other     ? ? 
# 
_refine_ls_shell.pdbx_refine_id                   'X-RAY DIFFRACTION' 
_refine_ls_shell.d_res_high                       1.5350 
_refine_ls_shell.d_res_low                        1.5750 
_refine_ls_shell.number_reflns_all                1393 
_refine_ls_shell.number_reflns_obs                ? 
_refine_ls_shell.number_reflns_R_free             66 
_refine_ls_shell.number_reflns_R_work             1327 
_refine_ls_shell.percent_reflns_obs               92.9300 
_refine_ls_shell.percent_reflns_R_free            ? 
_refine_ls_shell.R_factor_all                     ? 
_refine_ls_shell.R_factor_obs                     ? 
_refine_ls_shell.R_factor_R_free                  0.2370 
_refine_ls_shell.R_factor_R_free_error            0.0000 
_refine_ls_shell.R_factor_R_work                  0.2440 
_refine_ls_shell.redundancy_reflns_all            ? 
_refine_ls_shell.redundancy_reflns_obs            ? 
_refine_ls_shell.wR_factor_all                    ? 
_refine_ls_shell.wR_factor_obs                    ? 
_refine_ls_shell.wR_factor_R_free                 ? 
_refine_ls_shell.wR_factor_R_work                 ? 
_refine_ls_shell.pdbx_R_complete                  ? 
_refine_ls_shell.pdbx_total_number_of_bins_used   20 
_refine_ls_shell.pdbx_phase_error                 ? 
_refine_ls_shell.pdbx_fsc_work                    ? 
_refine_ls_shell.pdbx_fsc_free                    ? 
# 
_struct.entry_id                     7VQV 
_struct.title                        'de novo design based on 1r26' 
_struct.pdbx_model_details           ? 
_struct.pdbx_formula_weight          ? 
_struct.pdbx_formula_weight_method   ? 
_struct.pdbx_model_type_details      ? 
_struct.pdbx_CASP_flag               N 
# 
_struct_keywords.entry_id        7VQV 
_struct_keywords.text            'de novo protein' 
_struct_keywords.pdbx_keywords   'DE NOVO PROTEIN' 
# 
loop_
_struct_asym.id 
_struct_asym.pdbx_blank_PDB_chainid_flag 
_struct_asym.pdbx_modified 
_struct_asym.entity_id 
_struct_asym.details 
A N N 1 ? 
B N N 2 ? 
C N N 2 ? 
D N N 3 ? 
# 
_struct_ref.id                         1 
_struct_ref.db_name                    PDB 
_struct_ref.db_code                    7VQV 
_struct_ref.pdbx_db_accession          7VQV 
_struct_ref.pdbx_db_isoform            ? 
_struct_ref.entity_id                  1 
_struct_ref.pdbx_seq_one_letter_code   ? 
_struct_ref.pdbx_align_begin           1 
# 
_struct_ref_seq.align_id                      1 
_struct_ref_seq.ref_id                        1 
_struct_ref_seq.pdbx_PDB_id_code              7VQV 
_struct_ref_seq.pdbx_strand_id                A 
_struct_ref_seq.seq_align_beg                 1 
_struct_ref_seq.pdbx_seq_align_beg_ins_code   ? 
_struct_ref_seq.seq_align_end                 115 
_struct_ref_seq.pdbx_seq_align_end_ins_code   ? 
_struct_ref_seq.pdbx_db_accession             7VQV 
_struct_ref_seq.db_align_beg                  1 
_struct_ref_seq.pdbx_db_align_beg_ins_code    ? 
_struct_ref_seq.db_align_end                  115 
_struct_ref_seq.pdbx_db_align_end_ins_code    ? 
_struct_ref_seq.pdbx_auth_seq_align_beg       1 
_struct_ref_seq.pdbx_auth_seq_align_end       115 
# 
_pdbx_struct_assembly.id                   1 
_pdbx_struct_assembly.details              author_and_software_defined_assembly 
_pdbx_struct_assembly.method_details       PISA 
_pdbx_struct_assembly.oligomeric_details   monomeric 
_pdbx_struct_assembly.oligomeric_count     1 
# 
loop_
_pdbx_struct_assembly_prop.biol_id 
_pdbx_struct_assembly_prop.type 
_pdbx_struct_assembly_prop.value 
_pdbx_struct_assembly_prop.details 
1 'ABSA (A^2)' 260  ? 
1 MORE         -0   ? 
1 'SSA (A^2)'  6960 ? 
# 
_pdbx_struct_assembly_gen.assembly_id       1 
_pdbx_struct_assembly_gen.oper_expression   1 
_pdbx_struct_assembly_gen.asym_id_list      A,B,C,D 
# 
_pdbx_struct_assembly_auth_evidence.id                     1 
_pdbx_struct_assembly_auth_evidence.assembly_id            1 
_pdbx_struct_assembly_auth_evidence.experimental_support   none 
_pdbx_struct_assembly_auth_evidence.details                ? 
# 
_pdbx_struct_oper_list.id                   1 
_pdbx_struct_oper_list.type                 'identity operation' 
_pdbx_struct_oper_list.name                 1_555 
_pdbx_struct_oper_list.symmetry_operation   x,y,z 
_pdbx_struct_oper_list.matrix[1][1]         1.0000000000 
_pdbx_struct_oper_list.matrix[1][2]         0.0000000000 
_pdbx_struct_oper_list.matrix[1][3]         0.0000000000 
_pdbx_struct_oper_list.vector[1]            0.0000000000 
_pdbx_struct_oper_list.matrix[2][1]         0.0000000000 
_pdbx_struct_oper_list.matrix[2][2]         1.0000000000 
_pdbx_struct_oper_list.matrix[2][3]         0.0000000000 
_pdbx_struct_oper_list.vector[2]            0.0000000000 
_pdbx_struct_oper_list.matrix[3][1]         0.0000000000 
_pdbx_struct_oper_list.matrix[3][2]         0.0000000000 
_pdbx_struct_oper_list.matrix[3][3]         1.0000000000 
_pdbx_struct_oper_list.vector[3]            0.0000000000 
# 
loop_
_struct_conf.conf_type_id 
_struct_conf.id 
_struct_conf.pdbx_PDB_helix_id 
_struct_conf.beg_label_comp_id 
_struct_conf.beg_label_asym_id 
_struct_conf.beg_label_seq_id 
_struct_conf.pdbx_beg_PDB_ins_code 
_struct_conf.end_label_comp_id 
_struct_conf.end_label_asym_id 
_struct_conf.end_label_seq_id 
_struct_conf.pdbx_end_PDB_ins_code 
_struct_conf.beg_auth_comp_id 
_struct_conf.beg_auth_asym_id 
_struct_conf.beg_auth_seq_id 
_struct_conf.end_auth_comp_id 
_struct_conf.end_auth_asym_id 
_struct_conf.end_auth_seq_id 
_struct_conf.pdbx_PDB_helix_class 
_struct_conf.details 
_struct_conf.pdbx_PDB_helix_length 
HELX_P HELX_P1 AA1 SER A 15 ? MET A 25  ? SER A 15 MET A 25  1 ? 11 
HELX_P HELX_P2 AA2 CYS A 38 ? ILE A 44  ? CYS A 38 ILE A 44  1 ? 7  
HELX_P HELX_P3 AA3 ILE A 44 ? PHE A 55  ? ILE A 44 PHE A 55  1 ? 12 
HELX_P HELX_P4 AA4 ASN A 68 ? ASN A 76  ? ASN A 68 ASN A 76  1 ? 9  
HELX_P HELX_P5 AA5 ARG A 99 ? LEU A 114 ? ARG A 99 LEU A 114 1 ? 16 
# 
_struct_conf_type.id          HELX_P 
_struct_conf_type.criteria    ? 
_struct_conf_type.reference   ? 
# 
_struct_conn.id                            disulf1 
_struct_conn.conn_type_id                  disulf 
_struct_conn.pdbx_leaving_atom_flag        ? 
_struct_conn.pdbx_PDB_id                   ? 
_struct_conn.ptnr1_label_asym_id           A 
_struct_conn.ptnr1_label_comp_id           CYS 
_struct_conn.ptnr1_label_seq_id            38 
_struct_conn.ptnr1_label_atom_id           SG 
_struct_conn.pdbx_ptnr1_label_alt_id       ? 
_struct_conn.pdbx_ptnr1_PDB_ins_code       ? 
_struct_conn.pdbx_ptnr1_standard_comp_id   ? 
_struct_conn.ptnr1_symmetry                1_555 
_struct_conn.ptnr2_label_asym_id           A 
_struct_conn.ptnr2_label_comp_id           CYS 
_struct_conn.ptnr2_label_seq_id            41 
_struct_conn.ptnr2_label_atom_id           SG 
_struct_conn.pdbx_ptnr2_label_alt_id       ? 
_struct_conn.pdbx_ptnr2_PDB_ins_code       ? 
_struct_conn.ptnr1_auth_asym_id            A 
_struct_conn.ptnr1_auth_comp_id            CYS 
_struct_conn.ptnr1_auth_seq_id             38 
_struct_conn.ptnr2_auth_asym_id            A 
_struct_conn.ptnr2_auth_comp_id            CYS 
_struct_conn.ptnr2_auth_seq_id             41 
_struct_conn.ptnr2_symmetry                1_555 
_struct_conn.pdbx_ptnr3_label_atom_id      ? 
_struct_conn.pdbx_ptnr3_label_seq_id       ? 
_struct_conn.pdbx_ptnr3_label_comp_id      ? 
_struct_conn.pdbx_ptnr3_label_asym_id      ? 
_struct_conn.pdbx_ptnr3_label_alt_id       ? 
_struct_conn.pdbx_ptnr3_PDB_ins_code       ? 
_struct_conn.details                       ? 
_struct_conn.pdbx_dist_value               2.390 
_struct_conn.pdbx_value_order              ? 
_struct_conn.pdbx_role                     ? 
# 
_struct_conn_type.id          disulf 
_struct_conn_type.criteria    ? 
_struct_conn_type.reference   ? 
# 
_pdbx_modification_feature.ordinal                            1 
_pdbx_modification_feature.label_comp_id                      CYS 
_pdbx_modification_feature.label_asym_id                      A 
_pdbx_modification_feature.label_seq_id                       38 
_pdbx_modification_feature.label_alt_id                       ? 
_pdbx_modification_feature.modified_residue_label_comp_id     CYS 
_pdbx_modification_feature.modified_residue_label_asym_id     A 
_pdbx_modification_feature.modified_residue_label_seq_id      41 
_pdbx_modification_feature.modified_residue_label_alt_id      ? 
_pdbx_modification_feature.auth_comp_id                       CYS 
_pdbx_modification_feature.auth_asym_id                       A 
_pdbx_modification_feature.auth_seq_id                        38 
_pdbx_modification_feature.PDB_ins_code                       ? 
_pdbx_modification_feature.symmetry                           1_555 
_pdbx_modification_feature.modified_residue_auth_comp_id      CYS 
_pdbx_modification_feature.modified_residue_auth_asym_id      A 
_pdbx_modification_feature.modified_residue_auth_seq_id       41 
_pdbx_modification_feature.modified_residue_PDB_ins_code      ? 
_pdbx_modification_feature.modified_residue_symmetry          1_555 
_pdbx_modification_feature.comp_id_linking_atom               SG 
_pdbx_modification_feature.modified_residue_id_linking_atom   SG 
_pdbx_modification_feature.modified_residue_id                . 
_pdbx_modification_feature.ref_pcm_id                         . 
_pdbx_modification_feature.ref_comp_id                        . 
_pdbx_modification_feature.type                               None 
_pdbx_modification_feature.category                           'Disulfide bridge' 
# 
_struct_mon_prot_cis.pdbx_id                1 
_struct_mon_prot_cis.label_comp_id          LEU 
_struct_mon_prot_cis.label_seq_id           80 
_struct_mon_prot_cis.label_asym_id          A 
_struct_mon_prot_cis.label_alt_id           . 
_struct_mon_prot_cis.pdbx_PDB_ins_code      ? 
_struct_mon_prot_cis.auth_comp_id           LEU 
_struct_mon_prot_cis.auth_seq_id            80 
_struct_mon_prot_cis.auth_asym_id           A 
_struct_mon_prot_cis.pdbx_label_comp_id_2   PRO 
_struct_mon_prot_cis.pdbx_label_seq_id_2    81 
_struct_mon_prot_cis.pdbx_label_asym_id_2   A 
_struct_mon_prot_cis.pdbx_PDB_ins_code_2    ? 
_struct_mon_prot_cis.pdbx_auth_comp_id_2    PRO 
_struct_mon_prot_cis.pdbx_auth_seq_id_2     81 
_struct_mon_prot_cis.pdbx_auth_asym_id_2    A 
_struct_mon_prot_cis.pdbx_PDB_model_num     1 
_struct_mon_prot_cis.pdbx_omega_angle       -8.54 
# 
_struct_sheet.id               AA1 
_struct_sheet.type             ? 
_struct_sheet.number_strands   5 
_struct_sheet.details          ? 
# 
loop_
_struct_sheet_order.sheet_id 
_struct_sheet_order.range_id_1 
_struct_sheet_order.range_id_2 
_struct_sheet_order.offset 
_struct_sheet_order.sense 
AA1 1 2 ? parallel      
AA1 2 3 ? parallel      
AA1 3 4 ? anti-parallel 
AA1 4 5 ? anti-parallel 
# 
loop_
_struct_sheet_range.sheet_id 
_struct_sheet_range.id 
_struct_sheet_range.beg_label_comp_id 
_struct_sheet_range.beg_label_asym_id 
_struct_sheet_range.beg_label_seq_id 
_struct_sheet_range.pdbx_beg_PDB_ins_code 
_struct_sheet_range.end_label_comp_id 
_struct_sheet_range.end_label_asym_id 
_struct_sheet_range.end_label_seq_id 
_struct_sheet_range.pdbx_end_PDB_ins_code 
_struct_sheet_range.beg_auth_comp_id 
_struct_sheet_range.beg_auth_asym_id 
_struct_sheet_range.beg_auth_seq_id 
_struct_sheet_range.end_auth_comp_id 
_struct_sheet_range.end_auth_asym_id 
_struct_sheet_range.end_auth_seq_id 
AA1 1 ILE A 11 ? GLU A 12 ? ILE A 11 GLU A 12 
AA1 2 VAL A 59 ? ASP A 64 ? VAL A 59 ASP A 64 
AA1 3 THR A 29 ? TRP A 34 ? THR A 29 TRP A 34 
AA1 4 THR A 82 ? ARG A 87 ? THR A 82 ARG A 87 
AA1 5 GLU A 90 ? VAL A 96 ? GLU A 90 VAL A 96 
# 
loop_
_pdbx_struct_sheet_hbond.sheet_id 
_pdbx_struct_sheet_hbond.range_id_1 
_pdbx_struct_sheet_hbond.range_id_2 
_pdbx_struct_sheet_hbond.range_1_label_atom_id 
_pdbx_struct_sheet_hbond.range_1_label_comp_id 
_pdbx_struct_sheet_hbond.range_1_label_asym_id 
_pdbx_struct_sheet_hbond.range_1_label_seq_id 
_pdbx_struct_sheet_hbond.range_1_PDB_ins_code 
_pdbx_struct_sheet_hbond.range_1_auth_atom_id 
_pdbx_struct_sheet_hbond.range_1_auth_comp_id 
_pdbx_struct_sheet_hbond.range_1_auth_asym_id 
_pdbx_struct_sheet_hbond.range_1_auth_seq_id 
_pdbx_struct_sheet_hbond.range_2_label_atom_id 
_pdbx_struct_sheet_hbond.range_2_label_comp_id 
_pdbx_struct_sheet_hbond.range_2_label_asym_id 
_pdbx_struct_sheet_hbond.range_2_label_seq_id 
_pdbx_struct_sheet_hbond.range_2_PDB_ins_code 
_pdbx_struct_sheet_hbond.range_2_auth_atom_id 
_pdbx_struct_sheet_hbond.range_2_auth_comp_id 
_pdbx_struct_sheet_hbond.range_2_auth_asym_id 
_pdbx_struct_sheet_hbond.range_2_auth_seq_id 
AA1 1 2 N ILE A 11 ? N ILE A 11 O ARG A 62 ? O ARG A 62 
AA1 2 3 O VAL A 59 ? O VAL A 59 N VAL A 30 ? N VAL A 30 
AA1 3 4 N ALA A 31 ? N ALA A 31 O VAL A 84 ? O VAL A 84 
AA1 4 5 N ILE A 85 ? N ILE A 85 O LEU A 92 ? O LEU A 92 
# 
_pdbx_entry_details.entry_id                   7VQV 
_pdbx_entry_details.has_ligand_of_interest     N 
_pdbx_entry_details.compound_details           ? 
_pdbx_entry_details.source_details             ? 
_pdbx_entry_details.nonpolymer_details         ? 
_pdbx_entry_details.sequence_details           ? 
_pdbx_entry_details.has_protein_modification   Y 
# 
_pdbx_validate_close_contact.id               1 
_pdbx_validate_close_contact.PDB_model_num    1 
_pdbx_validate_close_contact.auth_atom_id_1   OE1 
_pdbx_validate_close_contact.auth_asym_id_1   A 
_pdbx_validate_close_contact.auth_comp_id_1   GLU 
_pdbx_validate_close_contact.auth_seq_id_1    46 
_pdbx_validate_close_contact.PDB_ins_code_1   ? 
_pdbx_validate_close_contact.label_alt_id_1   ? 
_pdbx_validate_close_contact.auth_atom_id_2   NH1 
_pdbx_validate_close_contact.auth_asym_id_2   A 
_pdbx_validate_close_contact.auth_comp_id_2   ARG 
_pdbx_validate_close_contact.auth_seq_id_2    49 
_pdbx_validate_close_contact.PDB_ins_code_2   ? 
_pdbx_validate_close_contact.label_alt_id_2   ? 
_pdbx_validate_close_contact.dist             2.18 
# 
loop_
_chem_comp_atom.comp_id 
_chem_comp_atom.atom_id 
_chem_comp_atom.type_symbol 
_chem_comp_atom.pdbx_aromatic_flag 
_chem_comp_atom.pdbx_stereo_config 
_chem_comp_atom.pdbx_ordinal 
ALA N    N N N 1   
ALA CA   C N S 2   
ALA C    C N N 3   
ALA O    O N N 4   
ALA CB   C N N 5   
ALA OXT  O N N 6   
ALA H    H N N 7   
ALA H2   H N N 8   
ALA HA   H N N 9   
ALA HB1  H N N 10  
ALA HB2  H N N 11  
ALA HB3  H N N 12  
ALA HXT  H N N 13  
ARG N    N N N 14  
ARG CA   C N S 15  
ARG C    C N N 16  
ARG O    O N N 17  
ARG CB   C N N 18  
ARG CG   C N N 19  
ARG CD   C N N 20  
ARG NE   N N N 21  
ARG CZ   C N N 22  
ARG NH1  N N N 23  
ARG NH2  N N N 24  
ARG OXT  O N N 25  
ARG H    H N N 26  
ARG H2   H N N 27  
ARG HA   H N N 28  
ARG HB2  H N N 29  
ARG HB3  H N N 30  
ARG HG2  H N N 31  
ARG HG3  H N N 32  
ARG HD2  H N N 33  
ARG HD3  H N N 34  
ARG HE   H N N 35  
ARG HH11 H N N 36  
ARG HH12 H N N 37  
ARG HH21 H N N 38  
ARG HH22 H N N 39  
ARG HXT  H N N 40  
ASN N    N N N 41  
ASN CA   C N S 42  
ASN C    C N N 43  
ASN O    O N N 44  
ASN CB   C N N 45  
ASN CG   C N N 46  
ASN OD1  O N N 47  
ASN ND2  N N N 48  
ASN OXT  O N N 49  
ASN H    H N N 50  
ASN H2   H N N 51  
ASN HA   H N N 52  
ASN HB2  H N N 53  
ASN HB3  H N N 54  
ASN HD21 H N N 55  
ASN HD22 H N N 56  
ASN HXT  H N N 57  
ASP N    N N N 58  
ASP CA   C N S 59  
ASP C    C N N 60  
ASP O    O N N 61  
ASP CB   C N N 62  
ASP CG   C N N 63  
ASP OD1  O N N 64  
ASP OD2  O N N 65  
ASP OXT  O N N 66  
ASP H    H N N 67  
ASP H2   H N N 68  
ASP HA   H N N 69  
ASP HB2  H N N 70  
ASP HB3  H N N 71  
ASP HD2  H N N 72  
ASP HXT  H N N 73  
CYS N    N N N 74  
CYS CA   C N R 75  
CYS C    C N N 76  
CYS O    O N N 77  
CYS CB   C N N 78  
CYS SG   S N N 79  
CYS OXT  O N N 80  
CYS H    H N N 81  
CYS H2   H N N 82  
CYS HA   H N N 83  
CYS HB2  H N N 84  
CYS HB3  H N N 85  
CYS HG   H N N 86  
CYS HXT  H N N 87  
GLU N    N N N 88  
GLU CA   C N S 89  
GLU C    C N N 90  
GLU O    O N N 91  
GLU CB   C N N 92  
GLU CG   C N N 93  
GLU CD   C N N 94  
GLU OE1  O N N 95  
GLU OE2  O N N 96  
GLU OXT  O N N 97  
GLU H    H N N 98  
GLU H2   H N N 99  
GLU HA   H N N 100 
GLU HB2  H N N 101 
GLU HB3  H N N 102 
GLU HG2  H N N 103 
GLU HG3  H N N 104 
GLU HE2  H N N 105 
GLU HXT  H N N 106 
GLY N    N N N 107 
GLY CA   C N N 108 
GLY C    C N N 109 
GLY O    O N N 110 
GLY OXT  O N N 111 
GLY H    H N N 112 
GLY H2   H N N 113 
GLY HA2  H N N 114 
GLY HA3  H N N 115 
GLY HXT  H N N 116 
GOL C1   C N N 117 
GOL O1   O N N 118 
GOL C2   C N N 119 
GOL O2   O N N 120 
GOL C3   C N N 121 
GOL O3   O N N 122 
GOL H11  H N N 123 
GOL H12  H N N 124 
GOL HO1  H N N 125 
GOL H2   H N N 126 
GOL HO2  H N N 127 
GOL H31  H N N 128 
GOL H32  H N N 129 
GOL HO3  H N N 130 
HOH O    O N N 131 
HOH H1   H N N 132 
HOH H2   H N N 133 
ILE N    N N N 134 
ILE CA   C N S 135 
ILE C    C N N 136 
ILE O    O N N 137 
ILE CB   C N S 138 
ILE CG1  C N N 139 
ILE CG2  C N N 140 
ILE CD1  C N N 141 
ILE OXT  O N N 142 
ILE H    H N N 143 
ILE H2   H N N 144 
ILE HA   H N N 145 
ILE HB   H N N 146 
ILE HG12 H N N 147 
ILE HG13 H N N 148 
ILE HG21 H N N 149 
ILE HG22 H N N 150 
ILE HG23 H N N 151 
ILE HD11 H N N 152 
ILE HD12 H N N 153 
ILE HD13 H N N 154 
ILE HXT  H N N 155 
LEU N    N N N 156 
LEU CA   C N S 157 
LEU C    C N N 158 
LEU O    O N N 159 
LEU CB   C N N 160 
LEU CG   C N N 161 
LEU CD1  C N N 162 
LEU CD2  C N N 163 
LEU OXT  O N N 164 
LEU H    H N N 165 
LEU H2   H N N 166 
LEU HA   H N N 167 
LEU HB2  H N N 168 
LEU HB3  H N N 169 
LEU HG   H N N 170 
LEU HD11 H N N 171 
LEU HD12 H N N 172 
LEU HD13 H N N 173 
LEU HD21 H N N 174 
LEU HD22 H N N 175 
LEU HD23 H N N 176 
LEU HXT  H N N 177 
LYS N    N N N 178 
LYS CA   C N S 179 
LYS C    C N N 180 
LYS O    O N N 181 
LYS CB   C N N 182 
LYS CG   C N N 183 
LYS CD   C N N 184 
LYS CE   C N N 185 
LYS NZ   N N N 186 
LYS OXT  O N N 187 
LYS H    H N N 188 
LYS H2   H N N 189 
LYS HA   H N N 190 
LYS HB2  H N N 191 
LYS HB3  H N N 192 
LYS HG2  H N N 193 
LYS HG3  H N N 194 
LYS HD2  H N N 195 
LYS HD3  H N N 196 
LYS HE2  H N N 197 
LYS HE3  H N N 198 
LYS HZ1  H N N 199 
LYS HZ2  H N N 200 
LYS HZ3  H N N 201 
LYS HXT  H N N 202 
MET N    N N N 203 
MET CA   C N S 204 
MET C    C N N 205 
MET O    O N N 206 
MET CB   C N N 207 
MET CG   C N N 208 
MET SD   S N N 209 
MET CE   C N N 210 
MET OXT  O N N 211 
MET H    H N N 212 
MET H2   H N N 213 
MET HA   H N N 214 
MET HB2  H N N 215 
MET HB3  H N N 216 
MET HG2  H N N 217 
MET HG3  H N N 218 
MET HE1  H N N 219 
MET HE2  H N N 220 
MET HE3  H N N 221 
MET HXT  H N N 222 
PHE N    N N N 223 
PHE CA   C N S 224 
PHE C    C N N 225 
PHE O    O N N 226 
PHE CB   C N N 227 
PHE CG   C Y N 228 
PHE CD1  C Y N 229 
PHE CD2  C Y N 230 
PHE CE1  C Y N 231 
PHE CE2  C Y N 232 
PHE CZ   C Y N 233 
PHE OXT  O N N 234 
PHE H    H N N 235 
PHE H2   H N N 236 
PHE HA   H N N 237 
PHE HB2  H N N 238 
PHE HB3  H N N 239 
PHE HD1  H N N 240 
PHE HD2  H N N 241 
PHE HE1  H N N 242 
PHE HE2  H N N 243 
PHE HZ   H N N 244 
PHE HXT  H N N 245 
PRO N    N N N 246 
PRO CA   C N S 247 
PRO C    C N N 248 
PRO O    O N N 249 
PRO CB   C N N 250 
PRO CG   C N N 251 
PRO CD   C N N 252 
PRO OXT  O N N 253 
PRO H    H N N 254 
PRO HA   H N N 255 
PRO HB2  H N N 256 
PRO HB3  H N N 257 
PRO HG2  H N N 258 
PRO HG3  H N N 259 
PRO HD2  H N N 260 
PRO HD3  H N N 261 
PRO HXT  H N N 262 
SER N    N N N 263 
SER CA   C N S 264 
SER C    C N N 265 
SER O    O N N 266 
SER CB   C N N 267 
SER OG   O N N 268 
SER OXT  O N N 269 
SER H    H N N 270 
SER H2   H N N 271 
SER HA   H N N 272 
SER HB2  H N N 273 
SER HB3  H N N 274 
SER HG   H N N 275 
SER HXT  H N N 276 
THR N    N N N 277 
THR CA   C N S 278 
THR C    C N N 279 
THR O    O N N 280 
THR CB   C N R 281 
THR OG1  O N N 282 
THR CG2  C N N 283 
THR OXT  O N N 284 
THR H    H N N 285 
THR H2   H N N 286 
THR HA   H N N 287 
THR HB   H N N 288 
THR HG1  H N N 289 
THR HG21 H N N 290 
THR HG22 H N N 291 
THR HG23 H N N 292 
THR HXT  H N N 293 
TRP N    N N N 294 
TRP CA   C N S 295 
TRP C    C N N 296 
TRP O    O N N 297 
TRP CB   C N N 298 
TRP CG   C Y N 299 
TRP CD1  C Y N 300 
TRP CD2  C Y N 301 
TRP NE1  N Y N 302 
TRP CE2  C Y N 303 
TRP CE3  C Y N 304 
TRP CZ2  C Y N 305 
TRP CZ3  C Y N 306 
TRP CH2  C Y N 307 
TRP OXT  O N N 308 
TRP H    H N N 309 
TRP H2   H N N 310 
TRP HA   H N N 311 
TRP HB2  H N N 312 
TRP HB3  H N N 313 
TRP HD1  H N N 314 
TRP HE1  H N N 315 
TRP HE3  H N N 316 
TRP HZ2  H N N 317 
TRP HZ3  H N N 318 
TRP HH2  H N N 319 
TRP HXT  H N N 320 
TYR N    N N N 321 
TYR CA   C N S 322 
TYR C    C N N 323 
TYR O    O N N 324 
TYR CB   C N N 325 
TYR CG   C Y N 326 
TYR CD1  C Y N 327 
TYR CD2  C Y N 328 
TYR CE1  C Y N 329 
TYR CE2  C Y N 330 
TYR CZ   C Y N 331 
TYR OH   O N N 332 
TYR OXT  O N N 333 
TYR H    H N N 334 
TYR H2   H N N 335 
TYR HA   H N N 336 
TYR HB2  H N N 337 
TYR HB3  H N N 338 
TYR HD1  H N N 339 
TYR HD2  H N N 340 
TYR HE1  H N N 341 
TYR HE2  H N N 342 
TYR HH   H N N 343 
TYR HXT  H N N 344 
VAL N    N N N 345 
VAL CA   C N S 346 
VAL C    C N N 347 
VAL O    O N N 348 
VAL CB   C N N 349 
VAL CG1  C N N 350 
VAL CG2  C N N 351 
VAL OXT  O N N 352 
VAL H    H N N 353 
VAL H2   H N N 354 
VAL HA   H N N 355 
VAL HB   H N N 356 
VAL HG11 H N N 357 
VAL HG12 H N N 358 
VAL HG13 H N N 359 
VAL HG21 H N N 360 
VAL HG22 H N N 361 
VAL HG23 H N N 362 
VAL HXT  H N N 363 
# 
loop_
_chem_comp_bond.comp_id 
_chem_comp_bond.atom_id_1 
_chem_comp_bond.atom_id_2 
_chem_comp_bond.value_order 
_chem_comp_bond.pdbx_aromatic_flag 
_chem_comp_bond.pdbx_stereo_config 
_chem_comp_bond.pdbx_ordinal 
ALA N   CA   sing N N 1   
ALA N   H    sing N N 2   
ALA N   H2   sing N N 3   
ALA CA  C    sing N N 4   
ALA CA  CB   sing N N 5   
ALA CA  HA   sing N N 6   
ALA C   O    doub N N 7   
ALA C   OXT  sing N N 8   
ALA CB  HB1  sing N N 9   
ALA CB  HB2  sing N N 10  
ALA CB  HB3  sing N N 11  
ALA OXT HXT  sing N N 12  
ARG N   CA   sing N N 13  
ARG N   H    sing N N 14  
ARG N   H2   sing N N 15  
ARG CA  C    sing N N 16  
ARG CA  CB   sing N N 17  
ARG CA  HA   sing N N 18  
ARG C   O    doub N N 19  
ARG C   OXT  sing N N 20  
ARG CB  CG   sing N N 21  
ARG CB  HB2  sing N N 22  
ARG CB  HB3  sing N N 23  
ARG CG  CD   sing N N 24  
ARG CG  HG2  sing N N 25  
ARG CG  HG3  sing N N 26  
ARG CD  NE   sing N N 27  
ARG CD  HD2  sing N N 28  
ARG CD  HD3  sing N N 29  
ARG NE  CZ   sing N N 30  
ARG NE  HE   sing N N 31  
ARG CZ  NH1  sing N N 32  
ARG CZ  NH2  doub N N 33  
ARG NH1 HH11 sing N N 34  
ARG NH1 HH12 sing N N 35  
ARG NH2 HH21 sing N N 36  
ARG NH2 HH22 sing N N 37  
ARG OXT HXT  sing N N 38  
ASN N   CA   sing N N 39  
ASN N   H    sing N N 40  
ASN N   H2   sing N N 41  
ASN CA  C    sing N N 42  
ASN CA  CB   sing N N 43  
ASN CA  HA   sing N N 44  
ASN C   O    doub N N 45  
ASN C   OXT  sing N N 46  
ASN CB  CG   sing N N 47  
ASN CB  HB2  sing N N 48  
ASN CB  HB3  sing N N 49  
ASN CG  OD1  doub N N 50  
ASN CG  ND2  sing N N 51  
ASN ND2 HD21 sing N N 52  
ASN ND2 HD22 sing N N 53  
ASN OXT HXT  sing N N 54  
ASP N   CA   sing N N 55  
ASP N   H    sing N N 56  
ASP N   H2   sing N N 57  
ASP CA  C    sing N N 58  
ASP CA  CB   sing N N 59  
ASP CA  HA   sing N N 60  
ASP C   O    doub N N 61  
ASP C   OXT  sing N N 62  
ASP CB  CG   sing N N 63  
ASP CB  HB2  sing N N 64  
ASP CB  HB3  sing N N 65  
ASP CG  OD1  doub N N 66  
ASP CG  OD2  sing N N 67  
ASP OD2 HD2  sing N N 68  
ASP OXT HXT  sing N N 69  
CYS N   CA   sing N N 70  
CYS N   H    sing N N 71  
CYS N   H2   sing N N 72  
CYS CA  C    sing N N 73  
CYS CA  CB   sing N N 74  
CYS CA  HA   sing N N 75  
CYS C   O    doub N N 76  
CYS C   OXT  sing N N 77  
CYS CB  SG   sing N N 78  
CYS CB  HB2  sing N N 79  
CYS CB  HB3  sing N N 80  
CYS SG  HG   sing N N 81  
CYS OXT HXT  sing N N 82  
GLU N   CA   sing N N 83  
GLU N   H    sing N N 84  
GLU N   H2   sing N N 85  
GLU CA  C    sing N N 86  
GLU CA  CB   sing N N 87  
GLU CA  HA   sing N N 88  
GLU C   O    doub N N 89  
GLU C   OXT  sing N N 90  
GLU CB  CG   sing N N 91  
GLU CB  HB2  sing N N 92  
GLU CB  HB3  sing N N 93  
GLU CG  CD   sing N N 94  
GLU CG  HG2  sing N N 95  
GLU CG  HG3  sing N N 96  
GLU CD  OE1  doub N N 97  
GLU CD  OE2  sing N N 98  
GLU OE2 HE2  sing N N 99  
GLU OXT HXT  sing N N 100 
GLY N   CA   sing N N 101 
GLY N   H    sing N N 102 
GLY N   H2   sing N N 103 
GLY CA  C    sing N N 104 
GLY CA  HA2  sing N N 105 
GLY CA  HA3  sing N N 106 
GLY C   O    doub N N 107 
GLY C   OXT  sing N N 108 
GLY OXT HXT  sing N N 109 
GOL C1  O1   sing N N 110 
GOL C1  C2   sing N N 111 
GOL C1  H11  sing N N 112 
GOL C1  H12  sing N N 113 
GOL O1  HO1  sing N N 114 
GOL C2  O2   sing N N 115 
GOL C2  C3   sing N N 116 
GOL C2  H2   sing N N 117 
GOL O2  HO2  sing N N 118 
GOL C3  O3   sing N N 119 
GOL C3  H31  sing N N 120 
GOL C3  H32  sing N N 121 
GOL O3  HO3  sing N N 122 
HOH O   H1   sing N N 123 
HOH O   H2   sing N N 124 
ILE N   CA   sing N N 125 
ILE N   H    sing N N 126 
ILE N   H2   sing N N 127 
ILE CA  C    sing N N 128 
ILE CA  CB   sing N N 129 
ILE CA  HA   sing N N 130 
ILE C   O    doub N N 131 
ILE C   OXT  sing N N 132 
ILE CB  CG1  sing N N 133 
ILE CB  CG2  sing N N 134 
ILE CB  HB   sing N N 135 
ILE CG1 CD1  sing N N 136 
ILE CG1 HG12 sing N N 137 
ILE CG1 HG13 sing N N 138 
ILE CG2 HG21 sing N N 139 
ILE CG2 HG22 sing N N 140 
ILE CG2 HG23 sing N N 141 
ILE CD1 HD11 sing N N 142 
ILE CD1 HD12 sing N N 143 
ILE CD1 HD13 sing N N 144 
ILE OXT HXT  sing N N 145 
LEU N   CA   sing N N 146 
LEU N   H    sing N N 147 
LEU N   H2   sing N N 148 
LEU CA  C    sing N N 149 
LEU CA  CB   sing N N 150 
LEU CA  HA   sing N N 151 
LEU C   O    doub N N 152 
LEU C   OXT  sing N N 153 
LEU CB  CG   sing N N 154 
LEU CB  HB2  sing N N 155 
LEU CB  HB3  sing N N 156 
LEU CG  CD1  sing N N 157 
LEU CG  CD2  sing N N 158 
LEU CG  HG   sing N N 159 
LEU CD1 HD11 sing N N 160 
LEU CD1 HD12 sing N N 161 
LEU CD1 HD13 sing N N 162 
LEU CD2 HD21 sing N N 163 
LEU CD2 HD22 sing N N 164 
LEU CD2 HD23 sing N N 165 
LEU OXT HXT  sing N N 166 
LYS N   CA   sing N N 167 
LYS N   H    sing N N 168 
LYS N   H2   sing N N 169 
LYS CA  C    sing N N 170 
LYS CA  CB   sing N N 171 
LYS CA  HA   sing N N 172 
LYS C   O    doub N N 173 
LYS C   OXT  sing N N 174 
LYS CB  CG   sing N N 175 
LYS CB  HB2  sing N N 176 
LYS CB  HB3  sing N N 177 
LYS CG  CD   sing N N 178 
LYS CG  HG2  sing N N 179 
LYS CG  HG3  sing N N 180 
LYS CD  CE   sing N N 181 
LYS CD  HD2  sing N N 182 
LYS CD  HD3  sing N N 183 
LYS CE  NZ   sing N N 184 
LYS CE  HE2  sing N N 185 
LYS CE  HE3  sing N N 186 
LYS NZ  HZ1  sing N N 187 
LYS NZ  HZ2  sing N N 188 
LYS NZ  HZ3  sing N N 189 
LYS OXT HXT  sing N N 190 
MET N   CA   sing N N 191 
MET N   H    sing N N 192 
MET N   H2   sing N N 193 
MET CA  C    sing N N 194 
MET CA  CB   sing N N 195 
MET CA  HA   sing N N 196 
MET C   O    doub N N 197 
MET C   OXT  sing N N 198 
MET CB  CG   sing N N 199 
MET CB  HB2  sing N N 200 
MET CB  HB3  sing N N 201 
MET CG  SD   sing N N 202 
MET CG  HG2  sing N N 203 
MET CG  HG3  sing N N 204 
MET SD  CE   sing N N 205 
MET CE  HE1  sing N N 206 
MET CE  HE2  sing N N 207 
MET CE  HE3  sing N N 208 
MET OXT HXT  sing N N 209 
PHE N   CA   sing N N 210 
PHE N   H    sing N N 211 
PHE N   H2   sing N N 212 
PHE CA  C    sing N N 213 
PHE CA  CB   sing N N 214 
PHE CA  HA   sing N N 215 
PHE C   O    doub N N 216 
PHE C   OXT  sing N N 217 
PHE CB  CG   sing N N 218 
PHE CB  HB2  sing N N 219 
PHE CB  HB3  sing N N 220 
PHE CG  CD1  doub Y N 221 
PHE CG  CD2  sing Y N 222 
PHE CD1 CE1  sing Y N 223 
PHE CD1 HD1  sing N N 224 
PHE CD2 CE2  doub Y N 225 
PHE CD2 HD2  sing N N 226 
PHE CE1 CZ   doub Y N 227 
PHE CE1 HE1  sing N N 228 
PHE CE2 CZ   sing Y N 229 
PHE CE2 HE2  sing N N 230 
PHE CZ  HZ   sing N N 231 
PHE OXT HXT  sing N N 232 
PRO N   CA   sing N N 233 
PRO N   CD   sing N N 234 
PRO N   H    sing N N 235 
PRO CA  C    sing N N 236 
PRO CA  CB   sing N N 237 
PRO CA  HA   sing N N 238 
PRO C   O    doub N N 239 
PRO C   OXT  sing N N 240 
PRO CB  CG   sing N N 241 
PRO CB  HB2  sing N N 242 
PRO CB  HB3  sing N N 243 
PRO CG  CD   sing N N 244 
PRO CG  HG2  sing N N 245 
PRO CG  HG3  sing N N 246 
PRO CD  HD2  sing N N 247 
PRO CD  HD3  sing N N 248 
PRO OXT HXT  sing N N 249 
SER N   CA   sing N N 250 
SER N   H    sing N N 251 
SER N   H2   sing N N 252 
SER CA  C    sing N N 253 
SER CA  CB   sing N N 254 
SER CA  HA   sing N N 255 
SER C   O    doub N N 256 
SER C   OXT  sing N N 257 
SER CB  OG   sing N N 258 
SER CB  HB2  sing N N 259 
SER CB  HB3  sing N N 260 
SER OG  HG   sing N N 261 
SER OXT HXT  sing N N 262 
THR N   CA   sing N N 263 
THR N   H    sing N N 264 
THR N   H2   sing N N 265 
THR CA  C    sing N N 266 
THR CA  CB   sing N N 267 
THR CA  HA   sing N N 268 
THR C   O    doub N N 269 
THR C   OXT  sing N N 270 
THR CB  OG1  sing N N 271 
THR CB  CG2  sing N N 272 
THR CB  HB   sing N N 273 
THR OG1 HG1  sing N N 274 
THR CG2 HG21 sing N N 275 
THR CG2 HG22 sing N N 276 
THR CG2 HG23 sing N N 277 
THR OXT HXT  sing N N 278 
TRP N   CA   sing N N 279 
TRP N   H    sing N N 280 
TRP N   H2   sing N N 281 
TRP CA  C    sing N N 282 
TRP CA  CB   sing N N 283 
TRP CA  HA   sing N N 284 
TRP C   O    doub N N 285 
TRP C   OXT  sing N N 286 
TRP CB  CG   sing N N 287 
TRP CB  HB2  sing N N 288 
TRP CB  HB3  sing N N 289 
TRP CG  CD1  doub Y N 290 
TRP CG  CD2  sing Y N 291 
TRP CD1 NE1  sing Y N 292 
TRP CD1 HD1  sing N N 293 
TRP CD2 CE2  doub Y N 294 
TRP CD2 CE3  sing Y N 295 
TRP NE1 CE2  sing Y N 296 
TRP NE1 HE1  sing N N 297 
TRP CE2 CZ2  sing Y N 298 
TRP CE3 CZ3  doub Y N 299 
TRP CE3 HE3  sing N N 300 
TRP CZ2 CH2  doub Y N 301 
TRP CZ2 HZ2  sing N N 302 
TRP CZ3 CH2  sing Y N 303 
TRP CZ3 HZ3  sing N N 304 
TRP CH2 HH2  sing N N 305 
TRP OXT HXT  sing N N 306 
TYR N   CA   sing N N 307 
TYR N   H    sing N N 308 
TYR N   H2   sing N N 309 
TYR CA  C    sing N N 310 
TYR CA  CB   sing N N 311 
TYR CA  HA   sing N N 312 
TYR C   O    doub N N 313 
TYR C   OXT  sing N N 314 
TYR CB  CG   sing N N 315 
TYR CB  HB2  sing N N 316 
TYR CB  HB3  sing N N 317 
TYR CG  CD1  doub Y N 318 
TYR CG  CD2  sing Y N 319 
TYR CD1 CE1  sing Y N 320 
TYR CD1 HD1  sing N N 321 
TYR CD2 CE2  doub Y N 322 
TYR CD2 HD2  sing N N 323 
TYR CE1 CZ   doub Y N 324 
TYR CE1 HE1  sing N N 325 
TYR CE2 CZ   sing Y N 326 
TYR CE2 HE2  sing N N 327 
TYR CZ  OH   sing N N 328 
TYR OH  HH   sing N N 329 
TYR OXT HXT  sing N N 330 
VAL N   CA   sing N N 331 
VAL N   H    sing N N 332 
VAL N   H2   sing N N 333 
VAL CA  C    sing N N 334 
VAL CA  CB   sing N N 335 
VAL CA  HA   sing N N 336 
VAL C   O    doub N N 337 
VAL C   OXT  sing N N 338 
VAL CB  CG1  sing N N 339 
VAL CB  CG2  sing N N 340 
VAL CB  HB   sing N N 341 
VAL CG1 HG11 sing N N 342 
VAL CG1 HG12 sing N N 343 
VAL CG1 HG13 sing N N 344 
VAL CG2 HG21 sing N N 345 
VAL CG2 HG22 sing N N 346 
VAL CG2 HG23 sing N N 347 
VAL OXT HXT  sing N N 348 
# 
_pdbx_audit_support.funding_organization   'Not funded' 
_pdbx_audit_support.country                ? 
_pdbx_audit_support.grant_number           ? 
_pdbx_audit_support.ordinal                1 
# 
_pdbx_initial_refinement_model.id               1 
_pdbx_initial_refinement_model.entity_id_list   ? 
_pdbx_initial_refinement_model.type             'experimental model' 
_pdbx_initial_refinement_model.source_name      PDB 
_pdbx_initial_refinement_model.accession_code   1R26 
_pdbx_initial_refinement_model.details          ? 
# 
_atom_sites.entry_id                    7VQV 
_atom_sites.Cartn_transf_matrix[1][1]   ? 
_atom_sites.Cartn_transf_matrix[1][2]   ? 
_atom_sites.Cartn_transf_matrix[1][3]   ? 
_atom_sites.Cartn_transf_matrix[2][1]   ? 
_atom_sites.Cartn_transf_matrix[2][2]   ? 
_atom_sites.Cartn_transf_matrix[2][3]   ? 
_atom_sites.Cartn_transf_matrix[3][1]   ? 
_atom_sites.Cartn_transf_matrix[3][2]   ? 
_atom_sites.Cartn_transf_matrix[3][3]   ? 
_atom_sites.Cartn_transf_vector[1]      ? 
_atom_sites.Cartn_transf_vector[2]      ? 
_atom_sites.Cartn_transf_vector[3]      ? 
_atom_sites.fract_transf_matrix[1][1]   -0.01859436 
_atom_sites.fract_transf_matrix[1][2]   -0.01293905 
_atom_sites.fract_transf_matrix[1][3]   -0.00818623 
_atom_sites.fract_transf_matrix[2][1]   -0.01259637 
_atom_sites.fract_transf_matrix[2][2]   0.01307364 
_atom_sites.fract_transf_matrix[2][3]   0.00794761 
_atom_sites.fract_transf_matrix[3][1]   0.00013564 
_atom_sites.fract_transf_matrix[3][2]   0.00812365 
_atom_sites.fract_transf_matrix[3][3]   -0.01314823 
_atom_sites.fract_transf_vector[1]      0.001954 
_atom_sites.fract_transf_vector[2]      -0.267330 
_atom_sites.fract_transf_vector[3]      0.182776 
_atom_sites.solution_primary            ? 
_atom_sites.solution_secondary          ? 
_atom_sites.solution_hydrogens          ? 
_atom_sites.special_details             ? 
# 
loop_
_atom_type.symbol 
C 
N 
O 
S 
# 
loop_
_atom_site.group_PDB 
_atom_site.id 
_atom_site.type_symbol 
_atom_site.label_atom_id 
_atom_site.label_alt_id 
_atom_site.label_comp_id 
_atom_site.label_asym_id 
_atom_site.label_entity_id 
_atom_site.label_seq_id 
_atom_site.pdbx_PDB_ins_code 
_atom_site.Cartn_x 
_atom_site.Cartn_y 
_atom_site.Cartn_z 
_atom_site.occupancy 
_atom_site.B_iso_or_equiv 
_atom_site.pdbx_formal_charge 
_atom_site.auth_seq_id 
_atom_site.auth_comp_id 
_atom_site.auth_asym_id 
_atom_site.auth_atom_id 
_atom_site.pdbx_PDB_model_num 
ATOM   1    N N   . VAL A 1 1   ? -15.385 17.315  -20.470 1.00 80.70 ? 1   VAL A N   1 
ATOM   2    C CA  . VAL A 1 1   ? -14.737 18.460  -19.764 1.00 78.27 ? 1   VAL A CA  1 
ATOM   3    C C   . VAL A 1 1   ? -13.666 17.894  -18.822 1.00 79.79 ? 1   VAL A C   1 
ATOM   4    O O   . VAL A 1 1   ? -13.990 17.007  -18.007 1.00 70.51 ? 1   VAL A O   1 
ATOM   5    C CB  . VAL A 1 1   ? -15.771 19.321  -19.013 1.00 77.93 ? 1   VAL A CB  1 
ATOM   6    C CG1 . VAL A 1 1   ? -15.140 20.556  -18.396 1.00 78.64 ? 1   VAL A CG1 1 
ATOM   7    C CG2 . VAL A 1 1   ? -16.940 19.720  -19.901 1.00 78.01 ? 1   VAL A CG2 1 
ATOM   8    N N   . LEU A 1 2   ? -12.427 18.375  -18.951 1.00 86.86 ? 2   LEU A N   1 
ATOM   9    C CA  . LEU A 1 2   ? -11.244 17.854  -18.216 1.00 93.80 ? 2   LEU A CA  1 
ATOM   10   C C   . LEU A 1 2   ? -10.485 19.028  -17.588 1.00 93.30 ? 2   LEU A C   1 
ATOM   11   O O   . LEU A 1 2   ? -9.388  19.352  -18.087 1.00 99.27 ? 2   LEU A O   1 
ATOM   12   C CB  . LEU A 1 2   ? -10.355 17.069  -19.194 1.00 93.11 ? 2   LEU A CB  1 
ATOM   13   C CG  . LEU A 1 2   ? -9.516  15.943  -18.583 1.00 87.97 ? 2   LEU A CG  1 
ATOM   14   C CD1 . LEU A 1 2   ? -9.456  14.747  -19.525 1.00 85.24 ? 2   LEU A CD1 1 
ATOM   15   C CD2 . LEU A 1 2   ? -8.114  16.419  -18.223 1.00 84.04 ? 2   LEU A CD2 1 
ATOM   16   N N   . GLU A 1 3   ? -11.047 19.647  -16.544 1.00 90.89 ? 3   GLU A N   1 
ATOM   17   C CA  . GLU A 1 3   ? -10.314 20.649  -15.724 1.00 92.71 ? 3   GLU A CA  1 
ATOM   18   C C   . GLU A 1 3   ? -9.304  19.881  -14.865 1.00 91.37 ? 3   GLU A C   1 
ATOM   19   O O   . GLU A 1 3   ? -9.699  18.862  -14.264 1.00 81.48 ? 3   GLU A O   1 
ATOM   20   C CB  . GLU A 1 3   ? -11.241 21.498  -14.858 1.00 89.87 ? 3   GLU A CB  1 
ATOM   21   C CG  . GLU A 1 3   ? -12.352 22.202  -15.636 1.00 89.34 ? 3   GLU A CG  1 
ATOM   22   C CD  . GLU A 1 3   ? -12.038 23.566  -16.219 1.00 83.35 ? 3   GLU A CD  1 
ATOM   23   O OE1 . GLU A 1 3   ? -11.239 24.302  -15.614 1.00 86.53 ? 3   GLU A OE1 1 
ATOM   24   O OE2 . GLU A 1 3   ? -12.639 23.898  -17.251 1.00 70.83 ? 3   GLU A OE2 1 
ATOM   25   N N   . GLU A 1 4   ? -8.064  20.382  -14.816 1.00 95.01 ? 4   GLU A N   1 
ATOM   26   C CA  . GLU A 1 4   ? -6.824  19.605  -14.541 1.00 92.90 ? 4   GLU A CA  1 
ATOM   27   C C   . GLU A 1 4   ? -6.349  19.845  -13.101 1.00 92.73 ? 4   GLU A C   1 
ATOM   28   O O   . GLU A 1 4   ? -5.756  20.910  -12.833 1.00 94.69 ? 4   GLU A O   1 
ATOM   29   C CB  . GLU A 1 4   ? -5.743  20.004  -15.548 1.00 89.82 ? 4   GLU A CB  1 
ATOM   30   C CG  . GLU A 1 4   ? -6.112  19.692  -16.986 1.00 91.71 ? 4   GLU A CG  1 
ATOM   31   C CD  . GLU A 1 4   ? -5.403  20.563  -18.008 1.00 95.14 ? 4   GLU A CD  1 
ATOM   32   O OE1 . GLU A 1 4   ? -4.213  20.869  -17.795 1.00 94.36 ? 4   GLU A OE1 1 
ATOM   33   O OE2 . GLU A 1 4   ? -6.045  20.948  -19.005 1.00 92.72 ? 4   GLU A OE2 1 
ATOM   34   N N   . ASP A 1 5   ? -6.602  18.870  -12.225 1.00 89.34 ? 5   ASP A N   1 
ATOM   35   C CA  . ASP A 1 5   ? -6.147  18.813  -10.810 1.00 82.14 ? 5   ASP A CA  1 
ATOM   36   C C   . ASP A 1 5   ? -6.197  17.338  -10.399 1.00 76.18 ? 5   ASP A C   1 
ATOM   37   O O   . ASP A 1 5   ? -7.315  16.807  -10.295 1.00 79.62 ? 5   ASP A O   1 
ATOM   38   C CB  . ASP A 1 5   ? -7.018  19.709  -9.926  1.00 83.29 ? 5   ASP A CB  1 
ATOM   39   C CG  . ASP A 1 5   ? -6.298  20.286  -8.720  1.00 82.71 ? 5   ASP A CG  1 
ATOM   40   O OD1 . ASP A 1 5   ? -5.997  19.520  -7.777  1.00 82.38 ? 5   ASP A OD1 1 
ATOM   41   O OD2 . ASP A 1 5   ? -6.051  21.506  -8.733  1.00 76.42 ? 5   ASP A OD2 1 
ATOM   42   N N   . ARG A 1 6   ? -5.043  16.683  -10.228 1.00 75.20 ? 6   ARG A N   1 
ATOM   43   C CA  . ARG A 1 6   ? -4.941  15.195  -10.218 1.00 68.36 ? 6   ARG A CA  1 
ATOM   44   C C   . ARG A 1 6   ? -4.814  14.662  -8.777  1.00 57.00 ? 6   ARG A C   1 
ATOM   45   O O   . ARG A 1 6   ? -3.986  15.194  -7.984  1.00 52.63 ? 6   ARG A O   1 
ATOM   46   C CB  . ARG A 1 6   ? -3.785  14.755  -11.127 1.00 75.89 ? 6   ARG A CB  1 
ATOM   47   C CG  . ARG A 1 6   ? -3.602  13.245  -11.242 1.00 80.07 ? 6   ARG A CG  1 
ATOM   48   C CD  . ARG A 1 6   ? -2.177  12.772  -10.979 1.00 87.16 ? 6   ARG A CD  1 
ATOM   49   N NE  . ARG A 1 6   ? -1.553  13.409  -9.814  1.00 86.55 ? 6   ARG A NE  1 
ATOM   50   C CZ  . ARG A 1 6   ? -0.540  12.915  -9.100  1.00 84.68 ? 6   ARG A CZ  1 
ATOM   51   N NH1 . ARG A 1 6   ? -0.005  11.742  -9.402  1.00 82.81 ? 6   ARG A NH1 1 
ATOM   52   N NH2 . ARG A 1 6   ? -0.067  13.599  -8.071  1.00 83.77 ? 6   ARG A NH2 1 
ATOM   53   N N   . GLU A 1 7   ? -5.603  13.628  -8.459  1.00 46.54 ? 7   GLU A N   1 
ATOM   54   C CA  . GLU A 1 7   ? -5.501  12.855  -7.192  1.00 45.52 ? 7   GLU A CA  1 
ATOM   55   C C   . GLU A 1 7   ? -4.116  12.215  -7.159  1.00 40.86 ? 7   GLU A C   1 
ATOM   56   O O   . GLU A 1 7   ? -3.556  11.850  -8.196  1.00 41.54 ? 7   GLU A O   1 
ATOM   57   C CB  . GLU A 1 7   ? -6.622  11.812  -7.050  1.00 48.06 ? 7   GLU A CB  1 
ATOM   58   C CG  . GLU A 1 7   ? -6.378  10.530  -7.826  1.00 49.57 ? 7   GLU A CG  1 
ATOM   59   C CD  . GLU A 1 7   ? -7.435  9.462   -7.603  1.00 55.50 ? 7   GLU A CD  1 
ATOM   60   O OE1 . GLU A 1 7   ? -8.453  9.777   -6.963  1.00 53.88 ? 7   GLU A OE1 1 
ATOM   61   O OE2 . GLU A 1 7   ? -7.235  8.313   -8.066  1.00 62.43 ? 7   GLU A OE2 1 
ATOM   62   N N   . PRO A 1 8   ? -3.509  12.100  -5.965  1.00 40.74 ? 8   PRO A N   1 
ATOM   63   C CA  . PRO A 1 8   ? -2.223  11.424  -5.844  1.00 38.44 ? 8   PRO A CA  1 
ATOM   64   C C   . PRO A 1 8   ? -2.355  9.951   -6.266  1.00 32.19 ? 8   PRO A C   1 
ATOM   65   O O   . PRO A 1 8   ? -3.439  9.353   -6.148  1.00 31.74 ? 8   PRO A O   1 
ATOM   66   C CB  . PRO A 1 8   ? -1.876  11.511  -4.349  1.00 40.00 ? 8   PRO A CB  1 
ATOM   67   C CG  . PRO A 1 8   ? -2.799  12.585  -3.785  1.00 43.39 ? 8   PRO A CG  1 
ATOM   68   C CD  . PRO A 1 8   ? -4.027  12.584  -4.676  1.00 39.83 ? 8   PRO A CD  1 
ATOM   69   N N   . ASP A 1 9   ? -1.259  9.349   -6.735  1.00 31.75 ? 9   ASP A N   1 
ATOM   70   C CA  . ASP A 1 9   ? -1.301  7.913   -7.094  1.00 31.18 ? 9   ASP A CA  1 
ATOM   71   C C   . ASP A 1 9   ? -1.653  7.087   -5.848  1.00 30.46 ? 9   ASP A C   1 
ATOM   72   O O   . ASP A 1 9   ? -2.437  6.108   -5.997  1.00 31.32 ? 9   ASP A O   1 
ATOM   73   C CB  . ASP A 1 9   ? 0.024   7.426   -7.670  1.00 36.81 ? 9   ASP A CB  1 
ATOM   74   C CG  . ASP A 1 9   ? 0.365   8.010   -9.025  1.00 36.09 ? 9   ASP A CG  1 
ATOM   75   O OD1 . ASP A 1 9   ? -0.481  8.721   -9.572  1.00 36.00 ? 9   ASP A OD1 1 
ATOM   76   O OD2 . ASP A 1 9   ? 1.466   7.735   -9.500  1.00 38.69 ? 9   ASP A OD2 1 
ATOM   77   N N   . PHE A 1 10  ? -1.121  7.518   -4.684  1.00 27.95 ? 10  PHE A N   1 
ATOM   78   C CA  . PHE A 1 10  ? -1.248  6.823   -3.376  1.00 25.14 ? 10  PHE A CA  1 
ATOM   79   C C   . PHE A 1 10  ? -1.376  7.898   -2.305  1.00 23.46 ? 10  PHE A C   1 
ATOM   80   O O   . PHE A 1 10  ? -0.979  9.018   -2.605  1.00 27.56 ? 10  PHE A O   1 
ATOM   81   C CB  . PHE A 1 10  ? -0.027  5.929   -3.122  1.00 24.38 ? 10  PHE A CB  1 
ATOM   82   C CG  . PHE A 1 10  ? 0.242   5.017   -4.287  1.00 24.52 ? 10  PHE A CG  1 
ATOM   83   C CD1 . PHE A 1 10  ? -0.585  3.935   -4.570  1.00 25.15 ? 10  PHE A CD1 1 
ATOM   84   C CD2 . PHE A 1 10  ? 1.311   5.274   -5.119  1.00 26.55 ? 10  PHE A CD2 1 
ATOM   85   C CE1 . PHE A 1 10  ? -0.323  3.123   -5.671  1.00 24.71 ? 10  PHE A CE1 1 
ATOM   86   C CE2 . PHE A 1 10  ? 1.536   4.488   -6.236  1.00 25.48 ? 10  PHE A CE2 1 
ATOM   87   C CZ  . PHE A 1 10  ? 0.706   3.429   -6.509  1.00 25.67 ? 10  PHE A CZ  1 
ATOM   88   N N   . ILE A 1 11  ? -1.706  7.502   -1.083  1.00 21.39 ? 11  ILE A N   1 
ATOM   89   C CA  . ILE A 1 11  ? -1.419  8.328   0.113   1.00 22.90 ? 11  ILE A CA  1 
ATOM   90   C C   . ILE A 1 11  ? 0.094   8.209   0.308   1.00 21.29 ? 11  ILE A C   1 
ATOM   91   O O   . ILE A 1 11  ? 0.587   7.085   0.623   1.00 21.44 ? 11  ILE A O   1 
ATOM   92   C CB  . ILE A 1 11  ? -2.199  7.845   1.350   1.00 26.20 ? 11  ILE A CB  1 
ATOM   93   C CG1 . ILE A 1 11  ? -3.714  7.799   1.133   1.00 33.78 ? 11  ILE A CG1 1 
ATOM   94   C CG2 . ILE A 1 11  ? -1.804  8.684   2.551   1.00 26.93 ? 11  ILE A CG2 1 
ATOM   95   C CD1 . ILE A 1 11  ? -4.237  8.964   0.373   1.00 35.89 ? 11  ILE A CD1 1 
ATOM   96   N N   . GLU A 1 12  ? 0.883   9.250   0.105   1.00 19.64 ? 12  GLU A N   1 
ATOM   97   C CA  . GLU A 1 12  ? 2.339   9.199   0.223   1.00 19.93 ? 12  GLU A CA  1 
ATOM   98   C C   . GLU A 1 12  ? 2.681   9.425   1.688   1.00 22.94 ? 12  GLU A C   1 
ATOM   99   O O   . GLU A 1 12  ? 2.578   10.553  2.199   1.00 24.97 ? 12  GLU A O   1 
ATOM   100  C CB  . GLU A 1 12  ? 2.996   10.226  -0.705  1.00 22.59 ? 12  GLU A CB  1 
ATOM   101  C CG  . GLU A 1 12  ? 2.592   10.042  -2.142  1.00 26.27 ? 12  GLU A CG  1 
ATOM   102  C CD  . GLU A 1 12  ? 3.116   8.821   -2.889  1.00 27.12 ? 12  GLU A CD  1 
ATOM   103  O OE1 . GLU A 1 12  ? 2.699   8.620   -4.060  1.00 29.71 ? 12  GLU A OE1 1 
ATOM   104  O OE2 . GLU A 1 12  ? 3.985   8.136   -2.362  1.00 26.85 ? 12  GLU A OE2 1 
ATOM   105  N N   . VAL A 1 13  ? 3.089   8.381   2.385   1.00 18.10 ? 13  VAL A N   1 
ATOM   106  C CA  . VAL A 1 13  ? 3.387   8.412   3.837   1.00 18.56 ? 13  VAL A CA  1 
ATOM   107  C C   . VAL A 1 13  ? 4.658   9.226   4.102   1.00 20.86 ? 13  VAL A C   1 
ATOM   108  O O   . VAL A 1 13  ? 5.638   9.023   3.401   1.00 23.99 ? 13  VAL A O   1 
ATOM   109  C CB  . VAL A 1 13  ? 3.526   6.975   4.347   1.00 18.04 ? 13  VAL A CB  1 
ATOM   110  C CG1 . VAL A 1 13  ? 4.009   6.972   5.792   1.00 20.30 ? 13  VAL A CG1 1 
ATOM   111  C CG2 . VAL A 1 13  ? 2.216   6.253   4.150   1.00 20.18 ? 13  VAL A CG2 1 
ATOM   112  N N   . ASN A 1 14  ? 4.577   10.153  5.069   1.00 21.42 ? 14  ASN A N   1 
ATOM   113  C CA  . ASN A 1 14  ? 5.689   11.087  5.360   1.00 26.96 ? 14  ASN A CA  1 
ATOM   114  C C   . ASN A 1 14  ? 6.307   10.807  6.722   1.00 25.27 ? 14  ASN A C   1 
ATOM   115  O O   . ASN A 1 14  ? 7.385   11.369  6.979   1.00 26.65 ? 14  ASN A O   1 
ATOM   116  C CB  . ASN A 1 14  ? 5.195   12.537  5.345   1.00 32.27 ? 14  ASN A CB  1 
ATOM   117  C CG  . ASN A 1 14  ? 4.876   12.990  3.946   1.00 44.14 ? 14  ASN A CG  1 
ATOM   118  O OD1 . ASN A 1 14  ? 5.604   12.668  3.007   1.00 53.78 ? 14  ASN A OD1 1 
ATOM   119  N ND2 . ASN A 1 14  ? 3.776   13.704  3.802   1.00 48.15 ? 14  ASN A ND2 1 
ATOM   120  N N   . SER A 1 15  ? 5.699   10.001  7.571   1.00 21.28 ? 15  SER A N   1 
ATOM   121  C CA  . SER A 1 15  ? 6.228   9.751   8.923   1.00 20.04 ? 15  SER A CA  1 
ATOM   122  C C   . SER A 1 15  ? 5.707   8.443   9.488   1.00 21.83 ? 15  SER A C   1 
ATOM   123  O O   . SER A 1 15  ? 4.673   7.905   9.073   1.00 19.55 ? 15  SER A O   1 
ATOM   124  C CB  . SER A 1 15  ? 5.879   10.899  9.854   1.00 21.55 ? 15  SER A CB  1 
ATOM   125  O OG  . SER A 1 15  ? 4.513   10.894  10.181  1.00 22.39 ? 15  SER A OG  1 
ATOM   126  N N   . LEU A 1 16  ? 6.376   7.939   10.500  1.00 22.19 ? 16  LEU A N   1 
ATOM   127  C CA  . LEU A 1 16  ? 5.908   6.754   11.217  1.00 21.15 ? 16  LEU A CA  1 
ATOM   128  C C   . LEU A 1 16  ? 4.587   7.065   11.930  1.00 19.83 ? 16  LEU A C   1 
ATOM   129  O O   . LEU A 1 16  ? 3.679   6.242   11.941  1.00 22.05 ? 16  LEU A O   1 
ATOM   130  C CB  . LEU A 1 16  ? 7.037   6.369   12.187  1.00 26.82 ? 16  LEU A CB  1 
ATOM   131  C CG  . LEU A 1 16  ? 6.745   5.171   13.071  1.00 29.78 ? 16  LEU A CG  1 
ATOM   132  C CD1 . LEU A 1 16  ? 6.398   3.938   12.288  1.00 31.06 ? 16  LEU A CD1 1 
ATOM   133  C CD2 . LEU A 1 16  ? 7.966   4.945   13.966  1.00 35.27 ? 16  LEU A CD2 1 
ATOM   134  N N   . GLU A 1 17  ? 4.458   8.255   12.518  1.00 23.16 ? 17  GLU A N   1 
ATOM   135  C CA  . GLU A 1 17  ? 3.187   8.658   13.182  1.00 23.55 ? 17  GLU A CA  1 
ATOM   136  C C   . GLU A 1 17  ? 2.026   8.589   12.184  1.00 21.64 ? 17  GLU A C   1 
ATOM   137  O O   . GLU A 1 17  ? 0.956   8.073   12.521  1.00 22.21 ? 17  GLU A O   1 
ATOM   138  C CB  . GLU A 1 17  ? 3.297   10.074  13.746  1.00 29.32 ? 17  GLU A CB  1 
ATOM   139  C CG  . GLU A 1 17  ? 4.342   10.257  14.838  1.00 41.10 ? 17  GLU A CG  1 
ATOM   140  C CD  . GLU A 1 17  ? 5.815   9.932   14.573  1.00 48.55 ? 17  GLU A CD  1 
ATOM   141  O OE1 . GLU A 1 17  ? 6.484   9.542   15.586  1.00 54.46 ? 17  GLU A OE1 1 
ATOM   142  O OE2 . GLU A 1 17  ? 6.330   10.075  13.406  1.00 37.07 ? 17  GLU A OE2 1 
ATOM   143  N N   . GLU A 1 18  ? 2.270   9.136   11.002  1.00 21.28 ? 18  GLU A N   1 
ATOM   144  C CA  . GLU A 1 18  ? 1.221   9.129   9.956   1.00 19.60 ? 18  GLU A CA  1 
ATOM   145  C C   . GLU A 1 18  ? 0.896   7.688   9.562   1.00 18.22 ? 18  GLU A C   1 
ATOM   146  O O   . GLU A 1 18  ? -0.282  7.320   9.415   1.00 18.71 ? 18  GLU A O   1 
ATOM   147  C CB  . GLU A 1 18  ? 1.628   9.912   8.728   1.00 21.06 ? 18  GLU A CB  1 
ATOM   148  C CG  . GLU A 1 18  ? 0.500   10.025  7.730   1.00 22.72 ? 18  GLU A CG  1 
ATOM   149  C CD  . GLU A 1 18  ? 0.906   10.584  6.388   1.00 25.82 ? 18  GLU A CD  1 
ATOM   150  O OE1 . GLU A 1 18  ? -0.046  10.907  5.640   1.00 29.86 ? 18  GLU A OE1 1 
ATOM   151  O OE2 . GLU A 1 18  ? 2.099   10.793  6.122   1.00 30.04 ? 18  GLU A OE2 1 
ATOM   152  N N   . PHE A 1 19  ? 1.915   6.866   9.343   1.00 18.17 ? 19  PHE A N   1 
ATOM   153  C CA  . PHE A 1 19  ? 1.726   5.441   9.056   1.00 17.04 ? 19  PHE A CA  1 
ATOM   154  C C   . PHE A 1 19  ? 0.807   4.769   10.075  1.00 17.79 ? 19  PHE A C   1 
ATOM   155  O O   . PHE A 1 19  ? -0.152  4.125   9.713   1.00 17.80 ? 19  PHE A O   1 
ATOM   156  C CB  . PHE A 1 19  ? 3.098   4.772   8.986   1.00 17.95 ? 19  PHE A CB  1 
ATOM   157  C CG  . PHE A 1 19  ? 3.011   3.319   8.610   1.00 17.02 ? 19  PHE A CG  1 
ATOM   158  C CD1 . PHE A 1 19  ? 2.851   2.935   7.302   1.00 17.81 ? 19  PHE A CD1 1 
ATOM   159  C CD2 . PHE A 1 19  ? 2.989   2.319   9.596   1.00 21.59 ? 19  PHE A CD2 1 
ATOM   160  C CE1 . PHE A 1 19  ? 2.795   1.601   6.948   1.00 18.84 ? 19  PHE A CE1 1 
ATOM   161  C CE2 . PHE A 1 19  ? 2.965   0.991   9.214   1.00 21.62 ? 19  PHE A CE2 1 
ATOM   162  C CZ  . PHE A 1 19  ? 2.778   0.640   7.906   1.00 20.29 ? 19  PHE A CZ  1 
ATOM   163  N N   . ASP A 1 20  ? 1.153   4.940   11.332  1.00 20.14 ? 20  ASP A N   1 
ATOM   164  C CA  . ASP A 1 20  ? 0.384   4.263   12.391  1.00 21.92 ? 20  ASP A CA  1 
ATOM   165  C C   . ASP A 1 20  ? -1.033  4.805   12.407  1.00 20.98 ? 20  ASP A C   1 
ATOM   166  O O   . ASP A 1 20  ? -1.950  4.034   12.569  1.00 22.66 ? 20  ASP A O   1 
ATOM   167  C CB  . ASP A 1 20  ? 1.067   4.516   13.728  1.00 25.33 ? 20  ASP A CB  1 
ATOM   168  C CG  . ASP A 1 20  ? 2.311   3.685   13.898  1.00 33.62 ? 20  ASP A CG  1 
ATOM   169  O OD1 . ASP A 1 20  ? 2.439   2.619   13.210  1.00 32.12 ? 20  ASP A OD1 1 
ATOM   170  O OD2 . ASP A 1 20  ? 3.128   4.113   14.747  1.00 38.67 ? 20  ASP A OD2 1 
ATOM   171  N N   . GLU A 1 21  ? -1.234  6.105   12.206  1.00 20.77 ? 21  GLU A N   1 
ATOM   172  C CA  . GLU A 1 21  ? -2.601  6.682   12.159  1.00 22.80 ? 21  GLU A CA  1 
ATOM   173  C C   . GLU A 1 21  ? -3.381  6.040   11.010  1.00 21.37 ? 21  GLU A C   1 
ATOM   174  O O   . GLU A 1 21  ? -4.566  5.620   11.158  1.00 22.17 ? 21  GLU A O   1 
ATOM   175  C CB  . GLU A 1 21  ? -2.497  8.190   11.988  1.00 25.48 ? 21  GLU A CB  1 
ATOM   176  C CG  . GLU A 1 21  ? -3.831  8.894   11.795  1.00 34.13 ? 21  GLU A CG  1 
ATOM   177  C CD  . GLU A 1 21  ? -3.701  10.325  11.285  1.00 50.14 ? 21  GLU A CD  1 
ATOM   178  O OE1 . GLU A 1 21  ? -4.755  10.937  10.942  1.00 57.05 ? 21  GLU A OE1 1 
ATOM   179  O OE2 . GLU A 1 21  ? -2.550  10.824  11.190  1.00 59.10 ? 21  GLU A OE2 1 
ATOM   180  N N   . ILE A 1 22  ? -2.790  5.942   9.816   1.00 18.39 ? 22  ILE A N   1 
ATOM   181  C CA  . ILE A 1 22  ? -3.492  5.333   8.661   1.00 19.62 ? 22  ILE A CA  1 
ATOM   182  C C   . ILE A 1 22  ? -3.880  3.888   9.018   1.00 19.60 ? 22  ILE A C   1 
ATOM   183  O O   . ILE A 1 22  ? -5.012  3.461   8.793   1.00 20.95 ? 22  ILE A O   1 
ATOM   184  C CB  . ILE A 1 22  ? -2.587  5.398   7.407   1.00 20.06 ? 22  ILE A CB  1 
ATOM   185  C CG1 . ILE A 1 22  ? -2.386  6.833   6.900   1.00 20.36 ? 22  ILE A CG1 1 
ATOM   186  C CG2 . ILE A 1 22  ? -3.172  4.543   6.289   1.00 21.00 ? 22  ILE A CG2 1 
ATOM   187  C CD1 . ILE A 1 22  ? -1.196  6.999   6.008   1.00 20.58 ? 22  ILE A CD1 1 
ATOM   188  N N   . MET A 1 23  ? -2.905  3.108   9.434   1.00 20.33 ? 23  MET A N   1 
ATOM   189  C CA  . MET A 1 23  ? -3.137  1.666   9.621   1.00 21.39 ? 23  MET A CA  1 
ATOM   190  C C   . MET A 1 23  ? -4.123  1.395   10.773  1.00 23.73 ? 23  MET A C   1 
ATOM   191  O O   . MET A 1 23  ? -4.729  0.324   10.767  1.00 23.52 ? 23  MET A O   1 
ATOM   192  C CB  . MET A 1 23  ? -1.797  0.992   9.876   1.00 22.01 ? 23  MET A CB  1 
ATOM   193  C CG  . MET A 1 23  ? -0.800  1.141   8.710   1.00 24.28 ? 23  MET A CG  1 
ATOM   194  S SD  . MET A 1 23  ? -1.387  0.610   7.056   1.00 25.50 ? 23  MET A SD  1 
ATOM   195  C CE  . MET A 1 23  ? -0.688  -1.023  6.964   1.00 26.85 ? 23  MET A CE  1 
ATOM   196  N N   . SER A 1 24  ? -4.352  2.370   11.651  1.00 20.96 ? 24  SER A N   1 
ATOM   197  C CA  A SER A 1 24  ? -5.297  2.278   12.810  0.50 22.46 ? 24  SER A CA  1 
ATOM   198  C CA  B SER A 1 24  ? -5.305  2.186   12.790  0.50 24.09 ? 24  SER A CA  1 
ATOM   199  C C   . SER A 1 24  ? -6.761  2.413   12.380  1.00 24.18 ? 24  SER A C   1 
ATOM   200  O O   . SER A 1 24  ? -7.664  2.036   13.173  1.00 25.77 ? 24  SER A O   1 
ATOM   201  C CB  A SER A 1 24  ? -4.972  3.335   13.846  0.50 22.31 ? 24  SER A CB  1 
ATOM   202  C CB  B SER A 1 24  ? -4.955  3.064   13.939  0.50 25.76 ? 24  SER A CB  1 
ATOM   203  O OG  A SER A 1 24  ? -5.475  4.619   13.474  0.50 20.42 ? 24  SER A OG  1 
ATOM   204  O OG  B SER A 1 24  ? -3.662  2.758   14.401  0.50 30.62 ? 24  SER A OG  1 
ATOM   205  N N   . MET A 1 25  ? -7.020  2.918   11.194  1.00 23.28 ? 25  MET A N   1 
ATOM   206  C CA  . MET A 1 25  ? -8.387  3.235   10.745  1.00 24.85 ? 25  MET A CA  1 
ATOM   207  C C   . MET A 1 25  ? -9.182  1.939   10.507  1.00 24.47 ? 25  MET A C   1 
ATOM   208  O O   . MET A 1 25  ? -8.578  0.924   10.060  1.00 23.67 ? 25  MET A O   1 
ATOM   209  C CB  . MET A 1 25  ? -8.393  4.052   9.457   1.00 27.62 ? 25  MET A CB  1 
ATOM   210  C CG  . MET A 1 25  ? -7.688  5.374   9.554   1.00 28.61 ? 25  MET A CG  1 
ATOM   211  S SD  . MET A 1 25  ? -8.589  6.510   10.629  1.00 34.15 ? 25  MET A SD  1 
ATOM   212  C CE  . MET A 1 25  ? -10.112 6.727   9.730   1.00 40.09 ? 25  MET A CE  1 
ATOM   213  N N   . ASP A 1 26  ? -10.493 2.004   10.717  1.00 24.97 ? 26  ASP A N   1 
ATOM   214  C CA  . ASP A 1 26  ? -11.472 0.928   10.403  1.00 25.38 ? 26  ASP A CA  1 
ATOM   215  C C   . ASP A 1 26  ? -11.817 0.965   8.928   1.00 27.90 ? 26  ASP A C   1 
ATOM   216  O O   . ASP A 1 26  ? -12.961 1.118   8.553   1.00 29.26 ? 26  ASP A O   1 
ATOM   217  C CB  . ASP A 1 26  ? -12.711 1.045   11.293  1.00 29.01 ? 26  ASP A CB  1 
ATOM   218  C CG  . ASP A 1 26  ? -13.533 -0.223  11.206  1.00 36.69 ? 26  ASP A CG  1 
ATOM   219  O OD1 . ASP A 1 26  ? -12.927 -1.296  10.919  1.00 37.71 ? 26  ASP A OD1 1 
ATOM   220  O OD2 . ASP A 1 26  ? -14.767 -0.115  11.426  1.00 40.04 ? 26  ASP A OD2 1 
ATOM   221  N N   . ILE A 1 27  ? -10.789 0.815   8.087   1.00 21.54 ? 27  ILE A N   1 
ATOM   222  C CA  . ILE A 1 27  ? -10.860 0.889   6.623   1.00 23.33 ? 27  ILE A CA  1 
ATOM   223  C C   . ILE A 1 27  ? -9.859  -0.165  6.159   1.00 20.67 ? 27  ILE A C   1 
ATOM   224  O O   . ILE A 1 27  ? -8.751  -0.203  6.731   1.00 20.55 ? 27  ILE A O   1 
ATOM   225  C CB  . ILE A 1 27  ? -10.461 2.276   6.080   1.00 21.89 ? 27  ILE A CB  1 
ATOM   226  C CG1 . ILE A 1 27  ? -11.191 3.433   6.792   1.00 23.33 ? 27  ILE A CG1 1 
ATOM   227  C CG2 . ILE A 1 27  ? -10.691 2.332   4.586   1.00 23.89 ? 27  ILE A CG2 1 
ATOM   228  C CD1 . ILE A 1 27  ? -10.543 4.765   6.479   1.00 22.15 ? 27  ILE A CD1 1 
ATOM   229  N N   . LEU A 1 28  ? -10.247 -0.962  5.196   1.00 20.20 ? 28  LEU A N   1 
ATOM   230  C CA  . LEU A 1 28  ? -9.265  -1.899  4.609   1.00 19.83 ? 28  LEU A CA  1 
ATOM   231  C C   . LEU A 1 28  ? -8.187  -1.020  3.967   1.00 18.51 ? 28  LEU A C   1 
ATOM   232  O O   . LEU A 1 28  ? -8.501  -0.112  3.172   1.00 21.13 ? 28  LEU A O   1 
ATOM   233  C CB  . LEU A 1 28  ? -9.937  -2.829  3.606   1.00 20.22 ? 28  LEU A CB  1 
ATOM   234  C CG  . LEU A 1 28  ? -9.065  -3.969  3.072   1.00 21.81 ? 28  LEU A CG  1 
ATOM   235  C CD1 . LEU A 1 28  ? -8.583  -4.852  4.171   1.00 21.64 ? 28  LEU A CD1 1 
ATOM   236  C CD2 . LEU A 1 28  ? -9.827  -4.764  1.999   1.00 24.29 ? 28  LEU A CD2 1 
ATOM   237  N N   . THR A 1 29  ? -6.943  -1.333  4.280   1.00 18.58 ? 29  THR A N   1 
ATOM   238  C CA  . THR A 1 29  ? -5.775  -0.494  3.869   1.00 18.01 ? 29  THR A CA  1 
ATOM   239  C C   . THR A 1 29  ? -4.671  -1.403  3.298   1.00 17.60 ? 29  THR A C   1 
ATOM   240  O O   . THR A 1 29  ? -4.427  -2.486  3.823   1.00 17.63 ? 29  THR A O   1 
ATOM   241  C CB  . THR A 1 29  ? -5.264  0.293   5.072   1.00 22.05 ? 29  THR A CB  1 
ATOM   242  O OG1 . THR A 1 29  ? -6.372  1.078   5.548   1.00 22.76 ? 29  THR A OG1 1 
ATOM   243  C CG2 . THR A 1 29  ? -4.083  1.170   4.749   1.00 21.74 ? 29  THR A CG2 1 
ATOM   244  N N   . VAL A 1 30  ? -4.069  -0.967  2.188   1.00 16.44 ? 30  VAL A N   1 
ATOM   245  C CA  . VAL A 1 30  ? -2.853  -1.587  1.613   1.00 16.46 ? 30  VAL A CA  1 
ATOM   246  C C   . VAL A 1 30  ? -1.728  -0.559  1.729   1.00 16.11 ? 30  VAL A C   1 
ATOM   247  O O   . VAL A 1 30  ? -1.910  0.568   1.189   1.00 18.79 ? 30  VAL A O   1 
ATOM   248  C CB  . VAL A 1 30  ? -3.066  -1.964  0.147   1.00 18.00 ? 30  VAL A CB  1 
ATOM   249  C CG1 . VAL A 1 30  ? -1.774  -2.399  -0.506  1.00 20.57 ? 30  VAL A CG1 1 
ATOM   250  C CG2 . VAL A 1 30  ? -4.180  -3.009  0.008   1.00 19.43 ? 30  VAL A CG2 1 
ATOM   251  N N   . ALA A 1 31  ? -0.663  -0.920  2.395   1.00 16.24 ? 31  ALA A N   1 
ATOM   252  C CA  . ALA A 1 31  ? 0.550   -0.101  2.420   1.00 15.68 ? 31  ALA A CA  1 
ATOM   253  C C   . ALA A 1 31  ? 1.627   -0.826  1.649   1.00 17.49 ? 31  ALA A C   1 
ATOM   254  O O   . ALA A 1 31  ? 1.848   -2.000  1.975   1.00 17.41 ? 31  ALA A O   1 
ATOM   255  C CB  . ALA A 1 31  ? 0.991   0.198   3.823   1.00 16.98 ? 31  ALA A CB  1 
ATOM   256  N N   . TRP A 1 32  ? 2.226   -0.175  0.677   1.00 16.15 ? 32  TRP A N   1 
ATOM   257  C CA  . TRP A 1 32  ? 3.296   -0.850  -0.053  1.00 15.97 ? 32  TRP A CA  1 
ATOM   258  C C   . TRP A 1 32  ? 4.575   -0.037  0.021   1.00 16.04 ? 32  TRP A C   1 
ATOM   259  O O   . TRP A 1 32  ? 4.528   1.189   0.209   1.00 15.75 ? 32  TRP A O   1 
ATOM   260  C CB  . TRP A 1 32  ? 2.871   -1.200  -1.485  1.00 17.19 ? 32  TRP A CB  1 
ATOM   261  C CG  . TRP A 1 32  ? 2.837   -0.099  -2.496  1.00 18.84 ? 32  TRP A CG  1 
ATOM   262  C CD1 . TRP A 1 32  ? 1.923   0.907   -2.596  1.00 20.74 ? 32  TRP A CD1 1 
ATOM   263  C CD2 . TRP A 1 32  ? 3.764   0.088   -3.590  1.00 19.09 ? 32  TRP A CD2 1 
ATOM   264  N NE1 . TRP A 1 32  ? 2.194   1.666   -3.721  1.00 21.93 ? 32  TRP A NE1 1 
ATOM   265  C CE2 . TRP A 1 32  ? 3.289   1.167   -4.366  1.00 20.70 ? 32  TRP A CE2 1 
ATOM   266  C CE3 . TRP A 1 32  ? 4.882   -0.634  -4.052  1.00 20.28 ? 32  TRP A CE3 1 
ATOM   267  C CZ2 . TRP A 1 32  ? 3.938   1.586   -5.536  1.00 21.76 ? 32  TRP A CZ2 1 
ATOM   268  C CZ3 . TRP A 1 32  ? 5.479   -0.241  -5.241  1.00 22.37 ? 32  TRP A CZ3 1 
ATOM   269  C CH2 . TRP A 1 32  ? 5.015   0.849   -5.963  1.00 22.97 ? 32  TRP A CH2 1 
ATOM   270  N N   . PHE A 1 33  ? 5.685   -0.752  0.010   1.00 16.44 ? 33  PHE A N   1 
ATOM   271  C CA  . PHE A 1 33  ? 7.044   -0.255  0.280   1.00 16.12 ? 33  PHE A CA  1 
ATOM   272  C C   . PHE A 1 33  ? 7.813   -0.191  -1.021  1.00 18.16 ? 33  PHE A C   1 
ATOM   273  O O   . PHE A 1 33  ? 7.916   -1.210  -1.720  1.00 17.78 ? 33  PHE A O   1 
ATOM   274  C CB  . PHE A 1 33  ? 7.739   -1.158  1.306   1.00 17.73 ? 33  PHE A CB  1 
ATOM   275  C CG  . PHE A 1 33  ? 7.120   -1.035  2.665   1.00 18.55 ? 33  PHE A CG  1 
ATOM   276  C CD1 . PHE A 1 33  ? 5.931   -1.684  2.989   1.00 20.12 ? 33  PHE A CD1 1 
ATOM   277  C CD2 . PHE A 1 33  ? 7.699   -0.200  3.611   1.00 18.90 ? 33  PHE A CD2 1 
ATOM   278  C CE1 . PHE A 1 33  ? 5.315   -1.481  4.219   1.00 20.63 ? 33  PHE A CE1 1 
ATOM   279  C CE2 . PHE A 1 33  ? 7.116   -0.052  4.862   1.00 20.17 ? 33  PHE A CE2 1 
ATOM   280  C CZ  . PHE A 1 33  ? 5.939   -0.683  5.164   1.00 20.65 ? 33  PHE A CZ  1 
ATOM   281  N N   . TRP A 1 34  ? 8.314   0.988   -1.320  1.00 18.31 ? 34  TRP A N   1 
ATOM   282  C CA  . TRP A 1 34  ? 8.931   1.376   -2.600  1.00 18.87 ? 34  TRP A CA  1 
ATOM   283  C C   . TRP A 1 34  ? 10.252  2.074   -2.340  1.00 19.87 ? 34  TRP A C   1 
ATOM   284  O O   . TRP A 1 34  ? 10.431  2.723   -1.333  1.00 20.30 ? 34  TRP A O   1 
ATOM   285  C CB  . TRP A 1 34  ? 7.909   2.312   -3.294  1.00 20.91 ? 34  TRP A CB  1 
ATOM   286  C CG  . TRP A 1 34  ? 8.317   2.994   -4.570  1.00 21.12 ? 34  TRP A CG  1 
ATOM   287  C CD1 . TRP A 1 34  ? 8.034   2.621   -5.851  1.00 22.63 ? 34  TRP A CD1 1 
ATOM   288  C CD2 . TRP A 1 34  ? 9.044   4.231   -4.651  1.00 23.02 ? 34  TRP A CD2 1 
ATOM   289  N NE1 . TRP A 1 34  ? 8.587   3.515   -6.733  1.00 24.19 ? 34  TRP A NE1 1 
ATOM   290  C CE2 . TRP A 1 34  ? 9.183   4.528   -6.022  1.00 24.10 ? 34  TRP A CE2 1 
ATOM   291  C CE3 . TRP A 1 34  ? 9.516   5.135   -3.693  1.00 27.14 ? 34  TRP A CE3 1 
ATOM   292  C CZ2 . TRP A 1 34  ? 9.812   5.682   -6.451  1.00 25.86 ? 34  TRP A CZ2 1 
ATOM   293  C CZ3 . TRP A 1 34  ? 10.166  6.265   -4.129  1.00 29.87 ? 34  TRP A CZ3 1 
ATOM   294  C CH2 . TRP A 1 34  ? 10.341  6.497   -5.486  1.00 27.80 ? 34  TRP A CH2 1 
ATOM   295  N N   . ALA A 1 35  ? 11.141  2.016   -3.310  1.00 20.82 ? 35  ALA A N   1 
ATOM   296  C CA  . ALA A 1 35  ? 12.376  2.835   -3.304  1.00 22.48 ? 35  ALA A CA  1 
ATOM   297  C C   . ALA A 1 35  ? 12.682  3.249   -4.751  1.00 23.50 ? 35  ALA A C   1 
ATOM   298  O O   . ALA A 1 35  ? 12.493  2.429   -5.693  1.00 24.65 ? 35  ALA A O   1 
ATOM   299  C CB  . ALA A 1 35  ? 13.488  2.060   -2.686  1.00 21.32 ? 35  ALA A CB  1 
ATOM   300  N N   . GLU A 1 36  ? 13.220  4.450   -4.895  1.00 27.18 ? 36  GLU A N   1 
ATOM   301  C CA  . GLU A 1 36  ? 13.587  5.030   -6.216  1.00 28.30 ? 36  GLU A CA  1 
ATOM   302  C C   . GLU A 1 36  ? 14.591  4.114   -6.924  1.00 26.85 ? 36  GLU A C   1 
ATOM   303  O O   . GLU A 1 36  ? 14.499  4.044   -8.161  1.00 29.62 ? 36  GLU A O   1 
ATOM   304  C CB  . GLU A 1 36  ? 14.170  6.433   -5.977  1.00 36.17 ? 36  GLU A CB  1 
ATOM   305  C CG  . GLU A 1 36  ? 14.189  7.365   -7.194  1.00 44.60 ? 36  GLU A CG  1 
ATOM   306  C CD  . GLU A 1 36  ? 13.822  6.842   -8.575  1.00 54.48 ? 36  GLU A CD  1 
ATOM   307  O OE1 . GLU A 1 36  ? 12.633  6.967   -8.963  1.00 60.76 ? 36  GLU A OE1 1 
ATOM   308  O OE2 . GLU A 1 36  ? 14.729  6.374   -9.293  1.00 61.76 ? 36  GLU A OE2 1 
ATOM   309  N N   . ASP A 1 37  ? 15.504  3.441   -6.227  1.00 25.02 ? 37  ASP A N   1 
ATOM   310  C CA  . ASP A 1 37  ? 16.570  2.622   -6.870  1.00 29.17 ? 37  ASP A CA  1 
ATOM   311  C C   . ASP A 1 37  ? 16.230  1.123   -6.834  1.00 24.01 ? 37  ASP A C   1 
ATOM   312  O O   . ASP A 1 37  ? 17.142  0.282   -6.790  1.00 28.30 ? 37  ASP A O   1 
ATOM   313  C CB  . ASP A 1 37  ? 17.938  2.854   -6.219  1.00 34.84 ? 37  ASP A CB  1 
ATOM   314  C CG  . ASP A 1 37  ? 19.148  2.548   -7.106  1.00 50.27 ? 37  ASP A CG  1 
ATOM   315  O OD1 . ASP A 1 37  ? 19.036  2.671   -8.368  1.00 55.04 ? 37  ASP A OD1 1 
ATOM   316  O OD2 . ASP A 1 37  ? 20.199  2.141   -6.538  1.00 58.03 ? 37  ASP A OD2 1 
ATOM   317  N N   . CYS A 1 38  ? 14.953  0.793   -6.707  1.00 24.85 ? 38  CYS A N   1 
ATOM   318  C CA  . CYS A 1 38  ? 14.425  -0.605  -6.713  1.00 22.05 ? 38  CYS A CA  1 
ATOM   319  C C   . CYS A 1 38  ? 13.664  -0.833  -8.017  1.00 21.43 ? 38  CYS A C   1 
ATOM   320  O O   . CYS A 1 38  ? 12.582  -0.241  -8.274  1.00 22.11 ? 38  CYS A O   1 
ATOM   321  C CB  . CYS A 1 38  ? 13.504  -0.759  -5.513  1.00 21.37 ? 38  CYS A CB  1 
ATOM   322  S SG  . CYS A 1 38  ? 12.549  -2.321  -5.492  1.00 29.34 ? 38  CYS A SG  1 
ATOM   323  N N   . GLY A 1 39  ? 14.276  -1.600  -8.934  1.00 22.48 ? 39  GLY A N   1 
ATOM   324  C CA  . GLY A 1 39  ? 13.668  -1.829  -10.243 1.00 21.42 ? 39  GLY A CA  1 
ATOM   325  C C   . GLY A 1 39  ? 12.269  -2.469  -10.149 1.00 18.92 ? 39  GLY A C   1 
ATOM   326  O O   . GLY A 1 39  ? 11.363  -1.950  -10.766 1.00 21.11 ? 39  GLY A O   1 
ATOM   327  N N   . PRO A 1 40  ? 12.147  -3.593  -9.413  1.00 20.95 ? 40  PRO A N   1 
ATOM   328  C CA  . PRO A 1 40  ? 10.841  -4.255  -9.286  1.00 21.38 ? 40  PRO A CA  1 
ATOM   329  C C   . PRO A 1 40  ? 9.799   -3.353  -8.615  1.00 22.85 ? 40  PRO A C   1 
ATOM   330  O O   . PRO A 1 40  ? 8.631   -3.476  -8.971  1.00 22.50 ? 40  PRO A O   1 
ATOM   331  C CB  . PRO A 1 40  ? 11.156  -5.509  -8.490  1.00 23.13 ? 40  PRO A CB  1 
ATOM   332  C CG  . PRO A 1 40  ? 12.605  -5.799  -8.867  1.00 24.28 ? 40  PRO A CG  1 
ATOM   333  C CD  . PRO A 1 40  ? 13.247  -4.443  -8.950  1.00 23.09 ? 40  PRO A CD  1 
ATOM   334  N N   . CYS A 1 41  ? 10.219  -2.432  -7.758  1.00 21.70 ? 41  CYS A N   1 
ATOM   335  C CA  . CYS A 1 41  ? 9.281   -1.439  -7.155  1.00 23.55 ? 41  CYS A CA  1 
ATOM   336  C C   . CYS A 1 41  ? 8.725   -0.531  -8.236  1.00 21.30 ? 41  CYS A C   1 
ATOM   337  O O   . CYS A 1 41  ? 7.535   -0.272  -8.260  1.00 23.96 ? 41  CYS A O   1 
ATOM   338  C CB  . CYS A 1 41  ? 9.932   -0.544  -6.095  1.00 21.58 ? 41  CYS A CB  1 
ATOM   339  S SG  . CYS A 1 41  ? 10.486  -1.451  -4.654  1.00 24.08 ? 41  CYS A SG  1 
ATOM   340  N N   . LYS A 1 42  ? 9.594   0.054   -9.076  1.00 21.37 ? 42  LYS A N   1 
ATOM   341  C CA  . LYS A 1 42  ? 9.162   0.914   -10.180 1.00 22.48 ? 42  LYS A CA  1 
ATOM   342  C C   . LYS A 1 42  ? 8.309   0.140   -11.170 1.00 21.33 ? 42  LYS A C   1 
ATOM   343  O O   . LYS A 1 42  ? 7.388   0.707   -11.721 1.00 23.01 ? 42  LYS A O   1 
ATOM   344  C CB  . LYS A 1 42  ? 10.374  1.566   -10.847 1.00 24.02 ? 42  LYS A CB  1 
ATOM   345  C CG  . LYS A 1 42  ? 11.076  2.553   -9.923  1.00 27.71 ? 42  LYS A CG  1 
ATOM   346  C CD  . LYS A 1 42  ? 12.272  3.209   -10.514 1.00 30.15 ? 42  LYS A CD  1 
ATOM   347  C CE  . LYS A 1 42  ? 13.496  2.330   -10.413 1.00 32.16 ? 42  LYS A CE  1 
ATOM   348  N NZ  . LYS A 1 42  ? 14.716  3.054   -10.853 1.00 30.96 ? 42  LYS A NZ  1 
ATOM   349  N N   . LEU A 1 43  ? 8.656   -1.130  -11.395 1.00 21.99 ? 43  LEU A N   1 
ATOM   350  C CA  . LEU A 1 43  ? 7.917   -2.011  -12.351 1.00 23.19 ? 43  LEU A CA  1 
ATOM   351  C C   . LEU A 1 43  ? 6.436   -2.023  -11.986 1.00 23.91 ? 43  LEU A C   1 
ATOM   352  O O   . LEU A 1 43  ? 5.619   -1.963  -12.897 1.00 23.68 ? 43  LEU A O   1 
ATOM   353  C CB  . LEU A 1 43  ? 8.517   -3.419  -12.281 1.00 25.48 ? 43  LEU A CB  1 
ATOM   354  C CG  . LEU A 1 43  ? 8.496   -4.351  -13.485 1.00 34.82 ? 43  LEU A CG  1 
ATOM   355  C CD1 . LEU A 1 43  ? 8.345   -5.768  -13.009 1.00 27.69 ? 43  LEU A CD1 1 
ATOM   356  C CD2 . LEU A 1 43  ? 7.586   -3.957  -14.626 1.00 31.52 ? 43  LEU A CD2 1 
ATOM   357  N N   . ILE A 1 44  ? 6.083   -2.067  -10.692 1.00 21.91 ? 44  ILE A N   1 
ATOM   358  C CA  . ILE A 1 44  ? 4.665   -2.297  -10.316 1.00 21.45 ? 44  ILE A CA  1 
ATOM   359  C C   . ILE A 1 44  ? 3.953   -0.984  -9.969  1.00 22.74 ? 44  ILE A C   1 
ATOM   360  O O   . ILE A 1 44  ? 2.800   -1.083  -9.524  1.00 22.29 ? 44  ILE A O   1 
ATOM   361  C CB  . ILE A 1 44  ? 4.554   -3.370  -9.216  1.00 23.39 ? 44  ILE A CB  1 
ATOM   362  C CG1 . ILE A 1 44  ? 5.125   -2.902  -7.879  1.00 22.65 ? 44  ILE A CG1 1 
ATOM   363  C CG2 . ILE A 1 44  ? 5.162   -4.690  -9.691  1.00 27.86 ? 44  ILE A CG2 1 
ATOM   364  C CD1 . ILE A 1 44  ? 4.765   -3.848  -6.757  1.00 27.36 ? 44  ILE A CD1 1 
ATOM   365  N N   . GLU A 1 45  ? 4.572   0.177   -10.148 1.00 22.27 ? 45  GLU A N   1 
ATOM   366  C CA  . GLU A 1 45  ? 3.933   1.490   -9.839  1.00 23.35 ? 45  GLU A CA  1 
ATOM   367  C C   . GLU A 1 45  ? 2.598   1.624   -10.553 1.00 24.32 ? 45  GLU A C   1 
ATOM   368  O O   . GLU A 1 45  ? 1.592   1.923   -9.912  1.00 23.72 ? 45  GLU A O   1 
ATOM   369  C CB  . GLU A 1 45  ? 4.830   2.639   -10.271 1.00 26.39 ? 45  GLU A CB  1 
ATOM   370  C CG  . GLU A 1 45  ? 6.029   2.876   -9.384  1.00 30.68 ? 45  GLU A CG  1 
ATOM   371  C CD  . GLU A 1 45  ? 6.927   4.006   -9.896  1.00 31.40 ? 45  GLU A CD  1 
ATOM   372  O OE1 . GLU A 1 45  ? 8.047   4.227   -9.388  1.00 27.40 ? 45  GLU A OE1 1 
ATOM   373  O OE2 . GLU A 1 45  ? 6.518   4.664   -10.890 1.00 47.28 ? 45  GLU A OE2 1 
ATOM   374  N N   . GLU A 1 46  ? 2.563   1.360   -11.862 1.00 26.56 ? 46  GLU A N   1 
ATOM   375  C CA  . GLU A 1 46  ? 1.326   1.602   -12.642 1.00 30.84 ? 46  GLU A CA  1 
ATOM   376  C C   . GLU A 1 46  ? 0.263   0.568   -12.290 1.00 26.72 ? 46  GLU A C   1 
ATOM   377  O O   . GLU A 1 46  ? -0.883  0.946   -12.052 1.00 26.39 ? 46  GLU A O   1 
ATOM   378  C CB  . GLU A 1 46  ? 1.647   1.689   -14.136 1.00 36.76 ? 46  GLU A CB  1 
ATOM   379  C CG  . GLU A 1 46  ? 2.255   3.025   -14.517 1.00 46.41 ? 46  GLU A CG  1 
ATOM   380  C CD  . GLU A 1 46  ? 1.394   4.215   -14.118 1.00 52.38 ? 46  GLU A CD  1 
ATOM   381  O OE1 . GLU A 1 46  ? 0.189   4.186   -14.433 1.00 53.64 ? 46  GLU A OE1 1 
ATOM   382  O OE2 . GLU A 1 46  ? 1.917   5.139   -13.445 1.00 63.16 ? 46  GLU A OE2 1 
ATOM   383  N N   . PRO A 1 47  ? 0.556   -0.754  -12.190 1.00 25.59 ? 47  PRO A N   1 
ATOM   384  C CA  . PRO A 1 47  ? -0.430  -1.710  -11.712 1.00 25.43 ? 47  PRO A CA  1 
ATOM   385  C C   . PRO A 1 47  ? -1.004  -1.311  -10.346 1.00 27.15 ? 47  PRO A C   1 
ATOM   386  O O   . PRO A 1 47  ? -2.170  -1.455  -10.129 1.00 25.50 ? 47  PRO A O   1 
ATOM   387  C CB  . PRO A 1 47  ? 0.263   -3.076  -11.687 1.00 28.45 ? 47  PRO A CB  1 
ATOM   388  C CG  . PRO A 1 47  ? 1.539   -2.877  -12.482 1.00 30.77 ? 47  PRO A CG  1 
ATOM   389  C CD  . PRO A 1 47  ? 1.781   -1.403  -12.653 1.00 27.74 ? 47  PRO A CD  1 
ATOM   390  N N   . LEU A 1 48  ? -0.163  -0.789  -9.439  1.00 22.92 ? 48  LEU A N   1 
ATOM   391  C CA  . LEU A 1 48  ? -0.719  -0.426  -8.111  1.00 22.08 ? 48  LEU A CA  1 
ATOM   392  C C   . LEU A 1 48  ? -1.538  0.863   -8.186  1.00 20.62 ? 48  LEU A C   1 
ATOM   393  O O   . LEU A 1 48  ? -2.565  0.918   -7.512  1.00 21.43 ? 48  LEU A O   1 
ATOM   394  C CB  . LEU A 1 48  ? 0.428   -0.352  -7.098  1.00 22.36 ? 48  LEU A CB  1 
ATOM   395  C CG  . LEU A 1 48  ? 0.640   -1.653  -6.313  1.00 28.50 ? 48  LEU A CG  1 
ATOM   396  C CD1 . LEU A 1 48  ? 0.888   -2.859  -7.180  1.00 27.47 ? 48  LEU A CD1 1 
ATOM   397  C CD2 . LEU A 1 48  ? 1.749   -1.540  -5.325  1.00 33.05 ? 48  LEU A CD2 1 
ATOM   398  N N   . ARG A 1 49  ? -1.186  1.815   -9.027  1.00 24.65 ? 49  ARG A N   1 
ATOM   399  C CA  . ARG A 1 49  ? -1.983  3.048   -9.243  1.00 25.72 ? 49  ARG A CA  1 
ATOM   400  C C   . ARG A 1 49  ? -3.367  2.643   -9.773  1.00 24.90 ? 49  ARG A C   1 
ATOM   401  O O   . ARG A 1 49  ? -4.374  3.153   -9.275  1.00 27.05 ? 49  ARG A O   1 
ATOM   402  C CB  . ARG A 1 49  ? -1.234  3.954   -10.219 1.00 30.12 ? 49  ARG A CB  1 
ATOM   403  C CG  . ARG A 1 49  ? -1.903  5.303   -10.447 1.00 40.40 ? 49  ARG A CG  1 
ATOM   404  C CD  . ARG A 1 49  ? -1.559  5.926   -11.802 1.00 47.40 ? 49  ARG A CD  1 
ATOM   405  N NE  . ARG A 1 49  ? -2.690  5.897   -12.735 1.00 57.34 ? 49  ARG A NE  1 
ATOM   406  C CZ  . ARG A 1 49  ? -2.853  5.057   -13.761 1.00 63.95 ? 49  ARG A CZ  1 
ATOM   407  N NH1 . ARG A 1 49  ? -1.956  4.127   -14.040 1.00 71.49 ? 49  ARG A NH1 1 
ATOM   408  N NH2 . ARG A 1 49  ? -3.935  5.146   -14.514 1.00 68.29 ? 49  ARG A NH2 1 
ATOM   409  N N   . LYS A 1 50  ? -3.405  1.755   -10.762 1.00 26.88 ? 50  LYS A N   1 
ATOM   410  C CA  . LYS A 1 50  ? -4.671  1.241   -11.333 1.00 28.82 ? 50  LYS A CA  1 
ATOM   411  C C   . LYS A 1 50  ? -5.489  0.492   -10.289 1.00 27.69 ? 50  LYS A C   1 
ATOM   412  O O   . LYS A 1 50  ? -6.723  0.693   -10.229 1.00 29.72 ? 50  LYS A O   1 
ATOM   413  C CB  . LYS A 1 50  ? -4.364  0.366   -12.552 1.00 29.90 ? 50  LYS A CB  1 
ATOM   414  C CG  . LYS A 1 50  ? -3.788  1.149   -13.717 1.00 37.22 ? 50  LYS A CG  1 
ATOM   415  C CD  . LYS A 1 50  ? -3.486  0.305   -14.946 1.00 42.49 ? 50  LYS A CD  1 
ATOM   416  C CE  . LYS A 1 50  ? -2.676  1.090   -15.956 1.00 48.62 ? 50  LYS A CE  1 
ATOM   417  N NZ  . LYS A 1 50  ? -2.295  0.251   -17.111 1.00 53.72 ? 50  LYS A NZ  1 
ATOM   418  N N   . MET A 1 51  ? -4.828  -0.315  -9.455  1.00 26.46 ? 51  MET A N   1 
ATOM   419  C CA  . MET A 1 51  ? -5.497  -1.101  -8.419  1.00 23.96 ? 51  MET A CA  1 
ATOM   420  C C   . MET A 1 51  ? -6.191  -0.151  -7.420  1.00 24.07 ? 51  MET A C   1 
ATOM   421  O O   . MET A 1 51  ? -7.328  -0.445  -6.995  1.00 23.75 ? 51  MET A O   1 
ATOM   422  C CB  . MET A 1 51  ? -4.489  -2.030  -7.738  1.00 24.06 ? 51  MET A CB  1 
ATOM   423  C CG  . MET A 1 51  ? -5.162  -3.176  -7.076  1.00 27.21 ? 51  MET A CG  1 
ATOM   424  S SD  . MET A 1 51  ? -3.989  -4.175  -6.152  1.00 27.27 ? 51  MET A SD  1 
ATOM   425  C CE  . MET A 1 51  ? -2.883  -4.691  -7.463  1.00 27.15 ? 51  MET A CE  1 
ATOM   426  N N   . ALA A 1 52  ? -5.579  0.973   -7.067  1.00 24.08 ? 52  ALA A N   1 
ATOM   427  C CA  . ALA A 1 52  ? -6.197  1.936   -6.129  1.00 26.13 ? 52  ALA A CA  1 
ATOM   428  C C   . ALA A 1 52  ? -7.466  2.522   -6.749  1.00 28.58 ? 52  ALA A C   1 
ATOM   429  O O   . ALA A 1 52  ? -8.487  2.634   -6.036  1.00 29.16 ? 52  ALA A O   1 
ATOM   430  C CB  . ALA A 1 52  ? -5.197  2.973   -5.755  1.00 26.82 ? 52  ALA A CB  1 
ATOM   431  N N   . GLU A 1 53  ? -7.449  2.697   -8.071  1.00 28.78 ? 53  GLU A N   1 
ATOM   432  C CA  . GLU A 1 53  ? -8.634  3.257   -8.771  1.00 29.45 ? 53  GLU A CA  1 
ATOM   433  C C   . GLU A 1 53  ? -9.714  2.183   -8.827  1.00 30.69 ? 53  GLU A C   1 
ATOM   434  O O   . GLU A 1 53  ? -10.907 2.536   -8.739  1.00 32.83 ? 53  GLU A O   1 
ATOM   435  C CB  . GLU A 1 53  ? -8.247  3.771   -10.148 1.00 33.33 ? 53  GLU A CB  1 
ATOM   436  C CG  . GLU A 1 53  ? -7.316  4.956   -10.102 1.00 36.84 ? 53  GLU A CG  1 
ATOM   437  C CD  . GLU A 1 53  ? -6.783  5.427   -11.446 1.00 46.71 ? 53  GLU A CD  1 
ATOM   438  O OE1 . GLU A 1 53  ? -6.248  6.539   -11.476 1.00 53.41 ? 53  GLU A OE1 1 
ATOM   439  O OE2 . GLU A 1 53  ? -6.902  4.677   -12.463 1.00 49.42 ? 53  GLU A OE2 1 
ATOM   440  N N   . GLU A 1 54  ? -9.336  0.919   -8.957  1.00 28.60 ? 54  GLU A N   1 
ATOM   441  C CA  . GLU A 1 54  ? -10.240 -0.232  -9.115  1.00 29.78 ? 54  GLU A CA  1 
ATOM   442  C C   . GLU A 1 54  ? -10.973 -0.476  -7.804  1.00 29.17 ? 54  GLU A C   1 
ATOM   443  O O   . GLU A 1 54  ? -12.075 -0.921  -7.870  1.00 31.39 ? 54  GLU A O   1 
ATOM   444  C CB  . GLU A 1 54  ? -9.495  -1.463  -9.628  1.00 34.80 ? 54  GLU A CB  1 
ATOM   445  C CG  . GLU A 1 54  ? -10.285 -2.759  -9.511  1.00 38.81 ? 54  GLU A CG  1 
ATOM   446  C CD  . GLU A 1 54  ? -9.642  -3.985  -10.148 1.00 44.65 ? 54  GLU A CD  1 
ATOM   447  O OE1 . GLU A 1 54  ? -8.472  -3.885  -10.583 1.00 49.62 ? 54  GLU A OE1 1 
ATOM   448  O OE2 . GLU A 1 54  ? -10.316 -5.043  -10.204 1.00 48.83 ? 54  GLU A OE2 1 
ATOM   449  N N   . PHE A 1 55  ? -10.347 -0.208  -6.631  1.00 25.86 ? 55  PHE A N   1 
ATOM   450  C CA  . PHE A 1 55  ? -10.898 -0.476  -5.288  1.00 27.85 ? 55  PHE A CA  1 
ATOM   451  C C   . PHE A 1 55  ? -10.953 0.821   -4.497  1.00 29.25 ? 55  PHE A C   1 
ATOM   452  O O   . PHE A 1 55  ? -10.185 1.019   -3.545  1.00 24.86 ? 55  PHE A O   1 
ATOM   453  C CB  . PHE A 1 55  ? -10.023 -1.494  -4.537  1.00 28.37 ? 55  PHE A CB  1 
ATOM   454  C CG  . PHE A 1 55  ? -9.865  -2.798  -5.277  1.00 30.15 ? 55  PHE A CG  1 
ATOM   455  C CD1 . PHE A 1 55  ? -10.875 -3.729  -5.286  1.00 27.70 ? 55  PHE A CD1 1 
ATOM   456  C CD2 . PHE A 1 55  ? -8.754  -3.040  -6.070  1.00 37.62 ? 55  PHE A CD2 1 
ATOM   457  C CE1 . PHE A 1 55  ? -10.756 -4.904  -6.005  1.00 31.23 ? 55  PHE A CE1 1 
ATOM   458  C CE2 . PHE A 1 55  ? -8.625  -4.225  -6.782  1.00 40.65 ? 55  PHE A CE2 1 
ATOM   459  C CZ  . PHE A 1 55  ? -9.633  -5.159  -6.750  1.00 38.01 ? 55  PHE A CZ  1 
ATOM   460  N N   . PRO A 1 56  ? -11.851 1.762   -4.860  1.00 27.28 ? 56  PRO A N   1 
ATOM   461  C CA  . PRO A 1 56  ? -11.968 3.010   -4.115  1.00 28.95 ? 56  PRO A CA  1 
ATOM   462  C C   . PRO A 1 56  ? -12.422 2.836   -2.660  1.00 24.18 ? 56  PRO A C   1 
ATOM   463  O O   . PRO A 1 56  ? -12.216 3.759   -1.923  1.00 26.58 ? 56  PRO A O   1 
ATOM   464  C CB  . PRO A 1 56  ? -13.055 3.806   -4.878  1.00 33.60 ? 56  PRO A CB  1 
ATOM   465  C CG  . PRO A 1 56  ? -13.782 2.759   -5.668  1.00 33.27 ? 56  PRO A CG  1 
ATOM   466  C CD  . PRO A 1 56  ? -12.750 1.712   -6.045  1.00 28.81 ? 56  PRO A CD  1 
ATOM   467  N N   . ASN A 1 57  ? -12.897 1.667   -2.220  1.00 24.83 ? 57  ASN A N   1 
ATOM   468  C CA  . ASN A 1 57  ? -13.290 1.364   -0.843  1.00 25.36 ? 57  ASN A CA  1 
ATOM   469  C C   . ASN A 1 57  ? -12.067 1.052   0.043   1.00 24.96 ? 57  ASN A C   1 
ATOM   470  O O   . ASN A 1 57  ? -12.216 0.817   1.252   1.00 28.96 ? 57  ASN A O   1 
ATOM   471  C CB  . ASN A 1 57  ? -14.370 0.272   -0.881  1.00 33.58 ? 57  ASN A CB  1 
ATOM   472  C CG  . ASN A 1 57  ? -14.149 -0.885  -1.862  1.00 40.11 ? 57  ASN A CG  1 
ATOM   473  O OD1 . ASN A 1 57  ? -13.469 -0.813  -2.901  1.00 35.91 ? 57  ASN A OD1 1 
ATOM   474  N ND2 . ASN A 1 57  ? -14.825 -1.988  -1.574  1.00 49.67 ? 57  ASN A ND2 1 
ATOM   475  N N   . VAL A 1 58  ? -10.884 1.007   -0.577  1.00 21.19 ? 58  VAL A N   1 
ATOM   476  C CA  . VAL A 1 58  ? -9.622  0.608   0.077   1.00 20.76 ? 58  VAL A CA  1 
ATOM   477  C C   . VAL A 1 58  ? -8.661  1.783   0.027   1.00 19.98 ? 58  VAL A C   1 
ATOM   478  O O   . VAL A 1 58  ? -8.552  2.478   -0.955  1.00 21.49 ? 58  VAL A O   1 
ATOM   479  C CB  . VAL A 1 58  ? -9.041  -0.621  -0.638  1.00 18.86 ? 58  VAL A CB  1 
ATOM   480  C CG1 . VAL A 1 58  ? -7.695  -1.025  -0.048  1.00 20.46 ? 58  VAL A CG1 1 
ATOM   481  C CG2 . VAL A 1 58  ? -10.019 -1.776  -0.537  1.00 20.23 ? 58  VAL A CG2 1 
ATOM   482  N N   . VAL A 1 59  ? -7.930  1.998   1.123   1.00 18.33 ? 59  VAL A N   1 
ATOM   483  C CA  . VAL A 1 59  ? -6.872  3.034   1.127   1.00 19.84 ? 59  VAL A CA  1 
ATOM   484  C C   . VAL A 1 59  ? -5.598  2.364   0.623   1.00 20.16 ? 59  VAL A C   1 
ATOM   485  O O   . VAL A 1 59  ? -5.190  1.352   1.236   1.00 19.98 ? 59  VAL A O   1 
ATOM   486  C CB  . VAL A 1 59  ? -6.660  3.589   2.544   1.00 19.72 ? 59  VAL A CB  1 
ATOM   487  C CG1 . VAL A 1 59  ? -5.397  4.407   2.675   1.00 19.41 ? 59  VAL A CG1 1 
ATOM   488  C CG2 . VAL A 1 59  ? -7.867  4.434   2.946   1.00 21.10 ? 59  VAL A CG2 1 
ATOM   489  N N   . PHE A 1 60  ? -4.932  2.993   -0.343  1.00 18.42 ? 60  PHE A N   1 
ATOM   490  C CA  . PHE A 1 60  ? -3.603  2.565   -0.828  1.00 18.18 ? 60  PHE A CA  1 
ATOM   491  C C   . PHE A 1 60  ? -2.590  3.619   -0.445  1.00 19.29 ? 60  PHE A C   1 
ATOM   492  O O   . PHE A 1 60  ? -2.718  4.773   -0.916  1.00 21.26 ? 60  PHE A O   1 
ATOM   493  C CB  . PHE A 1 60  ? -3.604  2.332   -2.343  1.00 19.43 ? 60  PHE A CB  1 
ATOM   494  C CG  . PHE A 1 60  ? -4.263  1.036   -2.763  1.00 19.60 ? 60  PHE A CG  1 
ATOM   495  C CD1 . PHE A 1 60  ? -5.636  0.909   -2.741  1.00 24.17 ? 60  PHE A CD1 1 
ATOM   496  C CD2 . PHE A 1 60  ? -3.503  -0.040  -3.200  1.00 23.31 ? 60  PHE A CD2 1 
ATOM   497  C CE1 . PHE A 1 60  ? -6.230  -0.275  -3.151  1.00 22.99 ? 60  PHE A CE1 1 
ATOM   498  C CE2 . PHE A 1 60  ? -4.099  -1.237  -3.567  1.00 23.80 ? 60  PHE A CE2 1 
ATOM   499  C CZ  . PHE A 1 60  ? -5.453  -1.329  -3.571  1.00 23.72 ? 60  PHE A CZ  1 
ATOM   500  N N   . ALA A 1 61  ? -1.639  3.224   0.401   1.00 16.54 ? 61  ALA A N   1 
ATOM   501  C CA  . ALA A 1 61  ? -0.586  4.114   0.894   1.00 17.37 ? 61  ALA A CA  1 
ATOM   502  C C   . ALA A 1 61  ? 0.761   3.595   0.449   1.00 17.60 ? 61  ALA A C   1 
ATOM   503  O O   . ALA A 1 61  ? 0.964   2.386   0.347   1.00 20.23 ? 61  ALA A O   1 
ATOM   504  C CB  . ALA A 1 61  ? -0.642  4.194   2.385   1.00 18.29 ? 61  ALA A CB  1 
ATOM   505  N N   . ARG A 1 62  ? 1.648   4.499   0.100   1.00 15.70 ? 62  ARG A N   1 
ATOM   506  C CA  . ARG A 1 62  ? 3.004   4.158   -0.323  1.00 16.27 ? 62  ARG A CA  1 
ATOM   507  C C   . ARG A 1 62  ? 3.981   4.685   0.728   1.00 16.67 ? 62  ARG A C   1 
ATOM   508  O O   . ARG A 1 62  ? 3.986   5.901   1.050   1.00 17.44 ? 62  ARG A O   1 
ATOM   509  C CB  . ARG A 1 62  ? 3.328   4.680   -1.724  1.00 17.82 ? 62  ARG A CB  1 
ATOM   510  C CG  . ARG A 1 62  ? 4.727   4.265   -2.131  1.00 20.39 ? 62  ARG A CG  1 
ATOM   511  C CD  . ARG A 1 62  ? 5.125   4.516   -3.557  1.00 24.26 ? 62  ARG A CD  1 
ATOM   512  N NE  . ARG A 1 62  ? 4.872   5.868   -4.020  1.00 24.53 ? 62  ARG A NE  1 
ATOM   513  C CZ  . ARG A 1 62  ? 5.000   6.188   -5.306  1.00 30.71 ? 62  ARG A CZ  1 
ATOM   514  N NH1 . ARG A 1 62  ? 5.591   5.353   -6.145  1.00 30.09 ? 62  ARG A NH1 1 
ATOM   515  N NH2 . ARG A 1 62  ? 4.558   7.346   -5.752  1.00 32.36 ? 62  ARG A NH2 1 
ATOM   516  N N   . VAL A 1 63  ? 4.887   3.816   1.145   1.00 16.43 ? 63  VAL A N   1 
ATOM   517  C CA  . VAL A 1 63  ? 6.026   4.171   2.004   1.00 16.44 ? 63  VAL A CA  1 
ATOM   518  C C   . VAL A 1 63  ? 7.268   4.182   1.154   1.00 16.46 ? 63  VAL A C   1 
ATOM   519  O O   . VAL A 1 63  ? 7.596   3.175   0.519   1.00 16.73 ? 63  VAL A O   1 
ATOM   520  C CB  . VAL A 1 63  ? 6.155   3.159   3.150   1.00 17.45 ? 63  VAL A CB  1 
ATOM   521  C CG1 . VAL A 1 63  ? 7.427   3.469   3.948   1.00 18.78 ? 63  VAL A CG1 1 
ATOM   522  C CG2 . VAL A 1 63  ? 4.929   3.188   4.068   1.00 19.13 ? 63  VAL A CG2 1 
ATOM   523  N N   . ASP A 1 64  ? 8.000   5.288   1.197   1.00 18.12 ? 64  ASP A N   1 
ATOM   524  C CA  . ASP A 1 64  ? 9.320   5.390   0.552   1.00 18.67 ? 64  ASP A CA  1 
ATOM   525  C C   . ASP A 1 64  ? 10.342  4.854   1.548   1.00 17.64 ? 64  ASP A C   1 
ATOM   526  O O   . ASP A 1 64  ? 10.588  5.472   2.619   1.00 18.35 ? 64  ASP A O   1 
ATOM   527  C CB  . ASP A 1 64  ? 9.579   6.840   0.186   1.00 20.72 ? 64  ASP A CB  1 
ATOM   528  C CG  . ASP A 1 64  ? 10.939  7.048   -0.435  1.00 20.53 ? 64  ASP A CG  1 
ATOM   529  O OD1 . ASP A 1 64  ? 11.846  6.201   -0.308  1.00 21.84 ? 64  ASP A OD1 1 
ATOM   530  O OD2 . ASP A 1 64  ? 11.065  8.076   -1.155  1.00 23.97 ? 64  ASP A OD2 1 
ATOM   531  N N   . ALA A 1 65  ? 10.877  3.663   1.284   1.00 18.35 ? 65  ALA A N   1 
ATOM   532  C CA  . ALA A 1 65  ? 11.765  2.960   2.191   1.00 18.26 ? 65  ALA A CA  1 
ATOM   533  C C   . ALA A 1 65  ? 13.049  3.761   2.447   1.00 19.24 ? 65  ALA A C   1 
ATOM   534  O O   . ALA A 1 65  ? 13.692  3.538   3.474   1.00 22.40 ? 65  ALA A O   1 
ATOM   535  C CB  . ALA A 1 65  ? 12.064  1.601   1.607   1.00 20.52 ? 65  ALA A CB  1 
ATOM   536  N N   . ASP A 1 66  ? 13.488  4.574   1.499   1.00 21.56 ? 66  ASP A N   1 
ATOM   537  C CA  . ASP A 1 66  ? 14.703  5.398   1.729   1.00 23.53 ? 66  ASP A CA  1 
ATOM   538  C C   . ASP A 1 66  ? 14.396  6.580   2.622   1.00 24.54 ? 66  ASP A C   1 
ATOM   539  O O   . ASP A 1 66  ? 15.283  6.931   3.396   1.00 28.48 ? 66  ASP A O   1 
ATOM   540  C CB  . ASP A 1 66  ? 15.271  5.916   0.416   1.00 25.01 ? 66  ASP A CB  1 
ATOM   541  C CG  . ASP A 1 66  ? 15.845  4.812   -0.440  1.00 28.77 ? 66  ASP A CG  1 
ATOM   542  O OD1 . ASP A 1 66  ? 16.387  3.853   0.119   1.00 35.26 ? 66  ASP A OD1 1 
ATOM   543  O OD2 . ASP A 1 66  ? 15.678  4.914   -1.633  1.00 35.33 ? 66  ASP A OD2 1 
ATOM   544  N N   . LYS A 1 67  ? 13.210  7.150   2.567   1.00 20.90 ? 67  LYS A N   1 
ATOM   545  C CA  . LYS A 1 67  ? 12.858  8.338   3.376   1.00 23.11 ? 67  LYS A CA  1 
ATOM   546  C C   . LYS A 1 67  ? 12.450  7.887   4.768   1.00 22.48 ? 67  LYS A C   1 
ATOM   547  O O   . LYS A 1 67  ? 12.663  8.648   5.732   1.00 25.52 ? 67  LYS A O   1 
ATOM   548  C CB  . LYS A 1 67  ? 11.763  9.153   2.701   1.00 27.01 ? 67  LYS A CB  1 
ATOM   549  C CG  . LYS A 1 67  ? 12.229  9.835   1.423   1.00 36.49 ? 67  LYS A CG  1 
ATOM   550  C CD  . LYS A 1 67  ? 11.167  10.700  0.789   1.00 39.85 ? 67  LYS A CD  1 
ATOM   551  C CE  . LYS A 1 67  ? 11.700  11.484  -0.391  1.00 43.79 ? 67  LYS A CE  1 
ATOM   552  N NZ  . LYS A 1 67  ? 10.614  12.221  -1.090  1.00 44.98 ? 67  LYS A NZ  1 
ATOM   553  N N   . ASN A 1 68  ? 11.833  6.703   4.900   1.00 19.80 ? 68  ASN A N   1 
ATOM   554  C CA  . ASN A 1 68  ? 11.235  6.275   6.181   1.00 19.46 ? 68  ASN A CA  1 
ATOM   555  C C   . ASN A 1 68  ? 11.694  4.858   6.508   1.00 18.33 ? 68  ASN A C   1 
ATOM   556  O O   . ASN A 1 68  ? 10.866  3.937   6.694   1.00 18.17 ? 68  ASN A O   1 
ATOM   557  C CB  . ASN A 1 68  ? 9.718   6.441   6.170   1.00 20.75 ? 68  ASN A CB  1 
ATOM   558  C CG  . ASN A 1 68  ? 9.335   7.910   6.140   1.00 22.46 ? 68  ASN A CG  1 
ATOM   559  O OD1 . ASN A 1 68  ? 9.438   8.617   7.175   1.00 27.92 ? 68  ASN A OD1 1 
ATOM   560  N ND2 . ASN A 1 68  ? 9.016   8.373   4.962   1.00 22.66 ? 68  ASN A ND2 1 
ATOM   561  N N   . PRO A 1 69  ? 13.021  4.648   6.640   1.00 19.43 ? 69  PRO A N   1 
ATOM   562  C CA  . PRO A 1 69  ? 13.545  3.323   6.985   1.00 20.75 ? 69  PRO A CA  1 
ATOM   563  C C   . PRO A 1 69  ? 13.009  2.804   8.328   1.00 18.63 ? 69  PRO A C   1 
ATOM   564  O O   . PRO A 1 69  ? 12.946  1.574   8.515   1.00 21.72 ? 69  PRO A O   1 
ATOM   565  C CB  . PRO A 1 69  ? 15.067  3.550   7.008   1.00 23.67 ? 69  PRO A CB  1 
ATOM   566  C CG  . PRO A 1 69  ? 15.203  4.995   7.275   1.00 23.83 ? 69  PRO A CG  1 
ATOM   567  C CD  . PRO A 1 69  ? 14.073  5.669   6.521   1.00 21.44 ? 69  PRO A CD  1 
ATOM   568  N N   . GLU A 1 70  ? 12.606  3.709   9.234   1.00 18.92 ? 70  GLU A N   1 
ATOM   569  C CA  . GLU A 1 70  ? 12.035  3.305   10.527  1.00 19.11 ? 70  GLU A CA  1 
ATOM   570  C C   . GLU A 1 70  ? 10.773  2.467   10.327  1.00 17.86 ? 70  GLU A C   1 
ATOM   571  O O   . GLU A 1 70  ? 10.471  1.583   11.122  1.00 19.22 ? 70  GLU A O   1 
ATOM   572  C CB  . GLU A 1 70  ? 11.782  4.475   11.460  1.00 20.08 ? 70  GLU A CB  1 
ATOM   573  C CG  . GLU A 1 70  ? 10.758  5.477   11.010  1.00 20.10 ? 70  GLU A CG  1 
ATOM   574  C CD  . GLU A 1 70  ? 11.168  6.409   9.880   1.00 21.10 ? 70  GLU A CD  1 
ATOM   575  O OE1 . GLU A 1 70  ? 12.256  6.357   9.304   1.00 22.60 ? 70  GLU A OE1 1 
ATOM   576  O OE2 . GLU A 1 70  ? 10.293  7.259   9.570   1.00 28.43 ? 70  GLU A OE2 1 
ATOM   577  N N   . ILE A 1 71  ? 9.948   2.769   9.299   1.00 17.41 ? 71  ILE A N   1 
ATOM   578  C CA  . ILE A 1 71  ? 8.717   1.988   9.089   1.00 17.73 ? 71  ILE A CA  1 
ATOM   579  C C   . ILE A 1 71  ? 9.091   0.589   8.570   1.00 16.69 ? 71  ILE A C   1 
ATOM   580  O O   . ILE A 1 71  ? 8.456   -0.402  8.976   1.00 17.64 ? 71  ILE A O   1 
ATOM   581  C CB  . ILE A 1 71  ? 7.816   2.746   8.079   1.00 16.80 ? 71  ILE A CB  1 
ATOM   582  C CG1 . ILE A 1 71  ? 7.457   4.133   8.596   1.00 18.85 ? 71  ILE A CG1 1 
ATOM   583  C CG2 . ILE A 1 71  ? 6.559   1.936   7.883   1.00 17.41 ? 71  ILE A CG2 1 
ATOM   584  C CD1 . ILE A 1 71  ? 6.566   4.974   7.626   1.00 18.19 ? 71  ILE A CD1 1 
ATOM   585  N N   . VAL A 1 72  ? 10.064  0.531   7.662   1.00 18.00 ? 72  VAL A N   1 
ATOM   586  C CA  . VAL A 1 72  ? 10.620  -0.753  7.180   1.00 18.05 ? 72  VAL A CA  1 
ATOM   587  C C   . VAL A 1 72  ? 11.065  -1.605  8.389   1.00 18.18 ? 72  VAL A C   1 
ATOM   588  O O   . VAL A 1 72  ? 10.747  -2.775  8.440   1.00 20.15 ? 72  VAL A O   1 
ATOM   589  C CB  . VAL A 1 72  ? 11.768  -0.491  6.202   1.00 20.59 ? 72  VAL A CB  1 
ATOM   590  C CG1 . VAL A 1 72  ? 12.489  -1.762  5.842   1.00 23.92 ? 72  VAL A CG1 1 
ATOM   591  C CG2 . VAL A 1 72  ? 11.241  0.180   4.940   1.00 22.27 ? 72  VAL A CG2 1 
ATOM   592  N N   . LYS A 1 73  ? 11.825  -1.004  9.284   1.00 19.95 ? 73  LYS A N   1 
ATOM   593  C CA  . LYS A 1 73  ? 12.354  -1.788  10.426  1.00 20.49 ? 73  LYS A CA  1 
ATOM   594  C C   . LYS A 1 73  ? 11.245  -2.166  11.393  1.00 19.78 ? 73  LYS A C   1 
ATOM   595  O O   . LYS A 1 73  ? 11.273  -3.253  11.952  1.00 22.70 ? 73  LYS A O   1 
ATOM   596  C CB  . LYS A 1 73  ? 13.453  -0.998  11.120  1.00 21.32 ? 73  LYS A CB  1 
ATOM   597  C CG  . LYS A 1 73  ? 14.693  -0.801  10.276  1.00 26.68 ? 73  LYS A CG  1 
ATOM   598  C CD  . LYS A 1 73  ? 15.350  -2.061  9.777   1.00 32.29 ? 73  LYS A CD  1 
ATOM   599  C CE  . LYS A 1 73  ? 16.654  -1.749  9.070   1.00 40.47 ? 73  LYS A CE  1 
ATOM   600  N NZ  . LYS A 1 73  ? 16.490  -1.876  7.603   1.00 48.74 ? 73  LYS A NZ  1 
ATOM   601  N N   . LYS A 1 74  ? 10.237  -1.325  11.553  1.00 18.53 ? 74  LYS A N   1 
ATOM   602  C CA  . LYS A 1 74  ? 9.142   -1.642  12.476  1.00 18.87 ? 74  LYS A CA  1 
ATOM   603  C C   . LYS A 1 74  ? 8.388   -2.904  12.055  1.00 18.68 ? 74  LYS A C   1 
ATOM   604  O O   . LYS A 1 74  ? 8.051   -3.734  12.922  1.00 21.45 ? 74  LYS A O   1 
ATOM   605  C CB  . LYS A 1 74  ? 8.185   -0.464  12.595  1.00 20.76 ? 74  LYS A CB  1 
ATOM   606  C CG  . LYS A 1 74  ? 7.120   -0.650  13.667  1.00 23.82 ? 74  LYS A CG  1 
ATOM   607  C CD  . LYS A 1 74  ? 6.125   0.523   13.765  1.00 26.49 ? 74  LYS A CD  1 
ATOM   608  C CE  . LYS A 1 74  ? 4.917   0.138   14.600  1.00 32.56 ? 74  LYS A CE  1 
ATOM   609  N NZ  . LYS A 1 74  ? 3.968   1.262   14.794  1.00 34.87 ? 74  LYS A NZ  1 
ATOM   610  N N   . LEU A 1 75  ? 8.226   -3.101  10.742  1.00 19.33 ? 75  LEU A N   1 
ATOM   611  C CA  . LEU A 1 75  ? 7.566   -4.310  10.205  1.00 20.22 ? 75  LEU A CA  1 
ATOM   612  C C   . LEU A 1 75  ? 8.575   -5.384  9.812   1.00 22.35 ? 75  LEU A C   1 
ATOM   613  O O   . LEU A 1 75  ? 8.133   -6.458  9.368   1.00 24.55 ? 75  LEU A O   1 
ATOM   614  C CB  . LEU A 1 75  ? 6.696   -3.885  9.025   1.00 21.83 ? 75  LEU A CB  1 
ATOM   615  C CG  . LEU A 1 75  ? 5.366   -3.229  9.378   1.00 22.38 ? 75  LEU A CG  1 
ATOM   616  C CD1 . LEU A 1 75  ? 5.465   -1.954  10.193  1.00 28.91 ? 75  LEU A CD1 1 
ATOM   617  C CD2 . LEU A 1 75  ? 4.583   -3.004  8.076   1.00 23.92 ? 75  LEU A CD2 1 
ATOM   618  N N   . ASN A 1 76  ? 9.864   -5.138  10.000  1.00 21.62 ? 76  ASN A N   1 
ATOM   619  C CA  . ASN A 1 76  ? 10.950  -6.071  9.629   1.00 23.09 ? 76  ASN A CA  1 
ATOM   620  C C   . ASN A 1 76  ? 10.782  -6.465  8.159   1.00 23.98 ? 76  ASN A C   1 
ATOM   621  O O   . ASN A 1 76  ? 10.956  -7.648  7.837   1.00 25.18 ? 76  ASN A O   1 
ATOM   622  C CB  . ASN A 1 76  ? 10.943  -7.265  10.587  1.00 26.11 ? 76  ASN A CB  1 
ATOM   623  C CG  . ASN A 1 76  ? 12.241  -8.046  10.575  1.00 29.42 ? 76  ASN A CG  1 
ATOM   624  O OD1 . ASN A 1 76  ? 13.303  -7.489  10.324  1.00 32.18 ? 76  ASN A OD1 1 
ATOM   625  N ND2 . ASN A 1 76  ? 12.127  -9.353  10.759  1.00 35.80 ? 76  ASN A ND2 1 
ATOM   626  N N   . ILE A 1 77  ? 10.471  -5.513  7.284   1.00 22.21 ? 77  ILE A N   1 
ATOM   627  C CA  . ILE A 1 77  ? 10.425  -5.715  5.806   1.00 23.83 ? 77  ILE A CA  1 
ATOM   628  C C   . ILE A 1 77  ? 11.859  -6.021  5.322   1.00 26.04 ? 77  ILE A C   1 
ATOM   629  O O   . ILE A 1 77  ? 12.807  -5.265  5.617   1.00 26.61 ? 77  ILE A O   1 
ATOM   630  C CB  . ILE A 1 77  ? 9.850   -4.468  5.077   1.00 25.06 ? 77  ILE A CB  1 
ATOM   631  C CG1 . ILE A 1 77  ? 8.484   -3.959  5.556   1.00 29.98 ? 77  ILE A CG1 1 
ATOM   632  C CG2 . ILE A 1 77  ? 9.812   -4.614  3.566   1.00 26.88 ? 77  ILE A CG2 1 
ATOM   633  C CD1 . ILE A 1 77  ? 7.417   -4.931  5.484   1.00 31.11 ? 77  ILE A CD1 1 
ATOM   634  N N   . LYS A 1 78  ? 12.030  -7.130  4.592   1.00 28.81 ? 78  LYS A N   1 
ATOM   635  C CA  . LYS A 1 78  ? 13.377  -7.580  4.143   1.00 32.25 ? 78  LYS A CA  1 
ATOM   636  C C   . LYS A 1 78  ? 13.571  -7.461  2.635   1.00 32.41 ? 78  LYS A C   1 
ATOM   637  O O   . LYS A 1 78  ? 14.728  -7.546  2.187   1.00 34.27 ? 78  LYS A O   1 
ATOM   638  C CB  . LYS A 1 78  ? 13.629  -9.019  4.599   1.00 40.64 ? 78  LYS A CB  1 
ATOM   639  C CG  . LYS A 1 78  ? 14.762  -9.172  5.610   1.00 53.24 ? 78  LYS A CG  1 
ATOM   640  C CD  . LYS A 1 78  ? 14.461  -8.594  6.969   1.00 56.67 ? 78  LYS A CD  1 
ATOM   641  C CE  . LYS A 1 78  ? 15.594  -8.748  7.966   1.00 62.20 ? 78  LYS A CE  1 
ATOM   642  N NZ  . LYS A 1 78  ? 16.237  -7.447  8.285   1.00 63.22 ? 78  LYS A NZ  1 
ATOM   643  N N   . SER A 1 79  ? 12.515  -7.403  1.851   1.00 25.23 ? 79  SER A N   1 
ATOM   644  C CA  . SER A 1 79  ? 12.551  -7.414  0.363   1.00 24.50 ? 79  SER A CA  1 
ATOM   645  C C   . SER A 1 79  ? 11.639  -6.308  -0.114  1.00 22.89 ? 79  SER A C   1 
ATOM   646  O O   . SER A 1 79  ? 10.552  -6.159  0.509   1.00 23.74 ? 79  SER A O   1 
ATOM   647  C CB  . SER A 1 79  ? 12.064  -8.740  -0.187  1.00 27.77 ? 79  SER A CB  1 
ATOM   648  O OG  . SER A 1 79  ? 12.953  -9.771  0.205   1.00 39.89 ? 79  SER A OG  1 
ATOM   649  N N   . LEU A 1 80  ? 12.046  -5.568  -1.127  1.00 21.15 ? 80  LEU A N   1 
ATOM   650  C CA  . LEU A 1 80  ? 11.194  -4.554  -1.791  1.00 18.94 ? 80  LEU A CA  1 
ATOM   651  C C   . LEU A 1 80  ? 10.915  -4.966  -3.224  1.00 20.34 ? 80  LEU A C   1 
ATOM   652  O O   . LEU A 1 80  ? 11.810  -5.481  -3.935  1.00 22.55 ? 80  LEU A O   1 
ATOM   653  C CB  . LEU A 1 80  ? 11.873  -3.198  -1.836  1.00 21.03 ? 80  LEU A CB  1 
ATOM   654  C CG  . LEU A 1 80  ? 12.294  -2.589  -0.526  1.00 21.36 ? 80  LEU A CG  1 
ATOM   655  C CD1 . LEU A 1 80  ? 12.951  -1.233  -0.766  1.00 23.36 ? 80  LEU A CD1 1 
ATOM   656  C CD2 . LEU A 1 80  ? 11.098  -2.412  0.396   1.00 23.07 ? 80  LEU A CD2 1 
ATOM   657  N N   . PRO A 1 81  ? 9.720   -4.714  -3.765  1.00 18.42 ? 81  PRO A N   1 
ATOM   658  C CA  . PRO A 1 81  ? 8.577   -4.213  -2.989  1.00 17.52 ? 81  PRO A CA  1 
ATOM   659  C C   . PRO A 1 81  ? 7.897   -5.261  -2.109  1.00 19.20 ? 81  PRO A C   1 
ATOM   660  O O   . PRO A 1 81  ? 8.037   -6.470  -2.345  1.00 20.11 ? 81  PRO A O   1 
ATOM   661  C CB  . PRO A 1 81  ? 7.574   -3.779  -4.047  1.00 19.32 ? 81  PRO A CB  1 
ATOM   662  C CG  . PRO A 1 81  ? 7.832   -4.772  -5.195  1.00 21.94 ? 81  PRO A CG  1 
ATOM   663  C CD  . PRO A 1 81  ? 9.320   -5.015  -5.145  1.00 21.82 ? 81  PRO A CD  1 
ATOM   664  N N   . THR A 1 82  ? 7.231   -4.781  -1.073  1.00 19.50 ? 82  THR A N   1 
ATOM   665  C CA  . THR A 1 82  ? 6.337   -5.587  -0.210  1.00 17.70 ? 82  THR A CA  1 
ATOM   666  C C   . THR A 1 82  ? 5.052   -4.788  -0.047  1.00 16.55 ? 82  THR A C   1 
ATOM   667  O O   . THR A 1 82  ? 5.128   -3.556  0.090   1.00 18.60 ? 82  THR A O   1 
ATOM   668  C CB  . THR A 1 82  ? 6.963   -5.950  1.142   1.00 18.28 ? 82  THR A CB  1 
ATOM   669  O OG1 . THR A 1 82  ? 8.051   -6.866  0.936   1.00 21.48 ? 82  THR A OG1 1 
ATOM   670  C CG2 . THR A 1 82  ? 6.010   -6.647  2.060   1.00 20.45 ? 82  THR A CG2 1 
ATOM   671  N N   . ALA A 1 83  ? 3.923   -5.481  0.014   1.00 16.82 ? 83  ALA A N   1 
ATOM   672  C CA  . ALA A 1 83  ? 2.648   -4.836  0.347   1.00 16.59 ? 83  ALA A CA  1 
ATOM   673  C C   . ALA A 1 83  ? 2.091   -5.507  1.577   1.00 19.62 ? 83  ALA A C   1 
ATOM   674  O O   . ALA A 1 83  ? 2.155   -6.762  1.670   1.00 20.14 ? 83  ALA A O   1 
ATOM   675  C CB  . ALA A 1 83  ? 1.679   -4.962  -0.766  1.00 18.07 ? 83  ALA A CB  1 
ATOM   676  N N   . VAL A 1 84  ? 1.534   -4.737  2.499   1.00 18.27 ? 84  VAL A N   1 
ATOM   677  C CA  . VAL A 1 84  ? 0.896   -5.289  3.725   1.00 18.73 ? 84  VAL A CA  1 
ATOM   678  C C   . VAL A 1 84  ? -0.541  -4.815  3.711   1.00 18.10 ? 84  VAL A C   1 
ATOM   679  O O   . VAL A 1 84  ? -0.845  -3.696  3.245   1.00 19.36 ? 84  VAL A O   1 
ATOM   680  C CB  . VAL A 1 84  ? 1.648   -4.910  5.008   1.00 20.84 ? 84  VAL A CB  1 
ATOM   681  C CG1 . VAL A 1 84  ? 3.054   -5.461  5.000   1.00 23.06 ? 84  VAL A CG1 1 
ATOM   682  C CG2 . VAL A 1 84  ? 1.631   -3.426  5.179   1.00 22.13 ? 84  VAL A CG2 1 
ATOM   683  N N   . ILE A 1 85  ? -1.455  -5.646  4.165   1.00 18.26 ? 85  ILE A N   1 
ATOM   684  C CA  . ILE A 1 85  ? -2.899  -5.361  4.154   1.00 18.42 ? 85  ILE A CA  1 
ATOM   685  C C   . ILE A 1 85  ? -3.303  -5.298  5.612   1.00 17.32 ? 85  ILE A C   1 
ATOM   686  O O   . ILE A 1 85  ? -2.823  -6.165  6.412   1.00 19.50 ? 85  ILE A O   1 
ATOM   687  C CB  . ILE A 1 85  ? -3.701  -6.469  3.443   1.00 20.77 ? 85  ILE A CB  1 
ATOM   688  C CG1 . ILE A 1 85  ? -3.193  -6.733  2.028   1.00 20.79 ? 85  ILE A CG1 1 
ATOM   689  C CG2 . ILE A 1 85  ? -5.187  -6.160  3.469   1.00 21.79 ? 85  ILE A CG2 1 
ATOM   690  C CD1 . ILE A 1 85  ? -3.759  -8.024  1.366   1.00 22.89 ? 85  ILE A CD1 1 
ATOM   691  N N   . ALA A 1 86  ? -4.032  -4.272  5.984   1.00 17.44 ? 86  ALA A N   1 
ATOM   692  C CA  . ALA A 1 86  ? -4.383  -4.018  7.394   1.00 19.15 ? 86  ALA A CA  1 
ATOM   693  C C   . ALA A 1 86  ? -5.802  -3.492  7.523   1.00 20.04 ? 86  ALA A C   1 
ATOM   694  O O   . ALA A 1 86  ? -6.387  -2.931  6.565   1.00 19.42 ? 86  ALA A O   1 
ATOM   695  C CB  . ALA A 1 86  ? -3.445  -3.022  8.018   1.00 19.83 ? 86  ALA A CB  1 
ATOM   696  N N   . ARG A 1 87  ? -6.316  -3.595  8.757   1.00 20.41 ? 87  ARG A N   1 
ATOM   697  C CA  . ARG A 1 87  ? -7.545  -2.896  9.139   1.00 23.37 ? 87  ARG A CA  1 
ATOM   698  C C   . ARG A 1 87  ? -7.547  -2.736  10.655  1.00 24.48 ? 87  ARG A C   1 
ATOM   699  O O   . ARG A 1 87  ? -7.253  -3.702  11.346  1.00 22.91 ? 87  ARG A O   1 
ATOM   700  C CB  . ARG A 1 87  ? -8.764  -3.675  8.671   1.00 23.25 ? 87  ARG A CB  1 
ATOM   701  C CG  . ARG A 1 87  ? -10.053 -2.980  9.031   1.00 25.84 ? 87  ARG A CG  1 
ATOM   702  C CD  . ARG A 1 87  ? -11.195 -3.760  8.439   1.00 26.47 ? 87  ARG A CD  1 
ATOM   703  N NE  . ARG A 1 87  ? -12.332 -2.888  8.539   1.00 25.91 ? 87  ARG A NE  1 
ATOM   704  C CZ  . ARG A 1 87  ? -13.288 -2.830  7.651   1.00 28.74 ? 87  ARG A CZ  1 
ATOM   705  N NH1 . ARG A 1 87  ? -13.342 -3.702  6.658   1.00 28.71 ? 87  ARG A NH1 1 
ATOM   706  N NH2 . ARG A 1 87  ? -14.214 -1.901  7.759   1.00 32.03 ? 87  ARG A NH2 1 
ATOM   707  N N   . SER A 1 88  ? -7.884  -1.550  11.143  1.00 23.11 ? 88  SER A N   1 
ATOM   708  C CA  . SER A 1 88  ? -7.972  -1.290  12.603  1.00 25.31 ? 88  SER A CA  1 
ATOM   709  C C   . SER A 1 88  ? -6.718  -1.780  13.333  1.00 24.38 ? 88  SER A C   1 
ATOM   710  O O   . SER A 1 88  ? -6.810  -2.359  14.455  1.00 26.01 ? 88  SER A O   1 
ATOM   711  C CB  . SER A 1 88  ? -9.242  -1.906  13.196  1.00 25.36 ? 88  SER A CB  1 
ATOM   712  O OG  . SER A 1 88  ? -10.357 -1.396  12.530  1.00 29.06 ? 88  SER A OG  1 
ATOM   713  N N   . GLY A 1 89  ? -5.534  -1.516  12.810  1.00 22.89 ? 89  GLY A N   1 
ATOM   714  C CA  . GLY A 1 89  ? -4.267  -1.838  13.446  1.00 24.69 ? 89  GLY A CA  1 
ATOM   715  C C   . GLY A 1 89  ? -3.908  -3.312  13.393  1.00 25.28 ? 89  GLY A C   1 
ATOM   716  O O   . GLY A 1 89  ? -2.897  -3.695  13.939  1.00 26.85 ? 89  GLY A O   1 
ATOM   717  N N   . GLU A 1 90  ? -4.681  -4.117  12.656  1.00 21.59 ? 90  GLU A N   1 
ATOM   718  C CA  . GLU A 1 90  ? -4.356  -5.545  12.557  1.00 22.30 ? 90  GLU A CA  1 
ATOM   719  C C   . GLU A 1 90  ? -3.917  -5.851  11.138  1.00 20.99 ? 90  GLU A C   1 
ATOM   720  O O   . GLU A 1 90  ? -4.585  -5.347  10.212  1.00 22.86 ? 90  GLU A O   1 
ATOM   721  C CB  . GLU A 1 90  ? -5.567  -6.427  12.883  1.00 23.17 ? 90  GLU A CB  1 
ATOM   722  C CG  . GLU A 1 90  ? -6.069  -6.219  14.289  1.00 23.19 ? 90  GLU A CG  1 
ATOM   723  C CD  . GLU A 1 90  ? -5.150  -6.667  15.408  1.00 22.94 ? 90  GLU A CD  1 
ATOM   724  O OE1 . GLU A 1 90  ? -5.363  -6.178  16.540  1.00 29.48 ? 90  GLU A OE1 1 
ATOM   725  O OE2 . GLU A 1 90  ? -4.216  -7.433  15.188  1.00 25.42 ? 90  GLU A OE2 1 
ATOM   726  N N   . TYR A 1 91  ? -2.970  -6.740  10.994  1.00 21.85 ? 91  TYR A N   1 
ATOM   727  C CA  . TYR A 1 91  ? -2.412  -7.172  9.684   1.00 29.10 ? 91  TYR A CA  1 
ATOM   728  C C   . TYR A 1 91  ? -3.071  -8.439  9.190   1.00 21.23 ? 91  TYR A C   1 
ATOM   729  O O   . TYR A 1 91  ? -3.285  -9.375  9.986   1.00 23.26 ? 91  TYR A O   1 
ATOM   730  C CB  . TYR A 1 91  ? -0.908  -7.245  9.634   1.00 26.20 ? 91  TYR A CB  1 
ATOM   731  C CG  . TYR A 1 91  ? -0.270  -5.890  9.680   1.00 26.86 ? 91  TYR A CG  1 
ATOM   732  C CD1 . TYR A 1 91  ? -0.047  -5.154  8.537   1.00 33.57 ? 91  TYR A CD1 1 
ATOM   733  C CD2 . TYR A 1 91  ? -0.123  -5.260  10.899  1.00 32.32 ? 91  TYR A CD2 1 
ATOM   734  C CE1 . TYR A 1 91  ? 0.465   -3.869  8.616   1.00 32.08 ? 91  TYR A CE1 1 
ATOM   735  C CE2 . TYR A 1 91  ? 0.372   -3.980  10.998  1.00 36.81 ? 91  TYR A CE2 1 
ATOM   736  C CZ  . TYR A 1 91  ? 0.708   -3.300  9.850   1.00 31.84 ? 91  TYR A CZ  1 
ATOM   737  O OH  . TYR A 1 91  ? 1.165   -2.023  9.933   1.00 30.62 ? 91  TYR A OH  1 
ATOM   738  N N   . LEU A 1 92  ? -3.535  -8.316  7.954   1.00 20.65 ? 92  LEU A N   1 
ATOM   739  C CA  . LEU A 1 92  ? -4.483  -9.300  7.367   1.00 21.68 ? 92  LEU A CA  1 
ATOM   740  C C   . LEU A 1 92  ? -3.771  -10.123 6.303   1.00 26.03 ? 92  LEU A C   1 
ATOM   741  O O   . LEU A 1 92  ? -4.430  -11.025 5.762   1.00 29.29 ? 92  LEU A O   1 
ATOM   742  C CB  . LEU A 1 92  ? -5.703  -8.607  6.793   1.00 22.65 ? 92  LEU A CB  1 
ATOM   743  C CG  . LEU A 1 92  ? -6.407  -7.638  7.724   1.00 24.49 ? 92  LEU A CG  1 
ATOM   744  C CD1 . LEU A 1 92  ? -7.628  -7.048  7.055   1.00 24.57 ? 92  LEU A CD1 1 
ATOM   745  C CD2 . LEU A 1 92  ? -6.743  -8.289  9.067   1.00 28.70 ? 92  LEU A CD2 1 
ATOM   746  N N   . GLY A 1 93  ? -2.568  -9.774  5.901   1.00 23.49 ? 93  GLY A N   1 
ATOM   747  C CA  . GLY A 1 93  ? -1.882  -10.499 4.825   1.00 23.79 ? 93  GLY A CA  1 
ATOM   748  C C   . GLY A 1 93  ? -0.799  -9.641  4.221   1.00 22.29 ? 93  GLY A C   1 
ATOM   749  O O   . GLY A 1 93  ? -0.744  -8.438  4.521   1.00 22.20 ? 93  GLY A O   1 
ATOM   750  N N   . ASP A 1 94  ? 0.082   -10.245 3.443   1.00 23.73 ? 94  ASP A N   1 
ATOM   751  C CA  . ASP A 1 94  ? 1.190   -9.512  2.799   1.00 21.76 ? 94  ASP A CA  1 
ATOM   752  C C   . ASP A 1 94  ? 1.475   -10.158 1.471   1.00 24.66 ? 94  ASP A C   1 
ATOM   753  O O   . ASP A 1 94  ? 1.015   -11.300 1.217   1.00 25.99 ? 94  ASP A O   1 
ATOM   754  C CB  . ASP A 1 94  ? 2.426   -9.343  3.658   1.00 26.53 ? 94  ASP A CB  1 
ATOM   755  C CG  . ASP A 1 94  ? 3.310   -10.567 3.870   1.00 35.18 ? 94  ASP A CG  1 
ATOM   756  O OD1 . ASP A 1 94  ? 3.142   -11.573 3.161   1.00 37.51 ? 94  ASP A OD1 1 
ATOM   757  O OD2 . ASP A 1 94  ? 4.241   -10.462 4.691   1.00 47.45 ? 94  ASP A OD2 1 
ATOM   758  N N   . VAL A 1 95  ? 2.092   -9.386  0.610   1.00 20.32 ? 95  VAL A N   1 
ATOM   759  C CA  . VAL A 1 95  ? 2.632   -9.927  -0.666  1.00 21.22 ? 95  VAL A CA  1 
ATOM   760  C C   . VAL A 1 95  ? 4.053   -9.431  -0.772  1.00 23.15 ? 95  VAL A C   1 
ATOM   761  O O   . VAL A 1 95  ? 4.239   -8.196  -0.777  1.00 22.75 ? 95  VAL A O   1 
ATOM   762  C CB  . VAL A 1 95  ? 1.788   -9.536  -1.867  1.00 22.18 ? 95  VAL A CB  1 
ATOM   763  C CG1 . VAL A 1 95  ? 2.419   -9.909  -3.206  1.00 25.06 ? 95  VAL A CG1 1 
ATOM   764  C CG2 . VAL A 1 95  ? 0.386   -10.093 -1.724  1.00 24.63 ? 95  VAL A CG2 1 
ATOM   765  N N   . VAL A 1 96  ? 5.007   -10.362 -0.823  1.00 22.86 ? 96  VAL A N   1 
ATOM   766  C CA  . VAL A 1 96  ? 6.450   -10.070 -0.894  1.00 24.62 ? 96  VAL A CA  1 
ATOM   767  C C   . VAL A 1 96  ? 6.871   -10.156 -2.366  1.00 27.89 ? 96  VAL A C   1 
ATOM   768  O O   . VAL A 1 96  ? 6.530   -11.160 -3.083  1.00 27.51 ? 96  VAL A O   1 
ATOM   769  C CB  . VAL A 1 96  ? 7.261   -10.991 0.018   1.00 29.69 ? 96  VAL A CB  1 
ATOM   770  C CG1 . VAL A 1 96  ? 8.740   -10.713 -0.115  1.00 31.69 ? 96  VAL A CG1 1 
ATOM   771  C CG2 . VAL A 1 96  ? 6.833   -10.847 1.457   1.00 29.46 ? 96  VAL A CG2 1 
ATOM   772  N N   . GLY A 1 97  ? 7.529   -9.110  -2.861  1.00 25.54 ? 97  GLY A N   1 
ATOM   773  C CA  . GLY A 1 97  ? 7.961   -9.062  -4.257  1.00 25.42 ? 97  GLY A CA  1 
ATOM   774  C C   . GLY A 1 97  ? 6.959   -8.472  -5.210  1.00 26.63 ? 97  GLY A C   1 
ATOM   775  O O   . GLY A 1 97  ? 5.819   -8.065  -4.809  1.00 28.61 ? 97  GLY A O   1 
ATOM   776  N N   . ALA A 1 98  ? 7.341   -8.381  -6.472  1.00 27.49 ? 98  ALA A N   1 
ATOM   777  C CA  . ALA A 1 98  ? 6.589   -7.723  -7.548  1.00 25.98 ? 98  ALA A CA  1 
ATOM   778  C C   . ALA A 1 98  ? 5.491   -8.654  -8.063  1.00 30.03 ? 98  ALA A C   1 
ATOM   779  O O   . ALA A 1 98  ? 5.632   -9.277  -9.147  1.00 30.14 ? 98  ALA A O   1 
ATOM   780  C CB  . ALA A 1 98  ? 7.500   -7.310  -8.646  1.00 27.72 ? 98  ALA A CB  1 
ATOM   781  N N   . ARG A 1 99  ? 4.385   -8.704  -7.335  1.00 25.21 ? 99  ARG A N   1 
ATOM   782  C CA  . ARG A 1 99  ? 3.260   -9.630  -7.631  1.00 27.51 ? 99  ARG A CA  1 
ATOM   783  C C   . ARG A 1 99  ? 1.912   -8.933  -7.463  1.00 22.08 ? 99  ARG A C   1 
ATOM   784  O O   . ARG A 1 99  ? 1.161   -9.281  -6.537  1.00 23.73 ? 99  ARG A O   1 
ATOM   785  C CB  . ARG A 1 99  ? 3.376   -10.805 -6.693  1.00 28.77 ? 99  ARG A CB  1 
ATOM   786  C CG  . ARG A 1 99  ? 4.607   -11.627 -7.021  1.00 35.28 ? 99  ARG A CG  1 
ATOM   787  C CD  . ARG A 1 99  ? 5.099   -12.229 -5.761  1.00 42.04 ? 99  ARG A CD  1 
ATOM   788  N NE  . ARG A 1 99  ? 4.505   -13.519 -5.656  1.00 51.65 ? 99  ARG A NE  1 
ATOM   789  C CZ  . ARG A 1 99  ? 4.629   -14.285 -4.598  1.00 51.89 ? 99  ARG A CZ  1 
ATOM   790  N NH1 . ARG A 1 99  ? 4.038   -15.459 -4.619  1.00 41.58 ? 99  ARG A NH1 1 
ATOM   791  N NH2 . ARG A 1 99  ? 5.312   -13.869 -3.537  1.00 49.14 ? 99  ARG A NH2 1 
ATOM   792  N N   . PRO A 1 100 ? 1.620   -7.962  -8.337  1.00 24.38 ? 100 PRO A N   1 
ATOM   793  C CA  . PRO A 1 100 ? 0.385   -7.169  -8.258  1.00 23.75 ? 100 PRO A CA  1 
ATOM   794  C C   . PRO A 1 100 ? -0.852  -8.083  -8.369  1.00 25.18 ? 100 PRO A C   1 
ATOM   795  O O   . PRO A 1 100 ? -1.850  -7.793  -7.767  1.00 23.46 ? 100 PRO A O   1 
ATOM   796  C CB  . PRO A 1 100 ? 0.496   -6.126  -9.359  1.00 28.75 ? 100 PRO A CB  1 
ATOM   797  C CG  . PRO A 1 100 ? 1.562   -6.697  -10.290 1.00 28.77 ? 100 PRO A CG  1 
ATOM   798  C CD  . PRO A 1 100 ? 2.495   -7.480  -9.419  1.00 26.85 ? 100 PRO A CD  1 
ATOM   799  N N   . ASP A 1 101 ? -0.813  -9.095  -9.244  1.00 25.65 ? 101 ASP A N   1 
ATOM   800  C CA  . ASP A 1 101 ? -1.966  -10.007 -9.413  1.00 28.38 ? 101 ASP A CA  1 
ATOM   801  C C   . ASP A 1 101 ? -2.332  -10.681 -8.089  1.00 24.38 ? 101 ASP A C   1 
ATOM   802  O O   . ASP A 1 101 ? -3.559  -10.763 -7.807  1.00 25.02 ? 101 ASP A O   1 
ATOM   803  C CB  . ASP A 1 101 ? -1.675  -11.078 -10.475 1.00 31.36 ? 101 ASP A CB  1 
ATOM   804  C CG  . ASP A 1 101 ? -1.791  -10.575 -11.896 1.00 39.75 ? 101 ASP A CG  1 
ATOM   805  O OD1 . ASP A 1 101 ? -2.253  -9.444  -12.095 1.00 39.51 ? 101 ASP A OD1 1 
ATOM   806  O OD2 . ASP A 1 101 ? -1.408  -11.344 -12.797 1.00 51.29 ? 101 ASP A OD2 1 
ATOM   807  N N   . LEU A 1 102 ? -1.361  -11.199 -7.331  1.00 22.66 ? 102 LEU A N   1 
ATOM   808  C CA  . LEU A 1 102 ? -1.591  -11.864 -6.035  1.00 21.92 ? 102 LEU A CA  1 
ATOM   809  C C   . LEU A 1 102 ? -2.175  -10.816 -5.064  1.00 20.98 ? 102 LEU A C   1 
ATOM   810  O O   . LEU A 1 102 ? -3.103  -11.118 -4.306  1.00 22.83 ? 102 LEU A O   1 
ATOM   811  C CB  . LEU A 1 102 ? -0.304  -12.467 -5.492  1.00 26.06 ? 102 LEU A CB  1 
ATOM   812  C CG  . LEU A 1 102 ? -0.454  -13.227 -4.190  1.00 26.07 ? 102 LEU A CG  1 
ATOM   813  C CD1 . LEU A 1 102 ? -1.457  -14.361 -4.311  1.00 28.02 ? 102 LEU A CD1 1 
ATOM   814  C CD2 . LEU A 1 102 ? 0.880   -13.740 -3.690  1.00 27.30 ? 102 LEU A CD2 1 
ATOM   815  N N   . LEU A 1 103 ? -1.638  -9.614  -5.074  1.00 20.94 ? 103 LEU A N   1 
ATOM   816  C CA  . LEU A 1 103 ? -2.175  -8.572  -4.162  1.00 19.77 ? 103 LEU A CA  1 
ATOM   817  C C   . LEU A 1 103 ? -3.642  -8.349  -4.489  1.00 20.09 ? 103 LEU A C   1 
ATOM   818  O O   . LEU A 1 103 ? -4.455  -8.223  -3.553  1.00 19.99 ? 103 LEU A O   1 
ATOM   819  C CB  . LEU A 1 103 ? -1.338  -7.293  -4.289  1.00 18.75 ? 103 LEU A CB  1 
ATOM   820  C CG  . LEU A 1 103 ? -1.779  -6.128  -3.404  1.00 19.19 ? 103 LEU A CG  1 
ATOM   821  C CD1 . LEU A 1 103 ? -1.796  -6.440  -1.937  1.00 21.64 ? 103 LEU A CD1 1 
ATOM   822  C CD2 . LEU A 1 103 ? -0.836  -4.961  -3.701  1.00 21.75 ? 103 LEU A CD2 1 
ATOM   823  N N   . ARG A 1 104 ? -3.968  -8.146  -5.765  1.00 21.36 ? 104 ARG A N   1 
ATOM   824  C CA  . ARG A 1 104 ? -5.332  -7.858  -6.211  1.00 20.67 ? 104 ARG A CA  1 
ATOM   825  C C   . ARG A 1 104 ? -6.211  -9.010  -5.721  1.00 21.48 ? 104 ARG A C   1 
ATOM   826  O O   . ARG A 1 104 ? -7.288  -8.718  -5.222  1.00 22.16 ? 104 ARG A O   1 
ATOM   827  C CB  . ARG A 1 104 ? -5.407  -7.720  -7.730  1.00 23.61 ? 104 ARG A CB  1 
ATOM   828  C CG  . ARG A 1 104 ? -6.804  -7.360  -8.218  1.00 28.62 ? 104 ARG A CG  1 
ATOM   829  C CD  . ARG A 1 104 ? -6.924  -7.331  -9.744  1.00 33.71 ? 104 ARG A CD  1 
ATOM   830  N NE  . ARG A 1 104 ? -5.973  -6.393  -10.289 1.00 39.57 ? 104 ARG A NE  1 
ATOM   831  C CZ  . ARG A 1 104 ? -4.773  -6.698  -10.787 1.00 44.03 ? 104 ARG A CZ  1 
ATOM   832  N NH1 . ARG A 1 104 ? -4.372  -7.958  -10.879 1.00 50.57 ? 104 ARG A NH1 1 
ATOM   833  N NH2 . ARG A 1 104 ? -3.979  -5.729  -11.221 1.00 48.53 ? 104 ARG A NH2 1 
ATOM   834  N N   . GLU A 1 105 ? -5.777  -10.253 -5.897  1.00 22.65 ? 105 GLU A N   1 
ATOM   835  C CA  . GLU A 1 105 ? -6.558  -11.455 -5.463  1.00 23.84 ? 105 GLU A CA  1 
ATOM   836  C C   . GLU A 1 105 ? -6.835  -11.358 -3.951  1.00 22.96 ? 105 GLU A C   1 
ATOM   837  O O   . GLU A 1 105 ? -7.960  -11.576 -3.533  1.00 23.08 ? 105 GLU A O   1 
ATOM   838  C CB  . GLU A 1 105 ? -5.781  -12.721 -5.817  1.00 29.72 ? 105 GLU A CB  1 
ATOM   839  C CG  . GLU A 1 105 ? -6.269  -13.999 -5.148  1.00 39.05 ? 105 GLU A CG  1 
ATOM   840  C CD  . GLU A 1 105 ? -5.328  -15.176 -5.358  1.00 47.99 ? 105 GLU A CD  1 
ATOM   841  O OE1 . GLU A 1 105 ? -4.677  -15.633 -4.374  1.00 48.28 ? 105 GLU A OE1 1 
ATOM   842  O OE2 . GLU A 1 105 ? -5.226  -15.616 -6.511  1.00 56.17 ? 105 GLU A OE2 1 
ATOM   843  N N   . LYS A 1 106 ? -5.827  -11.041 -3.150  1.00 22.48 ? 106 LYS A N   1 
ATOM   844  C CA  . LYS A 1 106 ? -6.018  -11.011 -1.695  1.00 22.58 ? 106 LYS A CA  1 
ATOM   845  C C   . LYS A 1 106 ? -6.986  -9.909  -1.300  1.00 20.96 ? 106 LYS A C   1 
ATOM   846  O O   . LYS A 1 106 ? -7.796  -10.117 -0.386  1.00 22.45 ? 106 LYS A O   1 
ATOM   847  C CB  . LYS A 1 106 ? -4.672  -10.856 -0.977  1.00 21.86 ? 106 LYS A CB  1 
ATOM   848  C CG  . LYS A 1 106 ? -3.779  -12.078 -1.097  1.00 24.03 ? 106 LYS A CG  1 
ATOM   849  C CD  . LYS A 1 106 ? -2.598  -12.089 -0.127  1.00 27.69 ? 106 LYS A CD  1 
ATOM   850  C CE  . LYS A 1 106 ? -1.913  -13.447 -0.146  1.00 34.38 ? 106 LYS A CE  1 
ATOM   851  N NZ  . LYS A 1 106 ? -0.738  -13.501 0.745   1.00 39.02 ? 106 LYS A NZ  1 
ATOM   852  N N   . VAL A 1 107 ? -6.898  -8.737  -1.917  1.00 19.46 ? 107 VAL A N   1 
ATOM   853  C CA  . VAL A 1 107 ? -7.805  -7.613  -1.633  1.00 20.24 ? 107 VAL A CA  1 
ATOM   854  C C   . VAL A 1 107 ? -9.222  -7.991  -2.057  1.00 21.94 ? 107 VAL A C   1 
ATOM   855  O O   . VAL A 1 107 ? -10.163 -7.760  -1.278  1.00 22.46 ? 107 VAL A O   1 
ATOM   856  C CB  . VAL A 1 107 ? -7.349  -6.306  -2.306  1.00 20.32 ? 107 VAL A CB  1 
ATOM   857  C CG1 . VAL A 1 107 ? -8.383  -5.198  -2.169  1.00 23.69 ? 107 VAL A CG1 1 
ATOM   858  C CG2 . VAL A 1 107 ? -6.013  -5.849  -1.710  1.00 20.86 ? 107 VAL A CG2 1 
ATOM   859  N N   . GLU A 1 108 ? -9.383  -8.455  -3.281  1.00 22.62 ? 108 GLU A N   1 
ATOM   860  C CA  . GLU A 1 108 ? -10.731 -8.892  -3.754  1.00 25.34 ? 108 GLU A CA  1 
ATOM   861  C C   . GLU A 1 108 ? -11.356 -9.910  -2.789  1.00 25.10 ? 108 GLU A C   1 
ATOM   862  O O   . GLU A 1 108 ? -12.585 -9.773  -2.480  1.00 27.27 ? 108 GLU A O   1 
ATOM   863  C CB  . GLU A 1 108 ? -10.604 -9.551  -5.135  1.00 26.32 ? 108 GLU A CB  1 
ATOM   864  C CG  . GLU A 1 108 ? -10.374 -8.601  -6.249  1.00 31.46 ? 108 GLU A CG  1 
ATOM   865  C CD  . GLU A 1 108 ? -10.214 -9.293  -7.601  1.00 34.61 ? 108 GLU A CD  1 
ATOM   866  O OE1 . GLU A 1 108 ? -10.420 -8.610  -8.591  1.00 39.85 ? 108 GLU A OE1 1 
ATOM   867  O OE2 . GLU A 1 108 ? -9.784  -10.461 -7.641  1.00 39.62 ? 108 GLU A OE2 1 
ATOM   868  N N   . ASN A 1 109 ? -10.569 -10.863 -2.307  1.00 23.60 ? 109 ASN A N   1 
ATOM   869  C CA  . ASN A 1 109 ? -11.077 -11.960 -1.455  1.00 28.17 ? 109 ASN A CA  1 
ATOM   870  C C   . ASN A 1 109 ? -11.548 -11.336 -0.138  1.00 27.33 ? 109 ASN A C   1 
ATOM   871  O O   . ASN A 1 109 ? -12.640 -11.648 0.361   1.00 27.23 ? 109 ASN A O   1 
ATOM   872  C CB  . ASN A 1 109 ? -10.029 -13.050 -1.221  1.00 29.05 ? 109 ASN A CB  1 
ATOM   873  C CG  . ASN A 1 109 ? -9.818  -13.962 -2.418  1.00 38.64 ? 109 ASN A CG  1 
ATOM   874  O OD1 . ASN A 1 109 ? -10.646 -13.983 -3.323  1.00 41.88 ? 109 ASN A OD1 1 
ATOM   875  N ND2 . ASN A 1 109 ? -8.718  -14.708 -2.448  1.00 43.37 ? 109 ASN A ND2 1 
ATOM   876  N N   . ILE A 1 110 ? -10.728 -10.485 0.479   1.00 22.36 ? 110 ILE A N   1 
ATOM   877  C CA  . ILE A 1 110 ? -11.144 -9.857  1.752   1.00 23.34 ? 110 ILE A CA  1 
ATOM   878  C C   . ILE A 1 110 ? -12.461 -9.110  1.515   1.00 24.79 ? 110 ILE A C   1 
ATOM   879  O O   . ILE A 1 110 ? -13.383 -9.245  2.330   1.00 25.77 ? 110 ILE A O   1 
ATOM   880  C CB  . ILE A 1 110 ? -10.027 -8.975  2.327   1.00 19.69 ? 110 ILE A CB  1 
ATOM   881  C CG1 . ILE A 1 110 ? -8.885  -9.879  2.795   1.00 21.98 ? 110 ILE A CG1 1 
ATOM   882  C CG2 . ILE A 1 110 ? -10.554 -8.087  3.446   1.00 21.31 ? 110 ILE A CG2 1 
ATOM   883  C CD1 . ILE A 1 110 ? -7.580  -9.118  3.010   1.00 22.47 ? 110 ILE A CD1 1 
ATOM   884  N N   . LEU A 1 111 ? -12.573 -8.276  0.474   1.00 23.44 ? 111 LEU A N   1 
ATOM   885  C CA  . LEU A 1 111 ? -13.782 -7.456  0.216   1.00 24.02 ? 111 LEU A CA  1 
ATOM   886  C C   . LEU A 1 111 ? -15.010 -8.344  -0.014  1.00 26.97 ? 111 LEU A C   1 
ATOM   887  O O   . LEU A 1 111 ? -16.068 -7.976  0.520   1.00 29.82 ? 111 LEU A O   1 
ATOM   888  C CB  . LEU A 1 111 ? -13.526 -6.583  -1.007  1.00 25.53 ? 111 LEU A CB  1 
ATOM   889  C CG  . LEU A 1 111 ? -12.586 -5.410  -0.794  1.00 25.12 ? 111 LEU A CG  1 
ATOM   890  C CD1 . LEU A 1 111 ? -12.241 -4.775  -2.118  1.00 26.31 ? 111 LEU A CD1 1 
ATOM   891  C CD2 . LEU A 1 111 ? -13.166 -4.360  0.115   1.00 27.55 ? 111 LEU A CD2 1 
ATOM   892  N N   . LYS A 1 112 ? -14.833 -9.414  -0.765  1.00 27.74 ? 112 LYS A N   1 
ATOM   893  C CA  . LYS A 1 112 ? -15.933 -10.365 -1.119  1.00 29.94 ? 112 LYS A CA  1 
ATOM   894  C C   . LYS A 1 112 ? -16.556 -10.883 0.183   1.00 36.43 ? 112 LYS A C   1 
ATOM   895  O O   . LYS A 1 112 ? -17.801 -10.882 0.302   1.00 38.35 ? 112 LYS A O   1 
ATOM   896  C CB  . LYS A 1 112 ? -15.414 -11.509 -1.973  1.00 30.18 ? 112 LYS A CB  1 
ATOM   897  C CG  . LYS A 1 112 ? -16.455 -12.469 -2.546  1.00 34.71 ? 112 LYS A CG  1 
ATOM   898  C CD  . LYS A 1 112 ? -15.803 -13.653 -3.202  1.00 37.78 ? 112 LYS A CD  1 
ATOM   899  C CE  . LYS A 1 112 ? -16.592 -14.386 -4.268  1.00 42.31 ? 112 LYS A CE  1 
ATOM   900  N NZ  . LYS A 1 112 ? -18.040 -14.208 -4.105  1.00 46.12 ? 112 LYS A NZ  1 
ATOM   901  N N   . ASN A 1 113 ? -15.718 -11.288 1.131   1.00 30.99 ? 113 ASN A N   1 
ATOM   902  C CA  . ASN A 1 113 ? -16.084 -12.149 2.283   1.00 34.90 ? 113 ASN A CA  1 
ATOM   903  C C   . ASN A 1 113 ? -16.403 -11.376 3.551   1.00 34.26 ? 113 ASN A C   1 
ATOM   904  O O   . ASN A 1 113 ? -16.687 -12.056 4.534   1.00 42.25 ? 113 ASN A O   1 
ATOM   905  C CB  . ASN A 1 113 ? -14.982 -13.142 2.616   1.00 33.37 ? 113 ASN A CB  1 
ATOM   906  C CG  . ASN A 1 113 ? -14.677 -14.049 1.454   1.00 35.27 ? 113 ASN A CG  1 
ATOM   907  O OD1 . ASN A 1 113 ? -13.552 -14.488 1.275   1.00 40.31 ? 113 ASN A OD1 1 
ATOM   908  N ND2 . ASN A 1 113 ? -15.721 -14.394 0.715   1.00 43.87 ? 113 ASN A ND2 1 
ATOM   909  N N   . LEU A 1 114 ? -16.282 -10.057 3.606   1.00 33.57 ? 114 LEU A N   1 
ATOM   910  C CA  . LEU A 1 114 ? -16.447 -9.374  4.906   1.00 37.88 ? 114 LEU A CA  1 
ATOM   911  C C   . LEU A 1 114 ? -17.925 -9.073  5.159   1.00 41.85 ? 114 LEU A C   1 
ATOM   912  O O   . LEU A 1 114 ? -18.756 -9.195  4.233   1.00 43.55 ? 114 LEU A O   1 
ATOM   913  C CB  . LEU A 1 114 ? -15.562 -8.133  5.050   1.00 40.93 ? 114 LEU A CB  1 
ATOM   914  C CG  . LEU A 1 114 ? -15.606 -7.058  3.972   1.00 41.15 ? 114 LEU A CG  1 
ATOM   915  C CD1 . LEU A 1 114 ? -16.922 -6.319  3.935   1.00 41.17 ? 114 LEU A CD1 1 
ATOM   916  C CD2 . LEU A 1 114 ? -14.481 -6.090  4.228   1.00 38.05 ? 114 LEU A CD2 1 
ATOM   917  N N   . GLU A 1 115 ? -18.222 -8.809  6.428   1.00 38.21 ? 115 GLU A N   1 
ATOM   918  C CA  . GLU A 1 115 ? -19.561 -8.404  6.941   1.00 41.73 ? 115 GLU A CA  1 
ATOM   919  C C   . GLU A 1 115 ? -19.707 -6.880  6.952   1.00 39.94 ? 115 GLU A C   1 
ATOM   920  O O   . GLU A 1 115 ? -18.829 -6.025  6.833   1.00 39.43 ? 115 GLU A O   1 
ATOM   921  C CB  . GLU A 1 115 ? -19.724 -8.827  8.395   1.00 39.34 ? 115 GLU A CB  1 
ATOM   922  C CG  . GLU A 1 115 ? -19.568 -10.301 8.585   1.00 40.63 ? 115 GLU A CG  1 
ATOM   923  C CD  . GLU A 1 115 ? -20.190 -10.842 9.855   1.00 47.80 ? 115 GLU A CD  1 
ATOM   924  O OE1 . GLU A 1 115 ? -20.577 -10.028 10.748  1.00 42.80 ? 115 GLU A OE1 1 
ATOM   925  O OE2 . GLU A 1 115 ? -20.277 -12.080 9.940   1.00 52.84 ? 115 GLU A OE2 1 
HETATM 926  C C1  . GOL B 2 .   ? 2.497   -13.523 -9.794  1.00 52.31 ? 201 GOL A C1  1 
HETATM 927  O O1  . GOL B 2 .   ? 1.987   -14.200 -8.653  1.00 59.00 ? 201 GOL A O1  1 
HETATM 928  C C2  . GOL B 2 .   ? 1.590   -12.381 -10.174 1.00 51.34 ? 201 GOL A C2  1 
HETATM 929  O O2  . GOL B 2 .   ? 0.992   -11.871 -8.987  1.00 39.60 ? 201 GOL A O2  1 
HETATM 930  C C3  . GOL B 2 .   ? 2.296   -11.254 -10.900 1.00 53.54 ? 201 GOL A C3  1 
HETATM 931  O O3  . GOL B 2 .   ? 1.433   -10.137 -11.084 1.00 41.11 ? 201 GOL A O3  1 
HETATM 932  C C1  . GOL C 2 .   ? -5.166  7.827   -3.111  1.00 56.69 ? 202 GOL A C1  1 
HETATM 933  O O1  . GOL C 2 .   ? -5.060  8.968   -3.959  1.00 47.58 ? 202 GOL A O1  1 
HETATM 934  C C2  . GOL C 2 .   ? -5.440  6.583   -3.921  1.00 49.16 ? 202 GOL A C2  1 
HETATM 935  O O2  . GOL C 2 .   ? -4.233  5.837   -4.085  1.00 55.29 ? 202 GOL A O2  1 
HETATM 936  C C3  . GOL C 2 .   ? -6.532  5.699   -3.347  1.00 51.94 ? 202 GOL A C3  1 
HETATM 937  O O3  . GOL C 2 .   ? -6.120  4.901   -2.234  1.00 25.53 ? 202 GOL A O3  1 
HETATM 938  O O   . HOH D 3 .   ? 2.736   -15.550 -6.827  1.00 50.43 ? 301 HOH A O   1 
HETATM 939  O O   . HOH D 3 .   ? -3.671  0.812   15.799  1.00 47.55 ? 302 HOH A O   1 
HETATM 940  O O   . HOH D 3 .   ? -1.875  1.371   13.568  1.00 40.27 ? 303 HOH A O   1 
HETATM 941  O O   . HOH D 3 .   ? -17.116 -15.886 -0.566  1.00 28.82 ? 304 HOH A O   1 
HETATM 942  O O   . HOH D 3 .   ? -19.293 -12.975 -5.785  1.00 48.66 ? 305 HOH A O   1 
HETATM 943  O O   . HOH D 3 .   ? 1.110   9.976   -5.337  1.00 42.44 ? 306 HOH A O   1 
HETATM 944  O O   . HOH D 3 .   ? 2.032   -1.341  12.195  1.00 35.37 ? 307 HOH A O   1 
HETATM 945  O O   . HOH D 3 .   ? 0.551   11.935  3.417   1.00 32.22 ? 308 HOH A O   1 
HETATM 946  O O   . HOH D 3 .   ? -6.851  10.173  -2.595  1.00 34.75 ? 309 HOH A O   1 
HETATM 947  O O   . HOH D 3 .   ? -6.181  10.631  8.842   1.00 34.79 ? 310 HOH A O   1 
HETATM 948  O O   . HOH D 3 .   ? 4.554   -6.321  -3.383  1.00 24.40 ? 311 HOH A O   1 
HETATM 949  O O   . HOH D 3 .   ? -3.752  -3.161  -11.447 1.00 37.19 ? 312 HOH A O   1 
HETATM 950  O O   . HOH D 3 .   ? -1.140  -2.369  15.324  1.00 46.73 ? 313 HOH A O   1 
HETATM 951  O O   . HOH D 3 .   ? 16.510  1.274   -10.207 1.00 34.49 ? 314 HOH A O   1 
HETATM 952  O O   . HOH D 3 .   ? 7.368   7.072   3.276   1.00 25.06 ? 315 HOH A O   1 
HETATM 953  O O   . HOH D 3 .   ? 8.958   9.008   11.017  1.00 27.85 ? 316 HOH A O   1 
HETATM 954  O O   . HOH D 3 .   ? -2.030  -10.137 12.184  1.00 32.29 ? 317 HOH A O   1 
HETATM 955  O O   . HOH D 3 .   ? 15.256  3.027   -13.453 1.00 40.63 ? 318 HOH A O   1 
HETATM 956  O O   . HOH D 3 .   ? 13.531  6.195   -2.543  1.00 29.20 ? 319 HOH A O   1 
HETATM 957  O O   . HOH D 3 .   ? 5.283   4.607   -13.246 1.00 44.76 ? 320 HOH A O   1 
HETATM 958  O O   . HOH D 3 .   ? -0.509  -13.187 3.388   1.00 37.48 ? 321 HOH A O   1 
HETATM 959  O O   . HOH D 3 .   ? 10.695  -4.749  14.098  1.00 25.78 ? 322 HOH A O   1 
HETATM 960  O O   . HOH D 3 .   ? 16.263  8.800   5.066   1.00 43.95 ? 323 HOH A O   1 
HETATM 961  O O   . HOH D 3 .   ? 5.592   7.741   -0.211  1.00 28.31 ? 324 HOH A O   1 
HETATM 962  O O   . HOH D 3 .   ? -6.731  -14.763 -0.599  1.00 44.69 ? 325 HOH A O   1 
HETATM 963  O O   . HOH D 3 .   ? -8.222  0.614   -12.504 1.00 45.04 ? 326 HOH A O   1 
HETATM 964  O O   . HOH D 3 .   ? -20.760 -9.995  13.469  1.00 30.95 ? 327 HOH A O   1 
HETATM 965  O O   . HOH D 3 .   ? 0.067   7.767   15.082  1.00 37.19 ? 328 HOH A O   1 
HETATM 966  O O   . HOH D 3 .   ? 14.433  -4.972  -4.508  1.00 37.28 ? 329 HOH A O   1 
HETATM 967  O O   . HOH D 3 .   ? -7.984  5.183   14.412  1.00 48.01 ? 330 HOH A O   1 
HETATM 968  O O   . HOH D 3 .   ? -4.275  5.817   -8.007  1.00 38.58 ? 331 HOH A O   1 
HETATM 969  O O   . HOH D 3 .   ? 2.401   6.407   16.103  1.00 57.15 ? 332 HOH A O   1 
HETATM 970  O O   . HOH D 3 .   ? -8.414  3.646   -3.466  1.00 24.62 ? 333 HOH A O   1 
HETATM 971  O O   . HOH D 3 .   ? 8.510   10.589  3.361   1.00 38.19 ? 334 HOH A O   1 
HETATM 972  O O   . HOH D 3 .   ? -12.970 -10.965 4.474   1.00 23.69 ? 335 HOH A O   1 
HETATM 973  O O   . HOH D 3 .   ? 14.264  -4.588  7.898   1.00 39.08 ? 336 HOH A O   1 
HETATM 974  O O   . HOH D 3 .   ? -6.708  3.712   6.412   1.00 24.84 ? 337 HOH A O   1 
HETATM 975  O O   . HOH D 3 .   ? -8.722  10.250  -4.216  1.00 38.36 ? 338 HOH A O   1 
HETATM 976  O O   . HOH D 3 .   ? 8.904   9.797   -1.658  1.00 38.86 ? 339 HOH A O   1 
HETATM 977  O O   . HOH D 3 .   ? 5.861   12.837  13.128  1.00 51.39 ? 340 HOH A O   1 
HETATM 978  O O   . HOH D 3 .   ? -7.946  -5.363  17.331  1.00 41.23 ? 341 HOH A O   1 
HETATM 979  O O   . HOH D 3 .   ? 14.923  1.116   4.250   1.00 34.39 ? 342 HOH A O   1 
HETATM 980  O O   . HOH D 3 .   ? -10.190 1.187   14.118  1.00 41.79 ? 343 HOH A O   1 
HETATM 981  O O   . HOH D 3 .   ? -16.927 -5.283  0.419   1.00 40.88 ? 344 HOH A O   1 
HETATM 982  O O   . HOH D 3 .   ? -12.707 -0.537  3.825   1.00 31.80 ? 345 HOH A O   1 
HETATM 983  O O   . HOH D 3 .   ? -7.086  -12.460 1.076   1.00 31.52 ? 346 HOH A O   1 
HETATM 984  O O   . HOH D 3 .   ? -5.580  -10.535 -9.828  1.00 40.04 ? 347 HOH A O   1 
HETATM 985  O O   . HOH D 3 .   ? 4.809   0.868   -13.598 1.00 30.58 ? 348 HOH A O   1 
HETATM 986  O O   . HOH D 3 .   ? 14.814  -5.824  -1.954  1.00 37.04 ? 349 HOH A O   1 
HETATM 987  O O   . HOH D 3 .   ? -11.667 4.631   11.236  1.00 37.80 ? 350 HOH A O   1 
HETATM 988  O O   . HOH D 3 .   ? -14.568 -8.370  -4.130  1.00 37.07 ? 351 HOH A O   1 
HETATM 989  O O   . HOH D 3 .   ? -0.336  11.909  -0.585  1.00 32.71 ? 352 HOH A O   1 
HETATM 990  O O   . HOH D 3 .   ? -13.304 -14.955 -2.302  1.00 53.62 ? 353 HOH A O   1 
HETATM 991  O O   . HOH D 3 .   ? 17.688  5.320   4.221   1.00 44.88 ? 354 HOH A O   1 
HETATM 992  O O   . HOH D 3 .   ? 2.940   -6.773  -5.355  1.00 32.19 ? 355 HOH A O   1 
HETATM 993  O O   . HOH D 3 .   ? -11.719 -13.312 3.629   1.00 30.85 ? 356 HOH A O   1 
HETATM 994  O O   . HOH D 3 .   ? 17.623  5.600   -7.384  1.00 86.72 ? 357 HOH A O   1 
HETATM 995  O O   . HOH D 3 .   ? 7.070   9.974   0.625   1.00 37.77 ? 358 HOH A O   1 
HETATM 996  O O   . HOH D 3 .   ? -9.815  -13.476 1.569   1.00 36.65 ? 359 HOH A O   1 
HETATM 997  O O   . HOH D 3 .   ? -15.809 -13.758 -6.591  1.00 41.78 ? 360 HOH A O   1 
HETATM 998  O O   . HOH D 3 .   ? -1.884  6.384   15.504  1.00 56.64 ? 361 HOH A O   1 
HETATM 999  O O   . HOH D 3 .   ? 9.493   11.546  10.080  1.00 47.33 ? 362 HOH A O   1 
HETATM 1000 O O   . HOH D 3 .   ? 5.690   -15.461 -9.552  1.00 49.80 ? 363 HOH A O   1 
HETATM 1001 O O   . HOH D 3 .   ? -9.573  6.147   -4.188  1.00 39.59 ? 364 HOH A O   1 
HETATM 1002 O O   . HOH D 3 .   ? 14.769  -0.841  2.495   1.00 44.65 ? 365 HOH A O   1 
# 
